data_5J32
#
_entry.id   5J32
#
_cell.length_a   96.059
_cell.length_b   49.622
_cell.length_c   158.969
_cell.angle_alpha   90.00
_cell.angle_beta   105.44
_cell.angle_gamma   90.00
#
_symmetry.space_group_name_H-M   'P 1 21 1'
#
loop_
_entity.id
_entity.type
_entity.pdbx_description
1 polymer '3-isopropylmalate dehydrogenase 2, chloroplastic'
2 non-polymer 'MAGNESIUM ION'
3 non-polymer '3-ISOPROPYLMALIC ACID'
4 water water
#
_entity_poly.entity_id   1
_entity_poly.type   'polypeptide(L)'
_entity_poly.pdbx_seq_one_letter_code
;MGSSHHHHHHSSGLVPRGSHMASMTGGQQMGRGSEFGKKRYTITLLPGDGIGPEVVSIAKNVLQQAGSLEGVEFNFREMP
IGGAALDLVGVPLPEETISAAKESDAVLLGAIGGYKWDNNEKHLRPEKGLLQIRAALKVFANLRPATVLPQLVDASTLKR
EVAEGVDLMVVRELTGGIYFGEPRGIKTNENGEEVGFNTEVYAAHEIDRIARVAFETARKRRGKLCSVDKANVLEASILW
RKRVTALASEYPDVELSHMYVDNAAMQLVRDPKQFDTIVTNNIFGDILSDEASMITGSIGMLPSASLSDSGPGLFEPIHG
SAPDIAGQDKANPLATILSAAMLLKYGLGEEKAAKRIEDAVLVALNNGFRTGDIYSAGTKLVGCKEMGEEVLKSVDSQVP
ASV
;
_entity_poly.pdbx_strand_id   A,B,C,D
#
# COMPACT_ATOMS: atom_id res chain seq x y z
N GLN A 29 -1.52 17.60 -20.24
CA GLN A 29 -2.42 16.87 -21.14
C GLN A 29 -2.85 15.52 -20.56
N MET A 30 -2.05 14.95 -19.66
CA MET A 30 -2.48 13.74 -18.98
C MET A 30 -3.40 14.08 -17.82
N GLY A 31 -3.23 15.28 -17.27
CA GLY A 31 -4.06 15.70 -16.15
C GLY A 31 -3.27 16.41 -15.07
N ARG A 32 -3.98 16.89 -14.05
CA ARG A 32 -3.35 17.62 -12.96
C ARG A 32 -2.43 16.71 -12.16
N GLY A 33 -1.47 17.30 -11.45
CA GLY A 33 -0.63 16.54 -10.53
C GLY A 33 0.62 15.99 -11.18
N SER A 34 1.40 15.24 -10.41
CA SER A 34 2.70 14.77 -10.89
C SER A 34 2.82 13.25 -11.07
N GLU A 35 1.70 12.58 -11.31
CA GLU A 35 1.73 11.13 -11.56
C GLU A 35 0.83 10.67 -12.71
N PHE A 36 1.19 11.10 -13.92
CA PHE A 36 0.54 10.61 -15.15
C PHE A 36 -0.95 10.89 -15.18
N GLY A 37 -1.35 11.99 -14.56
CA GLY A 37 -2.75 12.41 -14.56
C GLY A 37 -3.56 11.76 -13.45
N LYS A 38 -2.94 10.83 -12.73
CA LYS A 38 -3.61 10.16 -11.62
C LYS A 38 -3.55 11.06 -10.41
N LYS A 39 -4.50 10.89 -9.51
CA LYS A 39 -4.44 11.56 -8.23
C LYS A 39 -4.03 10.49 -7.23
N ARG A 40 -3.08 10.81 -6.37
CA ARG A 40 -2.70 9.89 -5.30
C ARG A 40 -3.01 10.50 -3.94
N TYR A 41 -3.82 9.81 -3.14
CA TYR A 41 -4.10 10.28 -1.79
C TYR A 41 -3.52 9.37 -0.73
N THR A 42 -3.01 9.98 0.34
CA THR A 42 -2.53 9.24 1.50
C THR A 42 -3.66 9.06 2.50
N ILE A 43 -3.98 7.81 2.83
CA ILE A 43 -5.09 7.53 3.74
C ILE A 43 -4.57 6.85 5.01
N THR A 44 -4.93 7.39 6.17
CA THR A 44 -4.62 6.69 7.41
C THR A 44 -5.78 5.80 7.81
N LEU A 45 -5.50 4.52 8.02
CA LEU A 45 -6.54 3.59 8.42
C LEU A 45 -6.39 3.33 9.90
N LEU A 46 -7.48 3.48 10.64
CA LEU A 46 -7.49 3.21 12.08
C LEU A 46 -8.53 2.12 12.35
N PRO A 47 -8.15 0.86 12.09
CA PRO A 47 -9.07 -0.28 12.21
C PRO A 47 -9.70 -0.38 13.60
N GLY A 48 -8.89 -0.22 14.64
CA GLY A 48 -9.42 -0.22 16.00
C GLY A 48 -9.69 -1.60 16.55
N ASP A 49 -10.83 -1.77 17.21
CA ASP A 49 -11.11 -2.96 18.00
C ASP A 49 -12.27 -3.77 17.42
N GLY A 50 -12.43 -4.99 17.93
CA GLY A 50 -13.55 -5.83 17.55
C GLY A 50 -13.64 -6.09 16.05
N ILE A 51 -14.78 -5.73 15.46
CA ILE A 51 -14.99 -5.95 14.02
C ILE A 51 -14.33 -4.88 13.15
N GLY A 52 -13.81 -3.84 13.79
CA GLY A 52 -13.15 -2.75 13.08
C GLY A 52 -12.17 -3.14 12.00
N PRO A 53 -11.18 -4.00 12.34
CA PRO A 53 -10.22 -4.43 11.32
C PRO A 53 -10.84 -5.19 10.16
N GLU A 54 -11.81 -6.06 10.44
CA GLU A 54 -12.48 -6.80 9.36
C GLU A 54 -13.18 -5.88 8.38
N VAL A 55 -13.99 -4.96 8.90
CA VAL A 55 -14.75 -4.08 8.03
C VAL A 55 -13.87 -3.04 7.33
N VAL A 56 -12.82 -2.56 8.01
CA VAL A 56 -11.91 -1.61 7.35
C VAL A 56 -11.14 -2.26 6.20
N SER A 57 -10.78 -3.53 6.40
CA SER A 57 -10.06 -4.27 5.37
C SER A 57 -10.89 -4.36 4.10
N ILE A 58 -12.19 -4.58 4.25
CA ILE A 58 -13.07 -4.67 3.10
C ILE A 58 -13.24 -3.31 2.44
N ALA A 59 -13.50 -2.28 3.23
CA ALA A 59 -13.70 -0.93 2.69
C ALA A 59 -12.47 -0.46 1.92
N LYS A 60 -11.29 -0.76 2.47
CA LYS A 60 -10.01 -0.49 1.83
C LYS A 60 -9.97 -1.06 0.42
N ASN A 61 -10.42 -2.30 0.28
CA ASN A 61 -10.42 -2.97 -1.01
C ASN A 61 -11.42 -2.35 -1.99
N VAL A 62 -12.62 -2.04 -1.49
CA VAL A 62 -13.63 -1.38 -2.31
C VAL A 62 -13.16 0.01 -2.71
N LEU A 63 -12.55 0.71 -1.75
CA LEU A 63 -12.00 2.04 -2.02
C LEU A 63 -10.97 1.99 -3.15
N GLN A 64 -10.03 1.05 -3.05
CA GLN A 64 -8.99 0.90 -4.06
C GLN A 64 -9.57 0.66 -5.45
N GLN A 65 -10.53 -0.26 -5.53
CA GLN A 65 -11.09 -0.62 -6.83
C GLN A 65 -11.91 0.49 -7.47
N ALA A 66 -12.77 1.13 -6.68
CA ALA A 66 -13.62 2.18 -7.23
C ALA A 66 -12.75 3.37 -7.60
N GLY A 67 -11.82 3.72 -6.72
CA GLY A 67 -10.84 4.76 -7.02
C GLY A 67 -10.06 4.51 -8.31
N SER A 68 -9.57 3.29 -8.47
CA SER A 68 -8.75 2.94 -9.62
C SER A 68 -9.49 3.20 -10.92
N LEU A 69 -10.81 3.05 -10.87
CA LEU A 69 -11.64 3.22 -12.04
C LEU A 69 -11.81 4.70 -12.39
N GLU A 70 -11.38 5.57 -11.47
CA GLU A 70 -11.42 7.01 -11.72
C GLU A 70 -10.02 7.64 -11.73
N GLY A 71 -8.99 6.83 -11.87
CA GLY A 71 -7.63 7.35 -11.92
C GLY A 71 -7.15 7.83 -10.56
N VAL A 72 -7.67 7.21 -9.51
CA VAL A 72 -7.27 7.56 -8.14
C VAL A 72 -6.48 6.43 -7.50
N GLU A 73 -5.28 6.75 -7.01
CA GLU A 73 -4.45 5.78 -6.31
C GLU A 73 -4.37 6.17 -4.83
N PHE A 74 -4.00 5.21 -3.99
CA PHE A 74 -3.95 5.46 -2.55
C PHE A 74 -2.68 4.88 -1.94
N ASN A 75 -2.09 5.63 -1.00
CA ASN A 75 -1.12 5.07 -0.07
C ASN A 75 -1.83 4.87 1.28
N PHE A 76 -1.97 3.63 1.71
CA PHE A 76 -2.59 3.33 3.00
C PHE A 76 -1.55 3.11 4.06
N ARG A 77 -1.89 3.52 5.27
CA ARG A 77 -1.03 3.38 6.43
C ARG A 77 -1.95 3.01 7.57
N GLU A 78 -1.72 1.86 8.21
CA GLU A 78 -2.51 1.47 9.38
C GLU A 78 -1.82 1.96 10.64
N MET A 79 -2.59 2.50 11.58
CA MET A 79 -2.05 2.94 12.86
C MET A 79 -2.97 2.46 13.99
N PRO A 80 -2.44 2.36 15.23
CA PRO A 80 -3.30 1.90 16.33
C PRO A 80 -4.12 3.00 16.99
N ILE A 81 -5.33 2.65 17.44
CA ILE A 81 -6.17 3.55 18.23
C ILE A 81 -7.04 2.67 19.14
N GLY A 82 -7.55 3.24 20.23
CA GLY A 82 -8.49 2.52 21.06
C GLY A 82 -7.81 1.42 21.84
N GLY A 83 -8.48 0.28 21.98
CA GLY A 83 -7.93 -0.81 22.75
C GLY A 83 -6.66 -1.36 22.13
N ALA A 84 -6.59 -1.33 20.80
CA ALA A 84 -5.41 -1.79 20.09
C ALA A 84 -4.20 -0.96 20.46
N ALA A 85 -4.42 0.35 20.59
CA ALA A 85 -3.34 1.24 20.99
C ALA A 85 -2.99 1.00 22.46
N LEU A 86 -4.01 0.74 23.29
CA LEU A 86 -3.79 0.50 24.71
C LEU A 86 -2.92 -0.73 24.93
N ASP A 87 -3.24 -1.82 24.24
CA ASP A 87 -2.48 -3.07 24.37
C ASP A 87 -1.08 -2.92 23.83
N LEU A 88 -0.87 -1.93 22.97
CA LEU A 88 0.41 -1.74 22.31
C LEU A 88 1.35 -0.78 23.06
N VAL A 89 0.87 0.43 23.35
CA VAL A 89 1.74 1.44 23.96
C VAL A 89 1.14 2.07 25.21
N GLY A 90 -0.02 1.58 25.65
CA GLY A 90 -0.57 1.99 26.93
C GLY A 90 -1.30 3.32 26.95
N VAL A 91 -1.65 3.82 25.76
CA VAL A 91 -2.53 4.98 25.63
C VAL A 91 -3.54 4.72 24.52
N PRO A 92 -4.74 5.30 24.62
CA PRO A 92 -5.72 5.05 23.58
C PRO A 92 -5.42 5.78 22.27
N LEU A 93 -4.60 6.82 22.31
CA LEU A 93 -4.25 7.54 21.08
C LEU A 93 -2.82 8.02 21.14
N PRO A 94 -1.90 7.23 20.56
CA PRO A 94 -0.46 7.52 20.52
C PRO A 94 -0.18 8.78 19.72
N GLU A 95 0.84 9.51 20.15
CA GLU A 95 1.26 10.72 19.44
C GLU A 95 1.54 10.42 17.96
N GLU A 96 2.11 9.25 17.70
CA GLU A 96 2.50 8.87 16.34
C GLU A 96 1.27 8.66 15.46
N THR A 97 0.17 8.23 16.05
CA THR A 97 -1.05 8.03 15.27
C THR A 97 -1.63 9.37 14.87
N ILE A 98 -1.56 10.33 15.79
CA ILE A 98 -2.04 11.69 15.50
C ILE A 98 -1.20 12.30 14.40
N SER A 99 0.12 12.20 14.53
CA SER A 99 1.03 12.69 13.49
C SER A 99 0.72 12.10 12.11
N ALA A 100 0.53 10.79 12.06
CA ALA A 100 0.20 10.13 10.79
C ALA A 100 -1.13 10.62 10.25
N ALA A 101 -2.14 10.72 11.12
CA ALA A 101 -3.46 11.16 10.70
C ALA A 101 -3.39 12.57 10.12
N LYS A 102 -2.63 13.44 10.79
CA LYS A 102 -2.56 14.85 10.41
C LYS A 102 -1.83 15.07 9.09
N GLU A 103 -0.90 14.16 8.79
CA GLU A 103 -0.11 14.25 7.56
C GLU A 103 -0.83 13.59 6.39
N SER A 104 -2.01 13.04 6.63
CA SER A 104 -2.72 12.33 5.57
CA SER A 104 -2.77 12.31 5.62
C SER A 104 -3.80 13.18 4.92
N ASP A 105 -4.35 12.68 3.82
CA ASP A 105 -5.41 13.36 3.09
C ASP A 105 -6.79 13.07 3.66
N ALA A 106 -6.92 11.90 4.29
CA ALA A 106 -8.17 11.47 4.90
C ALA A 106 -7.92 10.35 5.89
N VAL A 107 -8.83 10.18 6.84
CA VAL A 107 -8.70 9.12 7.84
C VAL A 107 -9.97 8.26 7.82
N LEU A 108 -9.79 6.94 7.74
CA LEU A 108 -10.91 6.00 7.82
C LEU A 108 -10.77 5.16 9.08
N LEU A 109 -11.76 5.26 9.98
CA LEU A 109 -11.70 4.55 11.25
C LEU A 109 -12.68 3.39 11.25
N GLY A 110 -12.32 2.30 11.92
CA GLY A 110 -13.19 1.16 12.03
C GLY A 110 -14.13 1.29 13.22
N ALA A 111 -13.70 0.76 14.35
CA ALA A 111 -14.54 0.83 15.54
C ALA A 111 -13.69 0.79 16.80
N ILE A 112 -14.27 1.26 17.90
CA ILE A 112 -13.57 1.43 19.17
C ILE A 112 -14.29 0.73 20.33
N GLY A 113 -13.57 0.02 21.20
CA GLY A 113 -14.15 -0.50 22.42
C GLY A 113 -14.03 -2.01 22.61
N GLY A 114 -13.98 -2.43 23.88
CA GLY A 114 -13.93 -3.85 24.21
C GLY A 114 -14.01 -4.07 25.71
N TYR A 115 -14.42 -5.28 26.12
CA TYR A 115 -14.64 -5.59 27.54
C TYR A 115 -13.35 -5.49 28.34
N LYS A 116 -12.24 -5.81 27.68
CA LYS A 116 -10.93 -5.89 28.33
C LYS A 116 -10.59 -4.59 29.06
N TRP A 117 -10.92 -3.48 28.44
CA TRP A 117 -10.47 -2.18 28.92
C TRP A 117 -11.53 -1.49 29.78
N ASP A 118 -12.63 -2.20 30.06
CA ASP A 118 -13.78 -1.57 30.69
C ASP A 118 -13.60 -1.26 32.17
N ASN A 119 -12.60 -1.88 32.79
CA ASN A 119 -12.27 -1.57 34.18
C ASN A 119 -10.99 -0.75 34.31
N ASN A 120 -10.62 -0.06 33.24
CA ASN A 120 -9.48 0.86 33.25
C ASN A 120 -9.85 2.22 33.81
N GLU A 121 -8.86 2.95 34.31
CA GLU A 121 -9.00 4.37 34.60
C GLU A 121 -9.54 5.06 33.33
N LYS A 122 -10.30 6.14 33.49
CA LYS A 122 -11.03 6.68 32.33
C LYS A 122 -10.15 7.27 31.23
N HIS A 123 -8.95 7.75 31.55
CA HIS A 123 -8.04 8.22 30.51
C HIS A 123 -7.48 7.03 29.72
N LEU A 124 -7.61 5.83 30.28
CA LEU A 124 -7.09 4.62 29.65
C LEU A 124 -8.21 3.73 29.10
N ARG A 125 -9.31 4.36 28.71
CA ARG A 125 -10.40 3.62 28.08
C ARG A 125 -10.40 3.94 26.59
N PRO A 126 -10.81 2.96 25.76
CA PRO A 126 -10.72 3.14 24.30
C PRO A 126 -11.45 4.38 23.79
N GLU A 127 -12.62 4.71 24.34
CA GLU A 127 -13.42 5.87 23.91
C GLU A 127 -12.62 7.16 23.99
N LYS A 128 -11.71 7.22 24.96
CA LYS A 128 -10.91 8.42 25.16
C LYS A 128 -10.15 8.75 23.90
N GLY A 129 -9.62 7.71 23.25
CA GLY A 129 -8.85 7.90 22.02
C GLY A 129 -9.70 8.47 20.90
N LEU A 130 -10.96 8.06 20.85
CA LEU A 130 -11.88 8.59 19.84
C LEU A 130 -12.16 10.09 20.06
N LEU A 131 -12.41 10.49 21.31
CA LEU A 131 -12.62 11.91 21.60
C LEU A 131 -11.37 12.71 21.29
N GLN A 132 -10.21 12.16 21.65
CA GLN A 132 -8.95 12.84 21.43
C GLN A 132 -8.63 13.04 19.95
N ILE A 133 -8.94 12.07 19.10
CA ILE A 133 -8.62 12.22 17.66
C ILE A 133 -9.55 13.23 17.00
N ARG A 134 -10.79 13.31 17.48
CA ARG A 134 -11.72 14.33 16.98
C ARG A 134 -11.16 15.72 17.29
N ALA A 135 -10.79 15.93 18.55
CA ALA A 135 -10.18 17.20 18.95
C ALA A 135 -8.89 17.48 18.20
N ALA A 136 -8.04 16.47 18.04
CA ALA A 136 -6.73 16.69 17.44
C ALA A 136 -6.85 17.05 15.96
N LEU A 137 -7.80 16.44 15.27
CA LEU A 137 -7.98 16.72 13.84
C LEU A 137 -8.89 17.94 13.60
N LYS A 138 -9.44 18.48 14.68
CA LYS A 138 -10.33 19.65 14.62
C LYS A 138 -11.47 19.41 13.64
N VAL A 139 -12.06 18.23 13.71
CA VAL A 139 -13.16 17.87 12.82
C VAL A 139 -14.51 18.21 13.47
N PHE A 140 -14.77 19.52 13.54
CA PHE A 140 -15.92 20.03 14.27
C PHE A 140 -17.27 19.70 13.64
N ALA A 141 -17.27 19.36 12.35
CA ALA A 141 -18.53 19.13 11.62
C ALA A 141 -18.80 17.66 11.35
N ASN A 142 -19.70 17.07 12.13
CA ASN A 142 -20.04 15.66 12.00
C ASN A 142 -21.33 15.52 11.21
N LEU A 143 -21.24 14.84 10.07
CA LEU A 143 -22.38 14.57 9.21
C LEU A 143 -22.86 13.13 9.37
N ARG A 144 -24.12 12.94 9.73
N ARG A 144 -24.13 12.95 9.73
CA ARG A 144 -24.69 11.60 9.84
CA ARG A 144 -24.73 11.63 9.86
C ARG A 144 -26.01 11.47 9.10
C ARG A 144 -26.03 11.50 9.08
N PRO A 145 -25.97 10.91 7.88
CA PRO A 145 -27.21 10.72 7.13
C PRO A 145 -27.97 9.52 7.67
N ALA A 146 -29.25 9.73 7.97
CA ALA A 146 -30.17 8.62 8.30
C ALA A 146 -31.20 8.50 7.19
N THR A 147 -31.11 7.43 6.40
CA THR A 147 -32.08 7.16 5.34
C THR A 147 -32.64 5.75 5.52
N VAL A 148 -33.94 5.60 5.28
CA VAL A 148 -34.53 4.26 5.20
C VAL A 148 -34.41 3.78 3.76
N LEU A 149 -33.61 2.74 3.54
CA LEU A 149 -33.48 2.19 2.19
C LEU A 149 -34.73 1.36 1.88
N PRO A 150 -35.23 1.47 0.64
CA PRO A 150 -36.47 0.75 0.31
C PRO A 150 -36.34 -0.76 0.47
N GLN A 151 -35.14 -1.32 0.27
CA GLN A 151 -34.93 -2.75 0.43
C GLN A 151 -35.05 -3.19 1.90
N LEU A 152 -34.88 -2.25 2.81
CA LEU A 152 -34.82 -2.59 4.24
C LEU A 152 -35.88 -1.89 5.08
N VAL A 153 -36.94 -1.40 4.44
CA VAL A 153 -37.99 -0.66 5.17
C VAL A 153 -38.54 -1.45 6.35
N ASP A 154 -38.77 -2.74 6.17
CA ASP A 154 -39.43 -3.53 7.19
C ASP A 154 -38.55 -3.78 8.43
N ALA A 155 -37.28 -3.40 8.36
CA ALA A 155 -36.40 -3.53 9.53
C ALA A 155 -36.73 -2.50 10.61
N SER A 156 -37.32 -1.38 10.22
CA SER A 156 -37.72 -0.34 11.17
C SER A 156 -38.86 -0.82 12.06
N THR A 157 -38.87 -0.39 13.31
CA THR A 157 -40.01 -0.67 14.19
C THR A 157 -41.17 0.29 13.94
N LEU A 158 -40.90 1.35 13.18
CA LEU A 158 -41.98 2.26 12.77
C LEU A 158 -42.79 1.61 11.66
N LYS A 159 -44.09 1.91 11.62
CA LYS A 159 -44.95 1.45 10.53
C LYS A 159 -44.37 1.84 9.18
N ARG A 160 -44.65 1.03 8.17
CA ARG A 160 -44.06 1.24 6.84
C ARG A 160 -44.33 2.65 6.31
N GLU A 161 -45.57 3.11 6.42
CA GLU A 161 -45.93 4.40 5.84
C GLU A 161 -45.19 5.58 6.48
N VAL A 162 -44.76 5.40 7.73
CA VAL A 162 -44.04 6.45 8.44
C VAL A 162 -42.54 6.36 8.16
N ALA A 163 -42.03 5.13 8.05
CA ALA A 163 -40.60 4.93 7.86
C ALA A 163 -40.17 5.12 6.41
N GLU A 164 -41.01 4.70 5.47
CA GLU A 164 -40.59 4.72 4.07
C GLU A 164 -40.30 6.15 3.63
N GLY A 165 -39.18 6.34 2.95
CA GLY A 165 -38.85 7.66 2.43
C GLY A 165 -38.10 8.58 3.39
N VAL A 166 -37.91 8.16 4.64
CA VAL A 166 -37.15 8.97 5.59
C VAL A 166 -35.75 9.21 5.02
N ASP A 167 -35.32 10.47 5.07
CA ASP A 167 -34.05 10.85 4.46
C ASP A 167 -33.66 12.17 5.09
N LEU A 168 -32.91 12.09 6.18
CA LEU A 168 -32.52 13.31 6.87
C LEU A 168 -31.03 13.30 7.12
N MET A 169 -30.47 14.48 7.37
CA MET A 169 -29.05 14.61 7.69
C MET A 169 -28.89 15.34 9.01
N VAL A 170 -28.23 14.73 9.98
CA VAL A 170 -27.95 15.42 11.23
C VAL A 170 -26.54 15.98 11.13
N VAL A 171 -26.42 17.29 11.30
CA VAL A 171 -25.12 17.94 11.35
C VAL A 171 -24.85 18.22 12.82
N ARG A 172 -23.84 17.56 13.40
CA ARG A 172 -23.60 17.65 14.84
C ARG A 172 -22.27 18.35 15.12
N GLU A 173 -22.29 19.32 16.03
CA GLU A 173 -21.05 20.00 16.41
C GLU A 173 -20.24 18.99 17.23
N LEU A 174 -19.01 18.71 16.79
CA LEU A 174 -18.29 17.53 17.31
C LEU A 174 -17.11 17.82 18.22
N THR A 175 -16.57 19.04 18.21
CA THR A 175 -15.36 19.29 19.00
C THR A 175 -15.52 20.30 20.14
N GLY A 176 -16.76 20.66 20.47
CA GLY A 176 -16.98 21.60 21.55
C GLY A 176 -18.07 21.18 22.50
N GLY A 177 -18.72 22.15 23.11
CA GLY A 177 -19.82 21.89 24.02
C GLY A 177 -19.34 21.18 25.28
N ILE A 178 -20.25 20.45 25.91
CA ILE A 178 -20.00 19.84 27.20
C ILE A 178 -18.94 18.72 27.12
N TYR A 179 -18.78 18.12 25.94
CA TYR A 179 -17.79 17.06 25.73
C TYR A 179 -16.38 17.51 26.02
N PHE A 180 -16.10 18.79 25.74
CA PHE A 180 -14.76 19.35 25.86
C PHE A 180 -14.67 20.60 26.73
N GLY A 181 -15.77 20.98 27.35
CA GLY A 181 -15.80 22.19 28.17
C GLY A 181 -15.05 22.11 29.47
N GLU A 182 -14.41 23.21 29.85
CA GLU A 182 -13.82 23.35 31.18
C GLU A 182 -14.52 24.48 31.92
N PRO A 183 -14.59 24.40 33.27
CA PRO A 183 -14.02 23.34 34.12
C PRO A 183 -14.86 22.06 34.14
N ARG A 184 -14.25 20.99 34.62
CA ARG A 184 -14.90 19.68 34.67
C ARG A 184 -14.18 18.88 35.73
N GLY A 185 -14.83 17.85 36.26
CA GLY A 185 -14.16 17.00 37.24
C GLY A 185 -15.07 16.49 38.34
N ILE A 186 -14.50 15.76 39.29
CA ILE A 186 -15.21 15.35 40.49
C ILE A 186 -14.36 15.78 41.65
N LYS A 187 -14.95 16.55 42.56
CA LYS A 187 -14.18 17.03 43.69
C LYS A 187 -14.93 16.75 44.97
N THR A 188 -14.23 16.80 46.09
CA THR A 188 -14.86 16.59 47.38
C THR A 188 -15.02 17.94 48.05
N ASN A 189 -16.23 18.29 48.45
CA ASN A 189 -16.47 19.55 49.13
C ASN A 189 -16.04 19.50 50.59
N GLU A 190 -16.23 20.60 51.31
CA GLU A 190 -15.78 20.67 52.69
C GLU A 190 -16.57 19.78 53.63
N ASN A 191 -17.72 19.28 53.16
CA ASN A 191 -18.52 18.33 53.93
C ASN A 191 -18.08 16.88 53.72
N GLY A 192 -17.06 16.67 52.89
CA GLY A 192 -16.62 15.34 52.54
C GLY A 192 -17.47 14.67 51.47
N GLU A 193 -18.31 15.46 50.82
CA GLU A 193 -19.23 14.96 49.79
C GLU A 193 -18.67 15.19 48.39
N GLU A 194 -18.84 14.22 47.50
CA GLU A 194 -18.36 14.38 46.14
C GLU A 194 -19.32 15.21 45.28
N VAL A 195 -18.75 16.02 44.40
CA VAL A 195 -19.50 16.87 43.49
C VAL A 195 -18.88 16.67 42.12
N GLY A 196 -19.71 16.32 41.13
CA GLY A 196 -19.23 16.13 39.77
C GLY A 196 -19.82 17.20 38.89
N PHE A 197 -19.00 17.73 37.98
CA PHE A 197 -19.38 18.89 37.16
C PHE A 197 -18.75 18.86 35.77
N ASN A 198 -19.49 19.41 34.82
CA ASN A 198 -19.06 19.58 33.44
C ASN A 198 -19.63 20.91 32.95
N THR A 199 -19.03 21.45 31.89
CA THR A 199 -19.45 22.77 31.40
C THR A 199 -19.86 22.72 29.94
N GLU A 200 -21.12 23.06 29.68
CA GLU A 200 -21.60 23.20 28.31
C GLU A 200 -21.22 24.61 27.93
N VAL A 201 -20.26 24.77 27.02
CA VAL A 201 -19.82 26.12 26.65
C VAL A 201 -19.56 26.23 25.14
N TYR A 202 -20.02 27.33 24.55
CA TYR A 202 -19.76 27.58 23.13
C TYR A 202 -19.37 29.03 22.91
N ALA A 203 -18.28 29.25 22.16
CA ALA A 203 -17.96 30.60 21.69
C ALA A 203 -18.74 30.84 20.41
N ALA A 204 -19.05 32.09 20.13
CA ALA A 204 -19.84 32.45 18.95
C ALA A 204 -19.26 31.84 17.67
N HIS A 205 -17.93 31.87 17.55
CA HIS A 205 -17.27 31.38 16.35
C HIS A 205 -17.45 29.86 16.16
N GLU A 206 -17.63 29.13 17.26
CA GLU A 206 -17.86 27.69 17.15
C GLU A 206 -19.24 27.38 16.63
N ILE A 207 -20.21 28.20 17.03
CA ILE A 207 -21.57 28.03 16.55
C ILE A 207 -21.66 28.41 15.07
N ASP A 208 -21.03 29.53 14.72
CA ASP A 208 -21.12 30.03 13.36
C ASP A 208 -20.59 29.00 12.38
N ARG A 209 -19.50 28.33 12.73
CA ARG A 209 -18.88 27.45 11.74
C ARG A 209 -19.71 26.19 11.52
N ILE A 210 -20.29 25.63 12.58
CA ILE A 210 -21.12 24.44 12.40
C ILE A 210 -22.44 24.83 11.71
N ALA A 211 -22.93 26.04 12.00
CA ALA A 211 -24.14 26.53 11.33
C ALA A 211 -23.92 26.68 9.83
N ARG A 212 -22.78 27.28 9.45
CA ARG A 212 -22.46 27.44 8.03
C ARG A 212 -22.42 26.10 7.29
N VAL A 213 -21.84 25.08 7.90
CA VAL A 213 -21.83 23.76 7.29
C VAL A 213 -23.26 23.24 7.06
N ALA A 214 -24.11 23.40 8.07
CA ALA A 214 -25.49 22.91 8.00
C ALA A 214 -26.32 23.66 6.96
N PHE A 215 -26.11 24.97 6.86
CA PHE A 215 -26.80 25.75 5.84
C PHE A 215 -26.35 25.30 4.45
N GLU A 216 -25.04 25.13 4.25
CA GLU A 216 -24.53 24.67 2.96
C GLU A 216 -25.06 23.27 2.67
N THR A 217 -25.23 22.48 3.72
CA THR A 217 -25.68 21.10 3.57
C THR A 217 -27.15 21.08 3.13
N ALA A 218 -27.98 21.86 3.82
CA ALA A 218 -29.41 21.91 3.50
C ALA A 218 -29.63 22.47 2.10
N ARG A 219 -28.79 23.43 1.72
CA ARG A 219 -28.90 24.05 0.40
C ARG A 219 -28.76 23.01 -0.70
N LYS A 220 -27.94 21.99 -0.46
CA LYS A 220 -27.70 20.97 -1.47
C LYS A 220 -28.70 19.82 -1.38
N ARG A 221 -29.68 19.92 -0.47
CA ARG A 221 -30.69 18.87 -0.34
C ARG A 221 -32.05 19.44 -0.71
N ARG A 222 -32.92 19.64 0.28
CA ARG A 222 -34.25 20.18 0.01
C ARG A 222 -34.43 21.64 0.47
N GLY A 223 -33.36 22.23 1.02
CA GLY A 223 -33.38 23.63 1.37
C GLY A 223 -34.06 23.94 2.70
N LYS A 224 -34.12 22.94 3.57
CA LYS A 224 -34.78 23.09 4.87
C LYS A 224 -33.82 22.73 6.00
N LEU A 225 -33.65 23.65 6.94
CA LEU A 225 -32.73 23.44 8.04
C LEU A 225 -33.45 23.64 9.36
N CYS A 226 -33.38 22.64 10.23
CA CYS A 226 -33.94 22.74 11.58
C CYS A 226 -32.83 22.81 12.61
N SER A 227 -32.73 23.95 13.29
CA SER A 227 -31.73 24.10 14.34
C SER A 227 -32.32 23.65 15.67
N VAL A 228 -31.63 22.75 16.36
CA VAL A 228 -32.19 22.14 17.56
C VAL A 228 -31.39 22.52 18.81
N ASP A 229 -32.09 23.02 19.84
CA ASP A 229 -31.43 23.51 21.04
C ASP A 229 -32.31 23.33 22.28
N LYS A 230 -31.88 23.86 23.42
CA LYS A 230 -32.77 23.96 24.60
C LYS A 230 -32.82 25.42 25.04
N ALA A 231 -33.23 26.28 24.12
CA ALA A 231 -33.14 27.71 24.35
C ALA A 231 -34.17 28.25 25.34
N ASN A 232 -35.13 27.43 25.75
CA ASN A 232 -36.07 27.87 26.77
C ASN A 232 -35.56 27.63 28.20
N VAL A 233 -34.35 27.07 28.31
CA VAL A 233 -33.75 26.80 29.63
C VAL A 233 -32.30 27.28 29.73
N LEU A 234 -31.54 27.03 28.65
CA LEU A 234 -30.08 27.16 28.72
C LEU A 234 -29.52 28.37 28.00
N GLU A 235 -28.74 29.19 28.71
CA GLU A 235 -28.07 30.33 28.10
C GLU A 235 -27.17 29.90 26.94
N ALA A 236 -26.54 28.73 27.06
CA ALA A 236 -25.71 28.25 25.96
C ALA A 236 -26.56 28.05 24.70
N SER A 237 -27.80 27.60 24.88
CA SER A 237 -28.69 27.40 23.73
C SER A 237 -29.27 28.72 23.19
N ILE A 238 -29.45 29.68 24.08
CA ILE A 238 -29.87 31.01 23.65
C ILE A 238 -28.84 31.61 22.69
N LEU A 239 -27.57 31.45 23.02
CA LEU A 239 -26.53 31.96 22.12
C LEU A 239 -26.52 31.17 20.81
N TRP A 240 -26.66 29.85 20.92
CA TRP A 240 -26.76 28.99 19.74
C TRP A 240 -27.84 29.54 18.80
N ARG A 241 -29.04 29.69 19.33
CA ARG A 241 -30.17 30.13 18.51
C ARG A 241 -29.95 31.54 17.93
N LYS A 242 -29.35 32.42 18.73
CA LYS A 242 -29.04 33.77 18.26
C LYS A 242 -28.10 33.76 17.04
N ARG A 243 -27.02 33.00 17.13
CA ARG A 243 -26.04 32.96 16.04
C ARG A 243 -26.58 32.30 14.78
N VAL A 244 -27.32 31.20 14.94
CA VAL A 244 -27.90 30.51 13.80
C VAL A 244 -28.91 31.42 13.09
N THR A 245 -29.77 32.05 13.88
CA THR A 245 -30.73 33.03 13.35
C THR A 245 -30.05 34.13 12.56
N ALA A 246 -28.99 34.71 13.10
CA ALA A 246 -28.32 35.83 12.43
C ALA A 246 -27.67 35.43 11.09
N LEU A 247 -27.42 34.14 10.93
CA LEU A 247 -26.79 33.64 9.70
C LEU A 247 -27.77 33.38 8.56
N ALA A 248 -29.04 33.19 8.91
CA ALA A 248 -30.08 32.85 7.93
C ALA A 248 -30.12 33.78 6.71
N SER A 249 -29.79 35.04 6.92
CA SER A 249 -29.83 36.02 5.84
C SER A 249 -28.76 35.78 4.77
N GLU A 250 -27.73 35.01 5.10
CA GLU A 250 -26.68 34.71 4.13
C GLU A 250 -27.03 33.48 3.29
N TYR A 251 -28.11 32.81 3.66
CA TYR A 251 -28.62 31.64 2.94
C TYR A 251 -30.12 31.80 2.69
N PRO A 252 -30.49 32.68 1.75
CA PRO A 252 -31.89 33.00 1.49
C PRO A 252 -32.64 31.89 0.76
N ASP A 253 -31.92 30.88 0.28
CA ASP A 253 -32.56 29.73 -0.33
C ASP A 253 -32.78 28.60 0.69
N VAL A 254 -32.46 28.88 1.96
CA VAL A 254 -32.63 27.87 3.00
C VAL A 254 -33.69 28.30 4.02
N GLU A 255 -34.71 27.47 4.20
CA GLU A 255 -35.76 27.76 5.16
C GLU A 255 -35.33 27.29 6.54
N LEU A 256 -35.06 28.25 7.42
CA LEU A 256 -34.57 27.94 8.76
C LEU A 256 -35.72 27.84 9.75
N SER A 257 -35.72 26.78 10.56
CA SER A 257 -36.64 26.68 11.67
C SER A 257 -35.89 26.24 12.93
N HIS A 258 -36.53 26.40 14.09
CA HIS A 258 -35.92 26.10 15.38
C HIS A 258 -36.82 25.13 16.14
N MET A 259 -36.23 24.19 16.85
CA MET A 259 -37.02 23.21 17.59
C MET A 259 -36.29 22.84 18.88
N TYR A 260 -37.01 22.72 19.99
CA TYR A 260 -36.38 22.31 21.26
C TYR A 260 -36.00 20.82 21.20
N VAL A 261 -34.89 20.45 21.83
CA VAL A 261 -34.36 19.10 21.71
C VAL A 261 -35.36 18.03 22.14
N ASP A 262 -36.16 18.30 23.17
CA ASP A 262 -37.15 17.31 23.59
C ASP A 262 -38.24 17.15 22.55
N ASN A 263 -38.68 18.25 21.94
CA ASN A 263 -39.67 18.14 20.87
C ASN A 263 -39.09 17.45 19.64
N ALA A 264 -37.80 17.66 19.39
CA ALA A 264 -37.12 17.02 18.27
C ALA A 264 -37.10 15.51 18.46
N ALA A 265 -36.91 15.09 19.71
CA ALA A 265 -36.91 13.67 20.02
C ALA A 265 -38.27 13.04 19.77
N MET A 266 -39.34 13.81 19.99
CA MET A 266 -40.70 13.35 19.70
C MET A 266 -41.00 13.34 18.21
N GLN A 267 -40.55 14.39 17.52
CA GLN A 267 -40.84 14.51 16.09
C GLN A 267 -40.13 13.47 15.24
N LEU A 268 -38.97 12.99 15.70
CA LEU A 268 -38.29 11.91 14.98
C LEU A 268 -39.13 10.63 15.01
N VAL A 269 -39.88 10.41 16.09
CA VAL A 269 -40.76 9.24 16.17
C VAL A 269 -42.09 9.49 15.44
N ARG A 270 -42.61 10.68 15.59
CA ARG A 270 -43.94 11.02 15.07
C ARG A 270 -43.97 11.19 13.55
N ASP A 271 -43.02 11.95 13.02
CA ASP A 271 -43.01 12.26 11.58
C ASP A 271 -41.57 12.54 11.12
N PRO A 272 -40.73 11.50 11.10
CA PRO A 272 -39.33 11.73 10.73
C PRO A 272 -39.17 12.26 9.30
N LYS A 273 -40.18 12.08 8.45
CA LYS A 273 -40.11 12.59 7.07
C LYS A 273 -40.11 14.12 6.98
N GLN A 274 -40.44 14.79 8.06
CA GLN A 274 -40.49 16.25 8.01
C GLN A 274 -39.09 16.86 7.92
N PHE A 275 -38.08 16.10 8.34
CA PHE A 275 -36.73 16.67 8.39
C PHE A 275 -35.94 16.52 7.10
N ASP A 276 -35.20 17.57 6.75
CA ASP A 276 -34.20 17.55 5.70
C ASP A 276 -32.86 17.53 6.41
N THR A 277 -32.43 18.69 6.92
CA THR A 277 -31.19 18.79 7.67
C THR A 277 -31.47 19.31 9.08
N ILE A 278 -30.78 18.71 10.06
CA ILE A 278 -30.87 19.15 11.45
C ILE A 278 -29.48 19.60 11.85
N VAL A 279 -29.37 20.72 12.56
CA VAL A 279 -28.07 21.09 13.13
C VAL A 279 -28.24 21.25 14.64
N THR A 280 -27.29 20.72 15.41
CA THR A 280 -27.42 20.75 16.85
C THR A 280 -26.04 20.57 17.52
N ASN A 281 -25.98 20.73 18.84
CA ASN A 281 -24.70 20.69 19.53
C ASN A 281 -24.17 19.27 19.75
N ASN A 282 -23.10 19.16 20.52
CA ASN A 282 -22.41 17.86 20.68
C ASN A 282 -23.28 16.79 21.33
N ILE A 283 -23.81 17.10 22.51
CA ILE A 283 -24.57 16.13 23.26
C ILE A 283 -25.96 15.88 22.64
N PHE A 284 -26.66 16.94 22.22
CA PHE A 284 -27.95 16.73 21.56
C PHE A 284 -27.75 15.99 20.23
N GLY A 285 -26.67 16.32 19.54
CA GLY A 285 -26.30 15.60 18.33
C GLY A 285 -26.10 14.12 18.56
N ASP A 286 -25.36 13.78 19.62
CA ASP A 286 -25.12 12.38 19.94
C ASP A 286 -26.45 11.64 20.14
N ILE A 287 -27.33 12.23 20.95
CA ILE A 287 -28.60 11.57 21.27
C ILE A 287 -29.52 11.47 20.06
N LEU A 288 -29.73 12.60 19.37
CA LEU A 288 -30.68 12.62 18.25
C LEU A 288 -30.24 11.83 17.02
N SER A 289 -28.94 11.85 16.71
CA SER A 289 -28.43 11.08 15.57
CA SER A 289 -28.47 11.09 15.55
C SER A 289 -28.64 9.61 15.81
N ASP A 290 -28.39 9.18 17.05
CA ASP A 290 -28.55 7.78 17.39
C ASP A 290 -30.02 7.39 17.39
N GLU A 291 -30.88 8.25 17.92
CA GLU A 291 -32.32 8.01 17.80
C GLU A 291 -32.72 7.88 16.32
N ALA A 292 -32.30 8.84 15.50
CA ALA A 292 -32.63 8.78 14.07
C ALA A 292 -32.07 7.51 13.42
N SER A 293 -30.87 7.11 13.82
CA SER A 293 -30.27 5.88 13.32
C SER A 293 -31.15 4.64 13.55
N MET A 294 -31.69 4.51 14.76
CA MET A 294 -32.46 3.32 15.11
C MET A 294 -33.82 3.35 14.44
N ILE A 295 -34.33 4.55 14.22
CA ILE A 295 -35.58 4.71 13.48
C ILE A 295 -35.48 4.17 12.05
N THR A 296 -34.32 4.32 11.42
CA THR A 296 -34.16 3.73 10.09
C THR A 296 -34.26 2.21 10.15
N GLY A 297 -33.86 1.64 11.29
CA GLY A 297 -33.98 0.21 11.50
C GLY A 297 -32.72 -0.62 11.25
N SER A 298 -31.78 -0.10 10.46
CA SER A 298 -30.53 -0.84 10.15
C SER A 298 -29.25 -0.05 10.48
N ILE A 299 -28.77 -0.22 11.70
CA ILE A 299 -27.59 0.50 12.20
C ILE A 299 -26.34 0.15 11.40
N GLY A 300 -26.29 -1.09 10.93
CA GLY A 300 -25.13 -1.59 10.20
C GLY A 300 -24.97 -1.02 8.80
N MET A 301 -25.90 -0.17 8.38
CA MET A 301 -25.83 0.45 7.06
C MET A 301 -25.33 1.90 7.10
N LEU A 302 -25.18 2.46 8.29
CA LEU A 302 -25.07 3.92 8.40
C LEU A 302 -23.66 4.47 8.56
N PRO A 303 -23.23 5.34 7.63
CA PRO A 303 -21.88 5.91 7.63
C PRO A 303 -21.87 7.26 8.33
N SER A 304 -20.68 7.82 8.53
CA SER A 304 -20.60 9.19 9.05
C SER A 304 -19.31 9.85 8.59
N ALA A 305 -19.34 11.17 8.60
CA ALA A 305 -18.21 11.97 8.17
C ALA A 305 -17.94 13.04 9.22
N SER A 306 -16.68 13.29 9.51
CA SER A 306 -16.33 14.37 10.41
C SER A 306 -15.31 15.25 9.70
N LEU A 307 -15.70 16.50 9.49
CA LEU A 307 -14.98 17.38 8.58
C LEU A 307 -14.29 18.51 9.32
N SER A 308 -13.12 18.91 8.84
CA SER A 308 -12.44 20.05 9.43
C SER A 308 -12.32 21.14 8.40
N ASP A 309 -11.88 22.31 8.83
CA ASP A 309 -11.51 23.33 7.85
C ASP A 309 -10.13 23.04 7.25
N SER A 310 -10.13 22.59 5.99
CA SER A 310 -8.90 22.38 5.21
C SER A 310 -8.03 21.16 5.56
N GLY A 311 -8.20 20.58 6.76
CA GLY A 311 -7.40 19.42 7.15
C GLY A 311 -8.08 18.11 6.79
N PRO A 312 -7.43 16.96 7.06
CA PRO A 312 -8.05 15.68 6.71
C PRO A 312 -9.29 15.43 7.53
N GLY A 313 -10.32 14.90 6.88
CA GLY A 313 -11.51 14.48 7.60
C GLY A 313 -11.41 13.07 8.15
N LEU A 314 -12.34 12.75 9.05
CA LEU A 314 -12.38 11.46 9.70
C LEU A 314 -13.68 10.75 9.34
N PHE A 315 -13.59 9.54 8.81
CA PHE A 315 -14.76 8.85 8.29
C PHE A 315 -14.91 7.50 8.97
N GLU A 316 -16.12 7.17 9.42
CA GLU A 316 -16.28 5.95 10.24
C GLU A 316 -17.73 5.53 10.33
N PRO A 317 -17.98 4.22 10.50
CA PRO A 317 -19.36 3.77 10.64
C PRO A 317 -19.91 4.17 12.01
N ILE A 318 -21.22 4.31 12.12
CA ILE A 318 -21.78 4.72 13.41
C ILE A 318 -21.93 3.53 14.36
N HIS A 319 -21.87 2.31 13.84
CA HIS A 319 -21.97 1.14 14.74
C HIS A 319 -20.75 1.01 15.65
N GLY A 320 -20.85 0.16 16.66
CA GLY A 320 -19.75 -0.06 17.59
C GLY A 320 -18.82 -1.18 17.15
N SER A 321 -17.98 -1.65 18.07
CA SER A 321 -16.98 -2.67 17.74
C SER A 321 -17.52 -4.09 17.78
N ALA A 322 -18.78 -4.23 18.19
CA ALA A 322 -19.48 -5.53 18.22
C ALA A 322 -18.57 -6.71 18.56
N PRO A 323 -17.96 -6.67 19.75
CA PRO A 323 -16.94 -7.66 20.10
C PRO A 323 -17.42 -9.12 20.05
N ASP A 324 -18.70 -9.35 20.34
CA ASP A 324 -19.26 -10.71 20.40
C ASP A 324 -19.28 -11.46 19.06
N ILE A 325 -19.11 -10.74 17.95
CA ILE A 325 -19.03 -11.37 16.63
C ILE A 325 -17.70 -11.13 15.94
N ALA A 326 -16.76 -10.54 16.67
CA ALA A 326 -15.44 -10.24 16.12
C ALA A 326 -14.73 -11.52 15.69
N GLY A 327 -14.10 -11.49 14.52
CA GLY A 327 -13.34 -12.62 14.04
C GLY A 327 -14.17 -13.72 13.42
N GLN A 328 -15.49 -13.52 13.37
CA GLN A 328 -16.39 -14.57 12.90
C GLN A 328 -16.95 -14.37 11.48
N ASP A 329 -16.41 -13.39 10.76
CA ASP A 329 -16.84 -13.10 9.39
C ASP A 329 -18.36 -12.84 9.34
N LYS A 330 -18.89 -12.22 10.39
CA LYS A 330 -20.32 -11.95 10.48
C LYS A 330 -20.69 -10.48 10.23
N ALA A 331 -19.79 -9.57 10.61
CA ALA A 331 -20.04 -8.13 10.57
C ALA A 331 -20.58 -7.62 9.23
N ASN A 332 -21.41 -6.58 9.28
CA ASN A 332 -21.86 -5.89 8.09
C ASN A 332 -20.81 -4.86 7.69
N PRO A 333 -20.19 -5.03 6.51
CA PRO A 333 -19.14 -4.07 6.12
C PRO A 333 -19.73 -2.85 5.42
N LEU A 334 -21.04 -2.83 5.17
CA LEU A 334 -21.60 -1.82 4.28
C LEU A 334 -21.49 -0.41 4.84
N ALA A 335 -21.66 -0.25 6.14
CA ALA A 335 -21.54 1.09 6.75
C ALA A 335 -20.12 1.66 6.57
N THR A 336 -19.11 0.81 6.69
CA THR A 336 -17.74 1.26 6.54
C THR A 336 -17.44 1.54 5.07
N ILE A 337 -17.97 0.69 4.20
CA ILE A 337 -17.85 0.91 2.76
C ILE A 337 -18.48 2.26 2.37
N LEU A 338 -19.66 2.54 2.91
CA LEU A 338 -20.34 3.81 2.64
C LEU A 338 -19.61 4.99 3.29
N SER A 339 -18.89 4.73 4.38
CA SER A 339 -18.05 5.77 4.99
C SER A 339 -16.90 6.09 4.07
N ALA A 340 -16.40 5.07 3.38
CA ALA A 340 -15.34 5.27 2.41
C ALA A 340 -15.87 6.07 1.22
N ALA A 341 -17.13 5.88 0.87
CA ALA A 341 -17.74 6.70 -0.17
C ALA A 341 -17.83 8.15 0.30
N MET A 342 -18.24 8.36 1.56
CA MET A 342 -18.25 9.71 2.14
C MET A 342 -16.83 10.31 2.16
N LEU A 343 -15.83 9.48 2.42
CA LEU A 343 -14.43 9.92 2.40
C LEU A 343 -14.06 10.46 1.02
N LEU A 344 -14.44 9.73 -0.02
CA LEU A 344 -14.21 10.17 -1.38
C LEU A 344 -14.91 11.48 -1.67
N LYS A 345 -16.21 11.53 -1.37
CA LYS A 345 -17.07 12.65 -1.73
C LYS A 345 -16.73 13.91 -0.93
N TYR A 346 -16.86 13.80 0.39
CA TYR A 346 -16.68 14.95 1.27
C TYR A 346 -15.22 15.23 1.57
N GLY A 347 -14.44 14.18 1.74
CA GLY A 347 -13.04 14.33 2.11
C GLY A 347 -12.13 14.70 0.96
N LEU A 348 -12.40 14.13 -0.22
CA LEU A 348 -11.46 14.27 -1.34
C LEU A 348 -12.06 14.92 -2.59
N GLY A 349 -13.36 15.21 -2.57
CA GLY A 349 -14.02 15.78 -3.75
C GLY A 349 -14.09 14.83 -4.93
N GLU A 350 -13.88 13.54 -4.65
CA GLU A 350 -13.92 12.51 -5.69
C GLU A 350 -15.31 11.90 -5.86
N GLU A 351 -16.22 12.66 -6.47
CA GLU A 351 -17.64 12.32 -6.47
C GLU A 351 -18.01 11.11 -7.34
N LYS A 352 -17.39 11.00 -8.51
CA LYS A 352 -17.64 9.87 -9.38
C LYS A 352 -17.25 8.54 -8.73
N ALA A 353 -16.09 8.52 -8.07
CA ALA A 353 -15.66 7.31 -7.36
C ALA A 353 -16.61 6.98 -6.21
N ALA A 354 -17.07 8.01 -5.49
CA ALA A 354 -18.05 7.81 -4.42
C ALA A 354 -19.33 7.18 -4.98
N LYS A 355 -19.81 7.72 -6.10
CA LYS A 355 -21.03 7.21 -6.72
C LYS A 355 -20.89 5.74 -7.16
N ARG A 356 -19.69 5.37 -7.63
CA ARG A 356 -19.44 3.97 -7.99
C ARG A 356 -19.62 3.03 -6.80
N ILE A 357 -19.18 3.49 -5.62
CA ILE A 357 -19.34 2.70 -4.41
C ILE A 357 -20.81 2.64 -3.97
N GLU A 358 -21.47 3.80 -3.95
CA GLU A 358 -22.87 3.84 -3.58
C GLU A 358 -23.73 2.98 -4.51
N ASP A 359 -23.46 3.03 -5.81
CA ASP A 359 -24.17 2.20 -6.78
C ASP A 359 -23.97 0.72 -6.49
N ALA A 360 -22.72 0.33 -6.26
CA ALA A 360 -22.39 -1.06 -6.01
C ALA A 360 -23.05 -1.62 -4.75
N VAL A 361 -23.13 -0.80 -3.71
CA VAL A 361 -23.87 -1.22 -2.50
C VAL A 361 -25.35 -1.48 -2.83
N LEU A 362 -25.92 -0.60 -3.63
CA LEU A 362 -27.31 -0.74 -4.04
C LEU A 362 -27.55 -2.01 -4.86
N VAL A 363 -26.62 -2.33 -5.75
CA VAL A 363 -26.76 -3.53 -6.57
C VAL A 363 -26.71 -4.77 -5.70
N ALA A 364 -25.81 -4.77 -4.72
CA ALA A 364 -25.74 -5.89 -3.79
C ALA A 364 -27.08 -6.10 -3.06
N LEU A 365 -27.63 -5.03 -2.51
CA LEU A 365 -28.92 -5.13 -1.82
C LEU A 365 -30.06 -5.53 -2.75
N ASN A 366 -30.04 -5.03 -3.99
CA ASN A 366 -31.06 -5.41 -4.95
C ASN A 366 -30.97 -6.88 -5.34
N ASN A 367 -29.75 -7.42 -5.32
CA ASN A 367 -29.53 -8.82 -5.66
C ASN A 367 -29.91 -9.77 -4.52
N GLY A 368 -30.35 -9.21 -3.40
CA GLY A 368 -30.83 -10.02 -2.28
C GLY A 368 -29.78 -10.35 -1.22
N PHE A 369 -28.59 -9.77 -1.33
CA PHE A 369 -27.53 -10.07 -0.38
C PHE A 369 -27.76 -9.39 0.95
N ARG A 370 -27.58 -10.13 2.05
CA ARG A 370 -27.76 -9.57 3.40
C ARG A 370 -26.79 -10.23 4.37
N THR A 371 -26.09 -9.42 5.15
CA THR A 371 -25.38 -9.97 6.32
C THR A 371 -26.42 -10.20 7.41
N GLY A 372 -26.03 -10.91 8.47
CA GLY A 372 -26.97 -11.33 9.51
C GLY A 372 -27.83 -10.24 10.10
N ASP A 373 -27.28 -9.05 10.26
CA ASP A 373 -27.99 -7.97 10.92
C ASP A 373 -29.11 -7.38 10.08
N ILE A 374 -29.03 -7.56 8.76
CA ILE A 374 -30.08 -7.05 7.88
C ILE A 374 -30.85 -8.16 7.17
N TYR A 375 -30.66 -9.40 7.64
CA TYR A 375 -31.32 -10.55 7.01
C TYR A 375 -32.82 -10.55 7.21
N SER A 376 -33.55 -10.87 6.15
CA SER A 376 -34.99 -11.08 6.23
C SER A 376 -35.30 -12.35 5.45
N ALA A 377 -36.51 -12.89 5.65
CA ALA A 377 -36.93 -14.13 5.00
C ALA A 377 -36.76 -14.09 3.49
N GLY A 378 -36.13 -15.12 2.94
CA GLY A 378 -36.00 -15.22 1.49
C GLY A 378 -34.79 -14.53 0.89
N THR A 379 -34.01 -13.80 1.70
CA THR A 379 -32.81 -13.17 1.15
C THR A 379 -31.60 -14.11 1.18
N LYS A 380 -30.47 -13.65 0.67
CA LYS A 380 -29.26 -14.48 0.63
C LYS A 380 -28.36 -14.08 1.79
N LEU A 381 -28.30 -14.95 2.79
CA LEU A 381 -27.47 -14.65 3.97
C LEU A 381 -25.99 -14.83 3.64
N VAL A 382 -25.20 -13.79 3.83
CA VAL A 382 -23.77 -13.87 3.55
C VAL A 382 -22.93 -13.33 4.70
N GLY A 383 -21.68 -13.77 4.75
CA GLY A 383 -20.73 -13.28 5.73
C GLY A 383 -20.13 -11.96 5.31
N CYS A 384 -19.24 -11.42 6.15
CA CYS A 384 -18.66 -10.11 5.94
C CYS A 384 -17.85 -10.06 4.64
N LYS A 385 -16.87 -10.94 4.54
CA LYS A 385 -16.02 -11.02 3.36
C LYS A 385 -16.85 -11.22 2.08
N GLU A 386 -17.88 -12.06 2.19
CA GLU A 386 -18.67 -12.42 1.04
C GLU A 386 -19.51 -11.24 0.55
N MET A 387 -20.02 -10.44 1.49
CA MET A 387 -20.73 -9.22 1.13
C MET A 387 -19.79 -8.24 0.43
N GLY A 388 -18.57 -8.12 0.94
CA GLY A 388 -17.56 -7.30 0.29
C GLY A 388 -17.29 -7.79 -1.12
N GLU A 389 -17.26 -9.11 -1.29
CA GLU A 389 -17.03 -9.70 -2.62
C GLU A 389 -18.11 -9.28 -3.62
N GLU A 390 -19.35 -9.22 -3.16
CA GLU A 390 -20.47 -8.81 -4.01
C GLU A 390 -20.39 -7.33 -4.42
N VAL A 391 -20.14 -6.46 -3.44
CA VAL A 391 -19.88 -5.06 -3.74
C VAL A 391 -18.72 -4.93 -4.72
N LEU A 392 -17.62 -5.61 -4.43
CA LEU A 392 -16.47 -5.62 -5.35
C LEU A 392 -16.83 -6.07 -6.76
N LYS A 393 -17.59 -7.17 -6.85
CA LYS A 393 -18.09 -7.70 -8.12
C LYS A 393 -18.84 -6.64 -8.90
N SER A 394 -19.69 -5.89 -8.22
CA SER A 394 -20.47 -4.86 -8.89
C SER A 394 -19.65 -3.65 -9.30
N VAL A 395 -18.70 -3.23 -8.46
CA VAL A 395 -17.80 -2.14 -8.86
C VAL A 395 -17.11 -2.49 -10.17
N ASP A 396 -16.65 -3.74 -10.28
CA ASP A 396 -15.85 -4.16 -11.43
C ASP A 396 -16.65 -4.53 -12.69
N SER A 397 -17.97 -4.31 -12.66
CA SER A 397 -18.82 -4.65 -13.80
C SER A 397 -19.29 -3.40 -14.54
N SER B 34 -70.34 13.42 58.01
CA SER B 34 -70.74 14.65 58.70
C SER B 34 -69.74 15.76 58.40
N GLU B 35 -70.11 17.00 58.68
CA GLU B 35 -69.23 18.13 58.41
C GLU B 35 -67.98 18.08 59.30
N PHE B 36 -68.15 17.63 60.54
CA PHE B 36 -67.06 17.59 61.51
C PHE B 36 -65.99 16.59 61.09
N GLY B 37 -66.43 15.49 60.50
CA GLY B 37 -65.52 14.41 60.14
C GLY B 37 -65.07 14.37 58.70
N LYS B 38 -65.44 15.39 57.91
CA LYS B 38 -64.98 15.43 56.52
C LYS B 38 -63.46 15.60 56.47
N LYS B 39 -62.82 14.92 55.53
CA LYS B 39 -61.42 15.18 55.24
C LYS B 39 -61.37 16.40 54.34
N ARG B 40 -60.49 17.34 54.64
CA ARG B 40 -60.37 18.56 53.85
C ARG B 40 -58.93 18.82 53.43
N TYR B 41 -58.75 19.13 52.15
CA TYR B 41 -57.44 19.53 51.65
C TYR B 41 -57.48 20.88 50.95
N THR B 42 -56.37 21.59 51.00
N THR B 42 -56.37 21.59 51.01
CA THR B 42 -56.22 22.82 50.25
CA THR B 42 -56.21 22.83 50.27
C THR B 42 -55.39 22.54 49.00
C THR B 42 -55.38 22.55 49.00
N ILE B 43 -55.94 22.86 47.83
CA ILE B 43 -55.25 22.62 46.56
C ILE B 43 -54.97 23.96 45.89
N THR B 44 -53.74 24.19 45.46
CA THR B 44 -53.47 25.38 44.66
C THR B 44 -53.61 25.01 43.21
N LEU B 45 -54.44 25.75 42.47
CA LEU B 45 -54.56 25.57 41.01
C LEU B 45 -53.70 26.57 40.28
N LEU B 46 -52.88 26.09 39.35
CA LEU B 46 -52.07 26.94 38.47
C LEU B 46 -52.44 26.63 37.03
N PRO B 47 -53.56 27.20 36.54
CA PRO B 47 -54.05 26.92 35.19
C PRO B 47 -53.02 27.24 34.13
N GLY B 48 -52.33 28.37 34.29
CA GLY B 48 -51.30 28.73 33.32
C GLY B 48 -51.87 29.24 32.02
N ASP B 49 -51.28 28.76 30.92
CA ASP B 49 -51.48 29.35 29.61
C ASP B 49 -52.15 28.39 28.65
N GLY B 50 -52.53 28.90 27.47
CA GLY B 50 -53.09 28.09 26.42
C GLY B 50 -54.30 27.30 26.87
N ILE B 51 -54.27 25.98 26.70
CA ILE B 51 -55.39 25.13 27.12
C ILE B 51 -55.35 24.83 28.62
N GLY B 52 -54.33 25.33 29.32
CA GLY B 52 -54.21 25.08 30.75
C GLY B 52 -55.50 25.32 31.54
N PRO B 53 -56.09 26.51 31.39
CA PRO B 53 -57.32 26.79 32.15
C PRO B 53 -58.48 25.82 31.85
N GLU B 54 -58.68 25.44 30.60
CA GLU B 54 -59.77 24.52 30.24
C GLU B 54 -59.57 23.18 30.91
N VAL B 55 -58.39 22.61 30.76
CA VAL B 55 -58.19 21.27 31.29
C VAL B 55 -58.19 21.23 32.81
N VAL B 56 -57.61 22.24 33.45
CA VAL B 56 -57.59 22.30 34.92
C VAL B 56 -58.99 22.50 35.50
N SER B 57 -59.83 23.26 34.80
CA SER B 57 -61.21 23.42 35.26
C SER B 57 -61.92 22.06 35.29
N ILE B 58 -61.66 21.21 34.32
CA ILE B 58 -62.31 19.90 34.27
C ILE B 58 -61.77 18.96 35.34
N ALA B 59 -60.45 18.92 35.46
CA ALA B 59 -59.82 18.09 36.47
C ALA B 59 -60.27 18.52 37.87
N LYS B 60 -60.45 19.82 38.06
CA LYS B 60 -60.94 20.33 39.35
C LYS B 60 -62.30 19.72 39.70
N ASN B 61 -63.20 19.72 38.72
CA ASN B 61 -64.54 19.15 38.92
C ASN B 61 -64.50 17.65 39.15
N VAL B 62 -63.67 16.95 38.38
CA VAL B 62 -63.54 15.51 38.54
C VAL B 62 -62.97 15.19 39.92
N LEU B 63 -62.04 16.04 40.35
CA LEU B 63 -61.39 15.87 41.64
C LEU B 63 -62.42 16.02 42.76
N GLN B 64 -63.26 17.05 42.67
CA GLN B 64 -64.30 17.28 43.67
C GLN B 64 -65.25 16.09 43.77
N GLN B 65 -65.66 15.58 42.61
CA GLN B 65 -66.68 14.53 42.59
C GLN B 65 -66.17 13.21 43.14
N ALA B 66 -64.93 12.88 42.79
CA ALA B 66 -64.33 11.61 43.21
C ALA B 66 -64.08 11.66 44.71
N GLY B 67 -63.52 12.79 45.14
CA GLY B 67 -63.24 12.97 46.55
C GLY B 67 -64.48 12.93 47.41
N SER B 68 -65.55 13.57 46.96
CA SER B 68 -66.75 13.64 47.77
C SER B 68 -67.35 12.25 48.03
N LEU B 69 -67.11 11.31 47.10
CA LEU B 69 -67.63 9.95 47.27
C LEU B 69 -66.83 9.22 48.36
N GLU B 70 -65.67 9.76 48.71
CA GLU B 70 -64.83 9.22 49.76
C GLU B 70 -64.84 10.13 50.99
N GLY B 71 -65.73 11.10 50.99
CA GLY B 71 -65.87 12.03 52.11
C GLY B 71 -64.71 13.01 52.19
N VAL B 72 -64.20 13.39 51.03
CA VAL B 72 -63.07 14.31 50.95
C VAL B 72 -63.54 15.60 50.29
N GLU B 73 -63.24 16.73 50.90
CA GLU B 73 -63.61 18.02 50.31
C GLU B 73 -62.37 18.88 50.11
N PHE B 74 -62.43 19.75 49.09
CA PHE B 74 -61.28 20.57 48.72
C PHE B 74 -61.57 22.06 48.79
N ASN B 75 -60.58 22.82 49.25
CA ASN B 75 -60.56 24.27 49.09
C ASN B 75 -59.57 24.60 47.99
N PHE B 76 -60.10 25.07 46.86
CA PHE B 76 -59.27 25.40 45.72
C PHE B 76 -58.91 26.89 45.69
N ARG B 77 -57.66 27.19 45.36
CA ARG B 77 -57.25 28.56 45.09
C ARG B 77 -56.48 28.63 43.78
N GLU B 78 -56.90 29.53 42.91
CA GLU B 78 -56.32 29.69 41.58
C GLU B 78 -55.26 30.78 41.66
N MET B 79 -54.05 30.53 41.16
CA MET B 79 -52.99 31.55 41.18
C MET B 79 -52.30 31.68 39.82
N PRO B 80 -51.71 32.86 39.53
CA PRO B 80 -51.08 33.05 38.21
C PRO B 80 -49.66 32.49 38.13
N ILE B 81 -49.34 31.95 36.96
CA ILE B 81 -47.99 31.48 36.67
C ILE B 81 -47.84 31.54 35.16
N GLY B 82 -46.60 31.58 34.68
CA GLY B 82 -46.35 31.54 33.24
C GLY B 82 -46.70 32.84 32.54
N GLY B 83 -47.17 32.75 31.30
CA GLY B 83 -47.59 33.92 30.56
C GLY B 83 -48.69 34.67 31.28
N ALA B 84 -49.57 33.92 31.93
CA ALA B 84 -50.68 34.55 32.65
C ALA B 84 -50.19 35.48 33.75
N ALA B 85 -49.13 35.08 34.47
CA ALA B 85 -48.53 35.95 35.47
C ALA B 85 -47.77 37.12 34.85
N LEU B 86 -47.08 36.87 33.73
CA LEU B 86 -46.40 37.93 33.01
C LEU B 86 -47.39 39.02 32.59
N ASP B 87 -48.57 38.62 32.14
CA ASP B 87 -49.57 39.57 31.66
C ASP B 87 -50.20 40.38 32.80
N LEU B 88 -50.14 39.85 34.03
CA LEU B 88 -50.78 40.48 35.18
C LEU B 88 -49.80 41.31 36.00
N VAL B 89 -48.63 40.74 36.27
CA VAL B 89 -47.66 41.37 37.16
C VAL B 89 -46.23 41.44 36.62
N GLY B 90 -46.00 40.96 35.39
CA GLY B 90 -44.72 41.19 34.75
C GLY B 90 -43.59 40.26 35.17
N VAL B 91 -43.91 39.22 35.95
CA VAL B 91 -42.94 38.17 36.25
C VAL B 91 -43.64 36.81 36.04
N PRO B 92 -42.88 35.76 35.68
CA PRO B 92 -43.55 34.48 35.40
C PRO B 92 -43.95 33.72 36.66
N LEU B 93 -43.41 34.09 37.82
CA LEU B 93 -43.83 33.45 39.06
C LEU B 93 -43.83 34.44 40.22
N PRO B 94 -45.01 35.02 40.50
CA PRO B 94 -45.19 36.01 41.58
C PRO B 94 -44.90 35.40 42.95
N GLU B 95 -44.34 36.21 43.85
CA GLU B 95 -44.16 35.81 45.25
C GLU B 95 -45.43 35.24 45.87
N GLU B 96 -46.57 35.84 45.55
CA GLU B 96 -47.84 35.43 46.14
C GLU B 96 -48.23 34.01 45.72
N THR B 97 -47.83 33.64 44.51
CA THR B 97 -48.11 32.30 44.01
C THR B 97 -47.29 31.25 44.75
N ILE B 98 -46.00 31.54 44.92
CA ILE B 98 -45.11 30.64 45.66
C ILE B 98 -45.63 30.45 47.08
N SER B 99 -46.03 31.55 47.72
CA SER B 99 -46.58 31.48 49.07
C SER B 99 -47.81 30.59 49.12
N ALA B 100 -48.75 30.81 48.20
CA ALA B 100 -49.98 30.01 48.14
C ALA B 100 -49.68 28.52 47.95
N ALA B 101 -48.80 28.24 46.99
CA ALA B 101 -48.44 26.85 46.70
C ALA B 101 -47.80 26.16 47.89
N LYS B 102 -46.84 26.82 48.53
CA LYS B 102 -46.15 26.21 49.67
C LYS B 102 -47.08 25.97 50.85
N GLU B 103 -48.13 26.77 50.96
CA GLU B 103 -49.03 26.67 52.10
C GLU B 103 -50.11 25.62 51.84
N SER B 104 -50.16 25.08 50.63
CA SER B 104 -51.24 24.17 50.26
C SER B 104 -50.81 22.71 50.43
N ASP B 105 -51.75 21.78 50.22
CA ASP B 105 -51.46 20.35 50.36
C ASP B 105 -50.98 19.72 49.06
N ALA B 106 -51.33 20.35 47.94
CA ALA B 106 -50.92 19.85 46.63
C ALA B 106 -51.13 20.92 45.59
N VAL B 107 -50.38 20.87 44.50
CA VAL B 107 -50.51 21.85 43.45
C VAL B 107 -50.84 21.14 42.14
N LEU B 108 -51.88 21.61 41.45
CA LEU B 108 -52.22 21.07 40.13
C LEU B 108 -52.00 22.16 39.10
N LEU B 109 -51.16 21.87 38.10
CA LEU B 109 -50.78 22.85 37.09
C LEU B 109 -51.25 22.44 35.70
N GLY B 110 -51.69 23.42 34.91
CA GLY B 110 -52.16 23.13 33.57
C GLY B 110 -51.04 23.07 32.55
N ALA B 111 -50.71 24.23 32.00
CA ALA B 111 -49.68 24.31 30.96
C ALA B 111 -49.00 25.68 31.00
N ILE B 112 -47.79 25.74 30.45
CA ILE B 112 -46.98 26.95 30.47
C ILE B 112 -46.51 27.23 29.06
N GLY B 113 -46.52 28.50 28.66
CA GLY B 113 -45.85 28.90 27.45
C GLY B 113 -46.76 29.38 26.35
N GLY B 114 -46.19 30.14 25.42
CA GLY B 114 -46.95 30.61 24.28
C GLY B 114 -46.08 31.49 23.41
N TYR B 115 -46.50 31.66 22.17
CA TYR B 115 -45.72 32.44 21.20
C TYR B 115 -45.62 33.91 21.60
N LYS B 116 -46.63 34.37 22.32
CA LYS B 116 -46.74 35.75 22.76
C LYS B 116 -45.50 36.23 23.51
N TRP B 117 -44.89 35.33 24.28
CA TRP B 117 -43.80 35.70 25.17
C TRP B 117 -42.44 35.15 24.78
N ASP B 118 -42.34 34.53 23.61
CA ASP B 118 -41.08 33.90 23.22
C ASP B 118 -39.99 34.89 22.84
N ASN B 119 -40.37 36.13 22.59
CA ASN B 119 -39.41 37.19 22.29
C ASN B 119 -39.03 37.96 23.56
N ASN B 120 -39.27 37.34 24.72
CA ASN B 120 -38.95 37.94 26.02
C ASN B 120 -37.52 37.69 26.46
N GLU B 121 -37.00 38.62 27.27
CA GLU B 121 -35.71 38.45 27.94
C GLU B 121 -35.75 37.14 28.73
N LYS B 122 -34.59 36.51 28.91
CA LYS B 122 -34.51 35.18 29.53
C LYS B 122 -35.19 35.11 30.90
N HIS B 123 -34.97 36.11 31.74
CA HIS B 123 -35.52 36.10 33.09
C HIS B 123 -37.04 36.22 33.10
N LEU B 124 -37.62 36.59 31.95
CA LEU B 124 -39.06 36.84 31.87
C LEU B 124 -39.80 35.96 30.86
N ARG B 125 -39.30 34.77 30.57
CA ARG B 125 -40.10 33.88 29.73
C ARG B 125 -40.91 32.92 30.60
N PRO B 126 -42.12 32.56 30.15
CA PRO B 126 -43.06 31.74 30.92
C PRO B 126 -42.38 30.55 31.57
N GLU B 127 -41.53 29.85 30.83
CA GLU B 127 -40.87 28.63 31.29
C GLU B 127 -40.03 28.83 32.54
N LYS B 128 -39.50 30.04 32.70
CA LYS B 128 -38.68 30.34 33.87
C LYS B 128 -39.53 30.17 35.12
N GLY B 129 -40.81 30.51 35.00
CA GLY B 129 -41.72 30.36 36.12
C GLY B 129 -41.94 28.90 36.51
N LEU B 130 -41.92 28.02 35.52
CA LEU B 130 -42.10 26.60 35.79
C LEU B 130 -40.87 26.07 36.52
N LEU B 131 -39.68 26.43 36.02
CA LEU B 131 -38.45 26.02 36.70
C LEU B 131 -38.39 26.59 38.11
N GLN B 132 -38.83 27.83 38.27
CA GLN B 132 -38.82 28.47 39.59
C GLN B 132 -39.74 27.81 40.63
N ILE B 133 -40.91 27.34 40.20
CA ILE B 133 -41.86 26.72 41.14
C ILE B 133 -41.37 25.32 41.51
N ARG B 134 -40.74 24.63 40.56
CA ARG B 134 -40.12 23.33 40.86
C ARG B 134 -39.06 23.50 41.93
N ALA B 135 -38.20 24.49 41.75
CA ALA B 135 -37.15 24.79 42.72
C ALA B 135 -37.70 25.18 44.09
N ALA B 136 -38.70 26.06 44.10
CA ALA B 136 -39.25 26.56 45.36
C ALA B 136 -39.92 25.46 46.17
N LEU B 137 -40.62 24.56 45.48
CA LEU B 137 -41.31 23.46 46.16
C LEU B 137 -40.36 22.29 46.45
N LYS B 138 -39.12 22.38 45.94
CA LYS B 138 -38.11 21.33 46.14
C LYS B 138 -38.63 19.96 45.70
N VAL B 139 -39.40 19.96 44.62
CA VAL B 139 -39.93 18.71 44.08
C VAL B 139 -38.91 18.03 43.15
N PHE B 140 -37.88 17.44 43.74
CA PHE B 140 -36.79 16.87 42.95
C PHE B 140 -37.13 15.58 42.21
N ALA B 141 -38.21 14.90 42.60
CA ALA B 141 -38.53 13.60 42.03
C ALA B 141 -39.71 13.69 41.05
N ASN B 142 -39.41 13.57 39.76
CA ASN B 142 -40.42 13.70 38.72
C ASN B 142 -40.74 12.32 38.17
N LEU B 143 -42.00 11.92 38.30
CA LEU B 143 -42.48 10.61 37.84
C LEU B 143 -43.33 10.75 36.59
N ARG B 144 -42.86 10.13 35.50
CA ARG B 144 -43.58 10.21 34.23
C ARG B 144 -43.83 8.80 33.68
N PRO B 145 -45.02 8.26 33.98
CA PRO B 145 -45.39 6.94 33.50
C PRO B 145 -45.86 6.98 32.05
N ALA B 146 -45.24 6.15 31.22
CA ALA B 146 -45.59 6.09 29.80
C ALA B 146 -46.16 4.70 29.50
N THR B 147 -47.45 4.63 29.21
CA THR B 147 -48.09 3.36 28.88
C THR B 147 -48.77 3.46 27.52
N VAL B 148 -48.88 2.33 26.84
CA VAL B 148 -49.73 2.24 25.66
C VAL B 148 -51.04 1.58 26.08
N LEU B 149 -52.13 2.36 26.03
CA LEU B 149 -53.45 1.81 26.29
C LEU B 149 -53.92 0.94 25.13
N PRO B 150 -54.54 -0.21 25.43
CA PRO B 150 -54.99 -1.14 24.38
C PRO B 150 -55.98 -0.48 23.42
N GLN B 151 -56.82 0.42 23.93
CA GLN B 151 -57.77 1.15 23.08
C GLN B 151 -57.08 2.08 22.07
N LEU B 152 -55.85 2.48 22.37
CA LEU B 152 -55.17 3.51 21.59
C LEU B 152 -53.88 3.03 20.94
N VAL B 153 -53.72 1.72 20.79
CA VAL B 153 -52.44 1.19 20.30
C VAL B 153 -52.13 1.70 18.89
N ASP B 154 -53.16 1.84 18.07
CA ASP B 154 -53.01 2.29 16.68
C ASP B 154 -52.52 3.73 16.54
N ALA B 155 -52.53 4.47 17.63
CA ALA B 155 -52.13 5.88 17.59
C ALA B 155 -50.62 6.03 17.61
N SER B 156 -49.91 5.00 18.06
CA SER B 156 -48.44 5.01 17.97
C SER B 156 -47.98 4.84 16.53
N THR B 157 -46.87 5.47 16.18
CA THR B 157 -46.27 5.26 14.86
C THR B 157 -45.45 3.98 14.81
N LEU B 158 -45.24 3.37 15.97
CA LEU B 158 -44.55 2.09 16.03
C LEU B 158 -45.53 0.99 15.66
N LYS B 159 -45.01 -0.08 15.06
CA LYS B 159 -45.82 -1.25 14.71
C LYS B 159 -46.54 -1.76 15.94
N ARG B 160 -47.75 -2.29 15.74
CA ARG B 160 -48.57 -2.78 16.85
C ARG B 160 -47.83 -3.74 17.76
N GLU B 161 -47.12 -4.69 17.17
CA GLU B 161 -46.46 -5.71 18.00
C GLU B 161 -45.35 -5.11 18.88
N VAL B 162 -44.84 -3.95 18.49
CA VAL B 162 -43.80 -3.27 19.27
C VAL B 162 -44.40 -2.34 20.34
N ALA B 163 -45.48 -1.65 19.98
CA ALA B 163 -46.09 -0.67 20.88
C ALA B 163 -47.00 -1.29 21.95
N GLU B 164 -47.69 -2.37 21.60
CA GLU B 164 -48.64 -2.99 22.52
C GLU B 164 -47.90 -3.47 23.77
N GLY B 165 -48.45 -3.15 24.93
CA GLY B 165 -47.83 -3.60 26.17
C GLY B 165 -46.72 -2.71 26.72
N VAL B 166 -46.33 -1.64 26.03
CA VAL B 166 -45.35 -0.70 26.60
C VAL B 166 -45.87 -0.13 27.94
N ASP B 167 -45.03 -0.16 28.97
CA ASP B 167 -45.44 0.29 30.30
C ASP B 167 -44.18 0.61 31.08
N LEU B 168 -43.73 1.85 31.00
CA LEU B 168 -42.52 2.25 31.70
C LEU B 168 -42.73 3.48 32.55
N MET B 169 -41.77 3.73 33.43
CA MET B 169 -41.81 4.89 34.29
C MET B 169 -40.48 5.58 34.21
N VAL B 170 -40.47 6.85 33.85
CA VAL B 170 -39.23 7.62 33.94
C VAL B 170 -39.20 8.39 35.25
N VAL B 171 -38.13 8.21 35.99
CA VAL B 171 -37.91 8.96 37.22
C VAL B 171 -36.82 9.95 36.90
N ARG B 172 -37.18 11.22 36.86
CA ARG B 172 -36.29 12.27 36.37
C ARG B 172 -35.91 13.21 37.49
N GLU B 173 -34.61 13.45 37.62
CA GLU B 173 -34.12 14.39 38.64
C GLU B 173 -34.57 15.78 38.18
N LEU B 174 -35.31 16.51 39.01
CA LEU B 174 -36.03 17.68 38.51
C LEU B 174 -35.51 19.04 38.97
N THR B 175 -34.71 19.09 40.04
CA THR B 175 -34.30 20.40 40.59
C THR B 175 -32.81 20.67 40.59
N GLY B 176 -32.06 19.86 39.84
CA GLY B 176 -30.61 20.02 39.84
C GLY B 176 -30.06 19.93 38.43
N GLY B 177 -28.78 19.60 38.33
CA GLY B 177 -28.15 19.41 37.03
C GLY B 177 -28.02 20.70 36.26
N ILE B 178 -27.94 20.59 34.92
CA ILE B 178 -27.64 21.74 34.07
C ILE B 178 -28.77 22.80 34.07
N TYR B 179 -29.98 22.38 34.40
CA TYR B 179 -31.11 23.31 34.52
C TYR B 179 -30.88 24.38 35.58
N PHE B 180 -30.17 24.03 36.66
CA PHE B 180 -29.98 24.96 37.77
C PHE B 180 -28.53 25.25 38.12
N GLY B 181 -27.60 24.65 37.37
CA GLY B 181 -26.19 24.75 37.70
C GLY B 181 -25.60 26.13 37.50
N GLU B 182 -24.63 26.45 38.35
CA GLU B 182 -23.84 27.67 38.23
C GLU B 182 -22.37 27.28 38.11
N PRO B 183 -21.59 28.05 37.34
CA PRO B 183 -22.00 29.31 36.71
C PRO B 183 -22.75 29.10 35.41
N ARG B 184 -23.38 30.18 34.94
CA ARG B 184 -24.19 30.14 33.73
C ARG B 184 -24.29 31.56 33.24
N GLY B 185 -24.48 31.73 31.93
CA GLY B 185 -24.63 33.07 31.39
C GLY B 185 -24.19 33.19 29.95
N ILE B 186 -24.32 34.40 29.40
CA ILE B 186 -23.71 34.75 28.15
C ILE B 186 -22.81 35.93 28.45
N LYS B 187 -21.52 35.79 28.17
CA LYS B 187 -20.59 36.87 28.42
C LYS B 187 -19.86 37.25 27.14
N THR B 188 -19.32 38.46 27.11
CA THR B 188 -18.52 38.92 26.00
C THR B 188 -17.08 38.95 26.51
N ASN B 189 -16.16 38.26 25.84
CA ASN B 189 -14.78 38.31 26.33
C ASN B 189 -14.02 39.54 25.83
N GLU B 190 -12.73 39.63 26.17
CA GLU B 190 -11.90 40.80 25.86
C GLU B 190 -11.97 41.19 24.38
N ASN B 191 -12.16 40.17 23.55
CA ASN B 191 -12.13 40.32 22.11
C ASN B 191 -13.45 40.82 21.53
N GLY B 192 -14.47 40.90 22.37
CA GLY B 192 -15.79 41.25 21.88
C GLY B 192 -16.58 40.04 21.43
N GLU B 193 -16.05 38.85 21.69
CA GLU B 193 -16.76 37.64 21.28
C GLU B 193 -17.61 37.07 22.39
N GLU B 194 -18.85 36.72 22.04
CA GLU B 194 -19.78 36.12 22.98
C GLU B 194 -19.49 34.66 23.26
N VAL B 195 -19.62 34.28 24.53
CA VAL B 195 -19.48 32.91 24.97
C VAL B 195 -20.70 32.57 25.85
N GLY B 196 -21.41 31.50 25.52
CA GLY B 196 -22.58 31.09 26.27
C GLY B 196 -22.24 29.81 27.01
N PHE B 197 -22.67 29.69 28.26
CA PHE B 197 -22.21 28.57 29.07
C PHE B 197 -23.21 28.18 30.15
N ASN B 198 -23.24 26.87 30.46
CA ASN B 198 -24.05 26.32 31.54
C ASN B 198 -23.26 25.21 32.23
N THR B 199 -23.64 24.89 33.47
CA THR B 199 -22.90 23.90 34.24
C THR B 199 -23.80 22.72 34.63
N GLU B 200 -23.44 21.53 34.18
CA GLU B 200 -24.08 20.31 34.67
C GLU B 200 -23.35 19.92 35.95
N VAL B 201 -24.03 20.02 37.07
CA VAL B 201 -23.38 19.73 38.34
C VAL B 201 -24.33 19.01 39.26
N TYR B 202 -23.83 17.94 39.90
CA TYR B 202 -24.58 17.19 40.89
C TYR B 202 -23.68 16.91 42.11
N ALA B 203 -24.20 17.22 43.30
CA ALA B 203 -23.59 16.75 44.54
C ALA B 203 -24.11 15.34 44.78
N ALA B 204 -23.32 14.50 45.41
CA ALA B 204 -23.70 13.09 45.60
C ALA B 204 -25.08 12.90 46.23
N HIS B 205 -25.41 13.70 47.22
CA HIS B 205 -26.69 13.53 47.91
C HIS B 205 -27.89 13.80 46.99
N GLU B 206 -27.73 14.68 45.99
CA GLU B 206 -28.79 14.88 44.99
C GLU B 206 -29.02 13.64 44.14
N ILE B 207 -27.94 12.95 43.79
CA ILE B 207 -28.06 11.70 43.05
C ILE B 207 -28.65 10.60 43.94
N ASP B 208 -28.17 10.51 45.18
CA ASP B 208 -28.65 9.48 46.08
C ASP B 208 -30.15 9.55 46.23
N ARG B 209 -30.67 10.76 46.40
CA ARG B 209 -32.08 10.91 46.71
C ARG B 209 -32.97 10.55 45.52
N ILE B 210 -32.60 10.98 44.32
CA ILE B 210 -33.43 10.61 43.17
C ILE B 210 -33.32 9.09 42.93
N ALA B 211 -32.12 8.56 43.15
CA ALA B 211 -31.90 7.12 42.94
C ALA B 211 -32.77 6.28 43.88
N ARG B 212 -32.80 6.66 45.16
CA ARG B 212 -33.64 5.94 46.11
C ARG B 212 -35.10 5.94 45.70
N VAL B 213 -35.57 7.09 45.24
CA VAL B 213 -36.94 7.16 44.76
C VAL B 213 -37.17 6.16 43.62
N ALA B 214 -36.23 6.12 42.68
CA ALA B 214 -36.37 5.22 41.55
C ALA B 214 -36.30 3.75 41.93
N PHE B 215 -35.41 3.40 42.86
CA PHE B 215 -35.34 2.01 43.34
C PHE B 215 -36.67 1.62 43.98
N GLU B 216 -37.21 2.50 44.81
CA GLU B 216 -38.49 2.25 45.48
C GLU B 216 -39.59 2.13 44.44
N THR B 217 -39.49 2.96 43.41
CA THR B 217 -40.46 2.90 42.31
C THR B 217 -40.39 1.55 41.60
N ALA B 218 -39.19 1.13 41.19
CA ALA B 218 -39.03 -0.18 40.54
C ALA B 218 -39.53 -1.32 41.41
N ARG B 219 -39.22 -1.27 42.70
CA ARG B 219 -39.70 -2.31 43.62
C ARG B 219 -41.23 -2.46 43.59
N LYS B 220 -41.95 -1.35 43.45
CA LYS B 220 -43.41 -1.40 43.42
C LYS B 220 -43.93 -1.79 42.05
N ARG B 221 -43.04 -1.84 41.07
CA ARG B 221 -43.45 -2.17 39.72
C ARG B 221 -43.04 -3.59 39.36
N ARG B 222 -42.06 -3.76 38.48
CA ARG B 222 -41.65 -5.09 38.06
C ARG B 222 -40.22 -5.44 38.49
N GLY B 223 -39.64 -4.58 39.33
CA GLY B 223 -38.37 -4.90 39.97
C GLY B 223 -37.15 -4.71 39.09
N LYS B 224 -37.29 -3.93 38.01
CA LYS B 224 -36.17 -3.60 37.15
C LYS B 224 -35.91 -2.10 37.08
N LEU B 225 -34.66 -1.70 37.28
CA LEU B 225 -34.30 -0.31 37.15
C LEU B 225 -33.14 -0.15 36.18
N CYS B 226 -33.29 0.77 35.24
CA CYS B 226 -32.21 1.11 34.34
C CYS B 226 -31.78 2.54 34.62
N SER B 227 -30.53 2.72 35.02
CA SER B 227 -30.00 4.07 35.24
C SER B 227 -29.32 4.57 33.98
N VAL B 228 -29.70 5.76 33.53
CA VAL B 228 -29.24 6.28 32.25
C VAL B 228 -28.32 7.49 32.44
N ASP B 229 -27.15 7.46 31.82
CA ASP B 229 -26.17 8.54 31.98
C ASP B 229 -25.28 8.66 30.74
N LYS B 230 -24.25 9.50 30.81
CA LYS B 230 -23.24 9.59 29.74
C LYS B 230 -21.87 9.43 30.38
N ALA B 231 -21.72 8.35 31.15
CA ALA B 231 -20.52 8.18 31.96
C ALA B 231 -19.27 7.84 31.16
N ASN B 232 -19.43 7.59 29.86
CA ASN B 232 -18.25 7.39 29.00
C ASN B 232 -17.64 8.71 28.51
N VAL B 233 -18.25 9.83 28.89
CA VAL B 233 -17.75 11.14 28.47
C VAL B 233 -17.67 12.13 29.63
N LEU B 234 -18.72 12.15 30.45
CA LEU B 234 -18.89 13.20 31.45
C LEU B 234 -18.61 12.79 32.89
N GLU B 235 -17.75 13.56 33.56
CA GLU B 235 -17.47 13.38 34.97
C GLU B 235 -18.72 13.37 35.84
N ALA B 236 -19.67 14.24 35.52
CA ALA B 236 -20.90 14.33 36.30
C ALA B 236 -21.66 13.00 36.24
N SER B 237 -21.56 12.34 35.09
CA SER B 237 -22.26 11.07 34.89
C SER B 237 -21.47 9.92 35.50
N ILE B 238 -20.16 10.07 35.59
CA ILE B 238 -19.33 9.08 36.27
C ILE B 238 -19.74 9.06 37.74
N LEU B 239 -19.95 10.25 38.31
CA LEU B 239 -20.39 10.30 39.69
C LEU B 239 -21.80 9.74 39.80
N TRP B 240 -22.66 10.08 38.83
CA TRP B 240 -24.01 9.53 38.79
C TRP B 240 -23.98 8.01 38.89
N ARG B 241 -23.26 7.37 37.97
CA ARG B 241 -23.20 5.92 37.91
C ARG B 241 -22.59 5.32 39.16
N LYS B 242 -21.60 6.01 39.70
CA LYS B 242 -20.92 5.56 40.91
C LYS B 242 -21.88 5.52 42.10
N ARG B 243 -22.68 6.57 42.26
CA ARG B 243 -23.63 6.63 43.39
C ARG B 243 -24.76 5.60 43.24
N VAL B 244 -25.33 5.49 42.04
CA VAL B 244 -26.41 4.53 41.79
C VAL B 244 -25.94 3.10 42.02
N THR B 245 -24.72 2.82 41.56
CA THR B 245 -24.10 1.51 41.77
C THR B 245 -23.94 1.20 43.26
N ALA B 246 -23.46 2.17 44.03
CA ALA B 246 -23.29 1.97 45.48
C ALA B 246 -24.64 1.73 46.18
N LEU B 247 -25.70 2.32 45.66
CA LEU B 247 -27.00 2.18 46.29
C LEU B 247 -27.69 0.85 45.99
N ALA B 248 -27.25 0.19 44.92
CA ALA B 248 -27.87 -1.07 44.50
C ALA B 248 -28.02 -2.06 45.66
N SER B 249 -27.01 -2.12 46.51
CA SER B 249 -26.99 -3.10 47.59
C SER B 249 -28.00 -2.81 48.68
N GLU B 250 -28.55 -1.59 48.68
CA GLU B 250 -29.60 -1.25 49.64
C GLU B 250 -30.94 -1.78 49.16
N TYR B 251 -31.03 -2.05 47.86
CA TYR B 251 -32.26 -2.58 47.26
C TYR B 251 -31.95 -3.86 46.50
N PRO B 252 -31.53 -4.91 47.21
CA PRO B 252 -30.98 -6.08 46.52
C PRO B 252 -32.06 -6.88 45.78
N ASP B 253 -33.32 -6.53 45.99
CA ASP B 253 -34.45 -7.18 45.32
C ASP B 253 -34.73 -6.55 43.97
N VAL B 254 -34.06 -5.42 43.69
CA VAL B 254 -34.24 -4.71 42.44
C VAL B 254 -33.09 -5.04 41.48
N GLU B 255 -33.42 -5.33 40.23
CA GLU B 255 -32.38 -5.62 39.22
C GLU B 255 -31.92 -4.32 38.55
N LEU B 256 -30.66 -3.94 38.73
CA LEU B 256 -30.15 -2.65 38.23
C LEU B 256 -29.29 -2.85 37.00
N SER B 257 -29.48 -2.01 35.99
CA SER B 257 -28.56 -2.00 34.86
C SER B 257 -28.26 -0.55 34.51
N HIS B 258 -27.22 -0.34 33.70
CA HIS B 258 -26.84 1.02 33.30
C HIS B 258 -26.83 1.09 31.79
N MET B 259 -27.20 2.24 31.25
CA MET B 259 -27.27 2.42 29.82
C MET B 259 -26.89 3.85 29.47
N TYR B 260 -26.11 4.03 28.41
CA TYR B 260 -25.79 5.38 27.95
C TYR B 260 -27.02 6.04 27.34
N VAL B 261 -27.12 7.36 27.47
CA VAL B 261 -28.34 8.08 27.08
C VAL B 261 -28.59 7.93 25.58
N ASP B 262 -27.53 7.90 24.80
CA ASP B 262 -27.74 7.74 23.36
C ASP B 262 -28.27 6.33 23.07
N ASN B 263 -27.76 5.33 23.78
CA ASN B 263 -28.26 3.97 23.61
C ASN B 263 -29.71 3.86 24.04
N ALA B 264 -30.04 4.50 25.16
CA ALA B 264 -31.41 4.53 25.64
C ALA B 264 -32.33 5.15 24.60
N ALA B 265 -31.89 6.22 23.94
CA ALA B 265 -32.75 6.83 22.92
C ALA B 265 -33.01 5.83 21.80
N MET B 266 -32.04 4.97 21.50
CA MET B 266 -32.27 3.94 20.49
C MET B 266 -33.13 2.78 21.00
N GLN B 267 -32.95 2.39 22.26
CA GLN B 267 -33.66 1.23 22.78
C GLN B 267 -35.14 1.54 22.95
N LEU B 268 -35.45 2.81 23.18
CA LEU B 268 -36.85 3.21 23.27
C LEU B 268 -37.55 3.03 21.93
N VAL B 269 -36.80 3.16 20.85
CA VAL B 269 -37.37 2.95 19.52
C VAL B 269 -37.45 1.47 19.17
N ARG B 270 -36.37 0.73 19.47
CA ARG B 270 -36.21 -0.66 19.07
C ARG B 270 -37.06 -1.65 19.87
N ASP B 271 -37.13 -1.46 21.18
CA ASP B 271 -37.80 -2.40 22.07
C ASP B 271 -38.19 -1.71 23.36
N PRO B 272 -39.16 -0.78 23.30
CA PRO B 272 -39.52 -0.06 24.53
C PRO B 272 -40.12 -0.97 25.60
N LYS B 273 -40.60 -2.15 25.23
CA LYS B 273 -41.14 -3.08 26.21
C LYS B 273 -40.08 -3.60 27.19
N GLN B 274 -38.81 -3.39 26.88
CA GLN B 274 -37.75 -3.89 27.75
C GLN B 274 -37.66 -3.13 29.07
N PHE B 275 -38.21 -1.91 29.10
CA PHE B 275 -38.07 -1.05 30.28
C PHE B 275 -39.20 -1.18 31.29
N ASP B 276 -38.84 -1.19 32.57
CA ASP B 276 -39.78 -1.01 33.68
C ASP B 276 -39.61 0.40 34.22
N THR B 277 -38.53 0.62 34.94
CA THR B 277 -38.26 1.95 35.47
C THR B 277 -36.92 2.43 34.97
N ILE B 278 -36.87 3.72 34.65
CA ILE B 278 -35.63 4.36 34.19
C ILE B 278 -35.37 5.51 35.14
N VAL B 279 -34.11 5.70 35.53
CA VAL B 279 -33.79 6.89 36.31
C VAL B 279 -32.70 7.66 35.59
N THR B 280 -32.84 8.97 35.54
CA THR B 280 -31.85 9.75 34.83
C THR B 280 -31.88 11.20 35.30
N ASN B 281 -30.95 12.02 34.82
CA ASN B 281 -30.82 13.39 35.31
C ASN B 281 -31.85 14.33 34.67
N ASN B 282 -31.70 15.63 34.91
CA ASN B 282 -32.71 16.59 34.49
C ASN B 282 -32.89 16.68 32.97
N ILE B 283 -31.79 16.91 32.26
CA ILE B 283 -31.86 17.11 30.81
C ILE B 283 -32.09 15.81 30.04
N PHE B 284 -31.46 14.71 30.45
CA PHE B 284 -31.71 13.43 29.76
C PHE B 284 -33.13 12.95 30.04
N GLY B 285 -33.62 13.22 31.24
CA GLY B 285 -34.98 12.85 31.61
C GLY B 285 -36.00 13.62 30.80
N ASP B 286 -35.71 14.87 30.53
CA ASP B 286 -36.61 15.69 29.73
C ASP B 286 -36.70 15.10 28.33
N ILE B 287 -35.55 14.78 27.76
CA ILE B 287 -35.51 14.26 26.40
C ILE B 287 -36.12 12.86 26.30
N LEU B 288 -35.66 11.94 27.15
CA LEU B 288 -36.11 10.55 27.06
C LEU B 288 -37.57 10.34 27.42
N SER B 289 -38.09 11.08 28.40
CA SER B 289 -39.48 10.94 28.76
CA SER B 289 -39.48 10.93 28.75
C SER B 289 -40.38 11.42 27.62
N ASP B 290 -39.99 12.52 26.98
CA ASP B 290 -40.76 13.00 25.83
C ASP B 290 -40.69 12.03 24.66
N GLU B 291 -39.51 11.48 24.40
CA GLU B 291 -39.39 10.43 23.41
C GLU B 291 -40.31 9.25 23.79
N ALA B 292 -40.27 8.82 25.05
CA ALA B 292 -41.13 7.70 25.46
C ALA B 292 -42.61 8.06 25.30
N SER B 293 -42.97 9.31 25.61
CA SER B 293 -44.36 9.76 25.47
C SER B 293 -44.86 9.65 24.04
N MET B 294 -44.06 10.11 23.10
CA MET B 294 -44.49 10.12 21.70
C MET B 294 -44.53 8.70 21.14
N ILE B 295 -43.66 7.85 21.66
CA ILE B 295 -43.66 6.43 21.30
C ILE B 295 -44.99 5.73 21.65
N THR B 296 -45.61 6.14 22.76
CA THR B 296 -46.92 5.58 23.11
C THR B 296 -48.01 6.05 22.18
N GLY B 297 -47.78 7.19 21.53
CA GLY B 297 -48.67 7.68 20.49
C GLY B 297 -49.72 8.71 20.90
N SER B 298 -49.94 8.84 22.20
CA SER B 298 -51.03 9.69 22.70
C SER B 298 -50.59 10.64 23.83
N ILE B 299 -49.98 11.76 23.47
CA ILE B 299 -49.45 12.71 24.45
C ILE B 299 -50.55 13.30 25.34
N GLY B 300 -51.74 13.41 24.78
CA GLY B 300 -52.87 13.96 25.50
C GLY B 300 -53.37 13.07 26.62
N MET B 301 -52.77 11.89 26.77
CA MET B 301 -53.18 10.95 27.82
C MET B 301 -52.26 10.90 29.04
N LEU B 302 -51.12 11.59 29.01
CA LEU B 302 -50.06 11.29 29.98
C LEU B 302 -49.91 12.30 31.10
N PRO B 303 -49.97 11.80 32.35
CA PRO B 303 -49.87 12.63 33.55
C PRO B 303 -48.45 12.63 34.08
N SER B 304 -48.21 13.45 35.08
CA SER B 304 -46.91 13.42 35.75
C SER B 304 -47.05 13.90 37.18
N ALA B 305 -46.11 13.47 38.01
CA ALA B 305 -46.05 13.89 39.40
C ALA B 305 -44.64 14.38 39.70
N SER B 306 -44.55 15.43 40.51
CA SER B 306 -43.26 15.90 41.00
C SER B 306 -43.35 15.94 42.51
N LEU B 307 -42.47 15.21 43.19
CA LEU B 307 -42.61 14.99 44.62
C LEU B 307 -41.41 15.52 45.40
N SER B 308 -41.67 15.92 46.64
CA SER B 308 -40.63 16.50 47.49
C SER B 308 -40.56 15.68 48.77
N ASP B 309 -39.52 15.89 49.56
CA ASP B 309 -39.36 15.17 50.83
C ASP B 309 -40.38 15.64 51.86
N SER B 310 -40.59 16.95 51.90
CA SER B 310 -41.62 17.55 52.73
C SER B 310 -42.34 18.59 51.89
N GLY B 311 -43.64 18.75 52.12
CA GLY B 311 -44.39 19.74 51.38
C GLY B 311 -45.24 19.17 50.26
N PRO B 312 -46.05 20.04 49.65
CA PRO B 312 -46.95 19.65 48.56
C PRO B 312 -46.20 19.25 47.31
N GLY B 313 -46.75 18.29 46.58
CA GLY B 313 -46.19 17.90 45.29
C GLY B 313 -46.79 18.73 44.17
N LEU B 314 -46.23 18.60 42.98
CA LEU B 314 -46.70 19.38 41.84
C LEU B 314 -47.16 18.40 40.77
N PHE B 315 -48.40 18.56 40.31
CA PHE B 315 -48.99 17.59 39.40
C PHE B 315 -49.44 18.26 38.12
N GLU B 316 -49.02 17.72 36.98
CA GLU B 316 -49.28 18.40 35.71
C GLU B 316 -49.21 17.42 34.56
N PRO B 317 -49.97 17.70 33.49
CA PRO B 317 -49.82 16.88 32.27
C PRO B 317 -48.50 17.21 31.58
N ILE B 318 -48.04 16.28 30.76
CA ILE B 318 -46.78 16.54 30.08
C ILE B 318 -46.98 17.26 28.77
N HIS B 319 -48.21 17.31 28.26
CA HIS B 319 -48.44 18.04 27.00
C HIS B 319 -48.17 19.54 27.21
N GLY B 320 -48.10 20.29 26.13
CA GLY B 320 -47.83 21.71 26.24
C GLY B 320 -49.11 22.53 26.35
N SER B 321 -48.99 23.83 26.12
CA SER B 321 -50.14 24.73 26.24
C SER B 321 -51.07 24.73 25.00
N ALA B 322 -50.61 24.13 23.90
CA ALA B 322 -51.41 23.99 22.67
C ALA B 322 -52.20 25.23 22.30
N PRO B 323 -51.52 26.38 22.23
CA PRO B 323 -52.23 27.65 22.15
C PRO B 323 -53.15 27.79 20.92
N ASP B 324 -52.90 27.03 19.86
CA ASP B 324 -53.75 27.10 18.68
C ASP B 324 -55.19 26.61 18.92
N ILE B 325 -55.39 25.76 19.92
CA ILE B 325 -56.75 25.30 20.25
C ILE B 325 -57.25 25.85 21.58
N ALA B 326 -56.55 26.84 22.13
CA ALA B 326 -56.99 27.42 23.40
C ALA B 326 -58.32 28.09 23.17
N GLY B 327 -59.27 27.82 24.06
CA GLY B 327 -60.60 28.41 23.96
C GLY B 327 -61.46 27.81 22.86
N GLN B 328 -60.99 26.74 22.22
CA GLN B 328 -61.75 26.13 21.12
C GLN B 328 -62.47 24.85 21.55
N ASP B 329 -62.37 24.50 22.84
CA ASP B 329 -63.03 23.30 23.38
C ASP B 329 -62.59 22.02 22.66
N LYS B 330 -61.31 21.95 22.31
CA LYS B 330 -60.79 20.80 21.57
C LYS B 330 -59.84 19.96 22.42
N ALA B 331 -59.22 20.60 23.41
CA ALA B 331 -58.23 19.97 24.29
C ALA B 331 -58.65 18.60 24.84
N ASN B 332 -57.66 17.72 25.00
CA ASN B 332 -57.87 16.45 25.70
C ASN B 332 -57.61 16.65 27.20
N PRO B 333 -58.68 16.59 28.03
CA PRO B 333 -58.52 16.84 29.47
C PRO B 333 -58.02 15.60 30.24
N LEU B 334 -57.92 14.45 29.57
CA LEU B 334 -57.65 13.20 30.29
C LEU B 334 -56.29 13.19 30.99
N ALA B 335 -55.28 13.78 30.37
CA ALA B 335 -53.96 13.88 31.00
C ALA B 335 -53.98 14.67 32.32
N THR B 336 -54.73 15.77 32.34
CA THR B 336 -54.83 16.59 33.56
C THR B 336 -55.70 15.88 34.59
N ILE B 337 -56.75 15.21 34.10
CA ILE B 337 -57.59 14.40 34.97
C ILE B 337 -56.76 13.29 35.63
N LEU B 338 -55.92 12.63 34.85
CA LEU B 338 -55.04 11.61 35.42
C LEU B 338 -53.94 12.20 36.32
N SER B 339 -53.53 13.44 36.01
CA SER B 339 -52.62 14.12 36.92
C SER B 339 -53.27 14.39 38.26
N ALA B 340 -54.58 14.67 38.26
CA ALA B 340 -55.30 14.85 39.51
C ALA B 340 -55.41 13.53 40.24
N ALA B 341 -55.45 12.43 39.49
CA ALA B 341 -55.43 11.11 40.13
C ALA B 341 -54.07 10.83 40.77
N MET B 342 -52.98 11.20 40.09
CA MET B 342 -51.65 11.09 40.71
C MET B 342 -51.55 11.99 41.94
N LEU B 343 -52.16 13.17 41.87
CA LEU B 343 -52.22 14.07 43.01
C LEU B 343 -52.82 13.36 44.24
N LEU B 344 -53.99 12.77 44.06
CA LEU B 344 -54.65 12.03 45.15
C LEU B 344 -53.79 10.88 45.65
N LYS B 345 -53.28 10.12 44.70
CA LYS B 345 -52.56 8.89 44.98
C LYS B 345 -51.22 9.17 45.66
N TYR B 346 -50.39 9.98 45.01
CA TYR B 346 -49.03 10.21 45.49
C TYR B 346 -48.94 11.36 46.50
N GLY B 347 -49.71 12.41 46.26
CA GLY B 347 -49.64 13.57 47.11
C GLY B 347 -50.38 13.41 48.42
N LEU B 348 -51.59 12.89 48.35
CA LEU B 348 -52.49 12.95 49.50
C LEU B 348 -52.76 11.59 50.11
N GLY B 349 -52.32 10.53 49.42
CA GLY B 349 -52.54 9.18 49.91
C GLY B 349 -53.99 8.77 49.82
N GLU B 350 -54.75 9.44 48.95
CA GLU B 350 -56.17 9.15 48.79
C GLU B 350 -56.33 8.11 47.67
N GLU B 351 -56.02 6.86 48.00
CA GLU B 351 -55.91 5.79 47.00
C GLU B 351 -57.24 5.44 46.34
N LYS B 352 -58.30 5.38 47.15
CA LYS B 352 -59.61 4.99 46.66
C LYS B 352 -60.19 6.06 45.74
N ALA B 353 -59.99 7.32 46.10
CA ALA B 353 -60.43 8.42 45.24
C ALA B 353 -59.67 8.39 43.92
N ALA B 354 -58.37 8.13 43.98
CA ALA B 354 -57.56 8.06 42.75
C ALA B 354 -58.07 6.96 41.82
N LYS B 355 -58.39 5.80 42.39
CA LYS B 355 -58.92 4.69 41.58
C LYS B 355 -60.24 5.05 40.90
N ARG B 356 -61.09 5.78 41.61
CA ARG B 356 -62.38 6.18 41.05
C ARG B 356 -62.16 6.98 39.78
N ILE B 357 -61.16 7.86 39.78
CA ILE B 357 -60.88 8.70 38.62
C ILE B 357 -60.32 7.86 37.48
N GLU B 358 -59.30 7.06 37.77
CA GLU B 358 -58.73 6.14 36.80
C GLU B 358 -59.80 5.24 36.18
N ASP B 359 -60.65 4.64 37.02
CA ASP B 359 -61.73 3.80 36.52
C ASP B 359 -62.64 4.56 35.54
N ALA B 360 -62.91 5.84 35.84
CA ALA B 360 -63.86 6.62 35.04
C ALA B 360 -63.30 7.03 33.68
N VAL B 361 -62.00 7.32 33.64
CA VAL B 361 -61.31 7.59 32.38
C VAL B 361 -61.38 6.35 31.50
N LEU B 362 -61.15 5.21 32.13
CA LEU B 362 -61.26 3.93 31.45
C LEU B 362 -62.67 3.70 30.90
N VAL B 363 -63.68 4.03 31.69
CA VAL B 363 -65.07 3.87 31.25
C VAL B 363 -65.33 4.74 30.03
N ALA B 364 -64.83 5.97 30.07
CA ALA B 364 -65.08 6.91 28.99
C ALA B 364 -64.41 6.45 27.71
N LEU B 365 -63.20 5.91 27.81
CA LEU B 365 -62.51 5.40 26.63
C LEU B 365 -63.22 4.14 26.12
N ASN B 366 -63.58 3.25 27.03
CA ASN B 366 -64.30 2.04 26.63
C ASN B 366 -65.69 2.33 26.03
N ASN B 367 -66.25 3.50 26.34
CA ASN B 367 -67.51 3.92 25.70
C ASN B 367 -67.30 4.52 24.32
N GLY B 368 -66.04 4.64 23.90
CA GLY B 368 -65.74 5.12 22.57
C GLY B 368 -65.49 6.61 22.45
N PHE B 369 -65.49 7.33 23.58
CA PHE B 369 -65.26 8.77 23.52
C PHE B 369 -63.80 9.06 23.15
N ARG B 370 -63.60 9.94 22.18
CA ARG B 370 -62.27 10.38 21.79
C ARG B 370 -62.28 11.85 21.52
N THR B 371 -61.29 12.57 22.04
CA THR B 371 -61.05 13.93 21.57
C THR B 371 -60.26 13.80 20.27
N GLY B 372 -60.11 14.91 19.55
CA GLY B 372 -59.49 14.90 18.22
C GLY B 372 -58.12 14.25 18.13
N ASP B 373 -57.30 14.46 19.15
CA ASP B 373 -55.94 13.94 19.19
C ASP B 373 -55.90 12.42 19.30
N ILE B 374 -56.98 11.81 19.77
CA ILE B 374 -57.02 10.34 19.91
C ILE B 374 -58.13 9.69 19.07
N TYR B 375 -58.68 10.44 18.14
CA TYR B 375 -59.78 9.96 17.32
C TYR B 375 -59.36 8.89 16.33
N SER B 376 -60.24 7.91 16.14
CA SER B 376 -60.08 6.93 15.07
C SER B 376 -61.46 6.60 14.54
N ALA B 377 -61.53 6.09 13.31
CA ALA B 377 -62.82 5.71 12.70
C ALA B 377 -63.58 4.76 13.61
N GLY B 378 -64.89 4.95 13.71
CA GLY B 378 -65.72 4.12 14.57
C GLY B 378 -65.84 4.57 16.00
N THR B 379 -65.23 5.70 16.35
CA THR B 379 -65.37 6.23 17.70
C THR B 379 -66.25 7.51 17.73
N LYS B 380 -66.60 7.97 18.93
CA LYS B 380 -67.39 9.18 19.10
C LYS B 380 -66.44 10.36 19.34
N LEU B 381 -66.33 11.23 18.35
CA LEU B 381 -65.46 12.40 18.43
C LEU B 381 -66.14 13.45 19.29
N VAL B 382 -65.47 13.89 20.36
CA VAL B 382 -66.09 14.86 21.26
C VAL B 382 -65.13 15.98 21.56
N GLY B 383 -65.63 17.09 22.11
CA GLY B 383 -64.76 18.17 22.51
C GLY B 383 -64.29 17.97 23.94
N CYS B 384 -63.56 18.98 24.42
CA CYS B 384 -63.00 18.95 25.77
C CYS B 384 -64.06 18.81 26.85
N LYS B 385 -65.05 19.69 26.82
CA LYS B 385 -66.07 19.73 27.86
C LYS B 385 -66.85 18.42 27.93
N GLU B 386 -67.23 17.90 26.76
CA GLU B 386 -68.04 16.68 26.69
C GLU B 386 -67.27 15.45 27.18
N MET B 387 -65.97 15.41 26.92
CA MET B 387 -65.14 14.33 27.46
C MET B 387 -65.15 14.40 28.99
N GLY B 388 -64.95 15.60 29.54
CA GLY B 388 -65.02 15.79 30.98
C GLY B 388 -66.34 15.33 31.57
N GLU B 389 -67.44 15.71 30.92
CA GLU B 389 -68.75 15.33 31.43
C GLU B 389 -68.96 13.82 31.39
N GLU B 390 -68.36 13.17 30.41
CA GLU B 390 -68.45 11.71 30.34
C GLU B 390 -67.66 11.07 31.49
N VAL B 391 -66.47 11.59 31.78
CA VAL B 391 -65.71 11.09 32.93
C VAL B 391 -66.49 11.37 34.22
N LEU B 392 -67.05 12.57 34.33
CA LEU B 392 -67.83 12.96 35.51
C LEU B 392 -69.01 12.05 35.79
N LYS B 393 -69.75 11.68 34.75
CA LYS B 393 -70.93 10.86 34.99
C LYS B 393 -70.56 9.41 35.28
N SER B 394 -69.39 8.99 34.83
CA SER B 394 -68.91 7.67 35.22
C SER B 394 -68.56 7.66 36.70
N VAL B 395 -67.85 8.70 37.15
CA VAL B 395 -67.56 8.86 38.58
C VAL B 395 -68.83 8.83 39.42
N ASP B 396 -69.80 9.62 39.05
CA ASP B 396 -71.04 9.81 39.79
C ASP B 396 -71.97 8.63 39.64
N SER B 397 -71.67 7.77 38.72
CA SER B 397 -72.41 6.57 38.48
C SER B 397 -72.21 5.64 39.62
N GLN B 398 -71.01 5.68 40.16
CA GLN B 398 -70.53 4.72 41.11
C GLN B 398 -70.84 5.10 42.56
N LYS C 39 11.07 0.33 11.66
CA LYS C 39 11.61 1.21 10.61
C LYS C 39 10.72 1.16 9.38
N ARG C 40 10.58 2.31 8.72
CA ARG C 40 9.69 2.42 7.57
C ARG C 40 10.47 2.90 6.35
N TYR C 41 10.38 2.15 5.26
CA TYR C 41 11.10 2.51 4.03
C TYR C 41 10.15 2.73 2.86
N THR C 42 10.56 3.57 1.91
CA THR C 42 9.80 3.78 0.69
C THR C 42 10.47 3.03 -0.47
N ILE C 43 9.70 2.19 -1.14
CA ILE C 43 10.21 1.37 -2.23
C ILE C 43 9.47 1.66 -3.54
N THR C 44 10.22 2.07 -4.56
CA THR C 44 9.64 2.22 -5.89
C THR C 44 9.71 0.90 -6.63
N LEU C 45 8.57 0.40 -7.09
CA LEU C 45 8.57 -0.81 -7.90
C LEU C 45 8.50 -0.44 -9.39
N LEU C 46 9.37 -1.06 -10.16
CA LEU C 46 9.39 -0.87 -11.62
C LEU C 46 9.17 -2.24 -12.26
N PRO C 47 7.91 -2.67 -12.32
CA PRO C 47 7.55 -4.01 -12.83
C PRO C 47 8.04 -4.23 -14.26
N GLY C 48 7.83 -3.26 -15.14
CA GLY C 48 8.34 -3.37 -16.50
C GLY C 48 7.50 -4.25 -17.41
N ASP C 49 8.17 -5.05 -18.21
CA ASP C 49 7.55 -5.74 -19.33
C ASP C 49 7.51 -7.25 -19.11
N GLY C 50 6.75 -7.94 -19.96
CA GLY C 50 6.70 -9.40 -19.94
C GLY C 50 6.34 -9.99 -18.60
N ILE C 51 7.23 -10.84 -18.07
CA ILE C 51 6.97 -11.50 -16.80
C ILE C 51 7.30 -10.59 -15.61
N GLY C 52 7.86 -9.41 -15.92
CA GLY C 52 8.25 -8.45 -14.92
C GLY C 52 7.23 -8.20 -13.82
N PRO C 53 6.00 -7.79 -14.22
CA PRO C 53 4.94 -7.57 -13.22
C PRO C 53 4.59 -8.81 -12.37
N GLU C 54 4.58 -10.00 -12.97
CA GLU C 54 4.33 -11.23 -12.21
C GLU C 54 5.34 -11.42 -11.08
N VAL C 55 6.62 -11.42 -11.44
CA VAL C 55 7.67 -11.72 -10.46
C VAL C 55 7.86 -10.59 -9.45
N VAL C 56 7.63 -9.35 -9.86
CA VAL C 56 7.71 -8.24 -8.91
C VAL C 56 6.56 -8.30 -7.90
N SER C 57 5.39 -8.71 -8.37
CA SER C 57 4.26 -8.87 -7.45
C SER C 57 4.55 -9.92 -6.39
N ILE C 58 5.21 -11.00 -6.79
CA ILE C 58 5.57 -12.05 -5.84
C ILE C 58 6.61 -11.52 -4.85
N ALA C 59 7.64 -10.89 -5.37
CA ALA C 59 8.74 -10.39 -4.53
C ALA C 59 8.27 -9.35 -3.50
N LYS C 60 7.37 -8.47 -3.93
CA LYS C 60 6.77 -7.49 -3.03
C LYS C 60 6.18 -8.15 -1.79
N ASN C 61 5.38 -9.21 -2.00
CA ASN C 61 4.74 -9.90 -0.89
C ASN C 61 5.76 -10.60 0.02
N VAL C 62 6.77 -11.22 -0.56
CA VAL C 62 7.80 -11.86 0.26
C VAL C 62 8.54 -10.78 1.06
N LEU C 63 8.87 -9.68 0.38
CA LEU C 63 9.54 -8.56 1.00
C LEU C 63 8.75 -8.06 2.22
N GLN C 64 7.44 -7.90 2.05
CA GLN C 64 6.58 -7.44 3.16
C GLN C 64 6.61 -8.38 4.35
N GLN C 65 6.46 -9.67 4.07
CA GLN C 65 6.35 -10.67 5.12
C GLN C 65 7.64 -10.87 5.90
N ALA C 66 8.75 -10.93 5.17
CA ALA C 66 10.07 -11.07 5.78
C ALA C 66 10.43 -9.84 6.60
N GLY C 67 10.09 -8.66 6.09
CA GLY C 67 10.36 -7.41 6.78
C GLY C 67 9.57 -7.20 8.07
N SER C 68 8.31 -7.62 8.09
CA SER C 68 7.48 -7.46 9.28
C SER C 68 8.05 -8.25 10.46
N LEU C 69 8.69 -9.37 10.17
CA LEU C 69 9.23 -10.23 11.23
C LEU C 69 10.46 -9.59 11.86
N GLU C 70 11.03 -8.61 11.15
CA GLU C 70 12.15 -7.85 11.67
C GLU C 70 11.68 -6.45 12.05
N GLY C 71 10.37 -6.26 12.14
CA GLY C 71 9.80 -4.98 12.49
C GLY C 71 10.12 -3.90 11.48
N VAL C 72 10.00 -4.24 10.20
CA VAL C 72 10.21 -3.28 9.12
C VAL C 72 8.94 -3.18 8.26
N GLU C 73 8.57 -1.94 7.91
CA GLU C 73 7.37 -1.67 7.11
C GLU C 73 7.76 -1.04 5.78
N PHE C 74 6.93 -1.23 4.76
CA PHE C 74 7.23 -0.66 3.45
C PHE C 74 6.07 0.15 2.89
N ASN C 75 6.40 1.27 2.26
CA ASN C 75 5.47 2.01 1.43
C ASN C 75 5.88 1.79 -0.02
N PHE C 76 5.05 1.07 -0.78
CA PHE C 76 5.35 0.73 -2.18
C PHE C 76 4.62 1.64 -3.16
N ARG C 77 5.25 1.88 -4.30
CA ARG C 77 4.63 2.65 -5.37
C ARG C 77 5.15 2.08 -6.68
N GLU C 78 4.25 1.81 -7.62
CA GLU C 78 4.65 1.27 -8.91
C GLU C 78 4.76 2.42 -9.89
N MET C 79 5.80 2.43 -10.72
CA MET C 79 5.95 3.45 -11.74
C MET C 79 6.35 2.77 -13.06
N PRO C 80 6.05 3.43 -14.19
CA PRO C 80 6.32 2.78 -15.48
C PRO C 80 7.75 2.94 -15.97
N ILE C 81 8.25 1.90 -16.62
CA ILE C 81 9.56 1.92 -17.28
C ILE C 81 9.53 0.94 -18.45
N GLY C 82 10.41 1.13 -19.43
CA GLY C 82 10.50 0.22 -20.55
C GLY C 82 9.33 0.32 -21.50
N GLY C 83 8.89 -0.83 -22.02
CA GLY C 83 7.75 -0.84 -22.94
C GLY C 83 6.47 -0.36 -22.28
N ALA C 84 6.34 -0.61 -20.99
CA ALA C 84 5.18 -0.12 -20.23
C ALA C 84 5.14 1.40 -20.28
N ALA C 85 6.30 2.03 -20.05
CA ALA C 85 6.38 3.49 -20.17
C ALA C 85 6.19 3.93 -21.62
N LEU C 86 6.79 3.21 -22.56
CA LEU C 86 6.60 3.58 -23.96
C LEU C 86 5.13 3.60 -24.36
N ASP C 87 4.40 2.56 -23.98
CA ASP C 87 2.98 2.47 -24.27
C ASP C 87 2.17 3.59 -23.61
N LEU C 88 2.60 4.02 -22.43
CA LEU C 88 1.85 4.98 -21.64
C LEU C 88 2.16 6.44 -21.98
N VAL C 89 3.45 6.78 -22.05
CA VAL C 89 3.86 8.17 -22.24
C VAL C 89 4.88 8.37 -23.38
N GLY C 90 5.11 7.33 -24.18
CA GLY C 90 5.92 7.48 -25.39
C GLY C 90 7.42 7.68 -25.18
N VAL C 91 7.88 7.42 -23.96
CA VAL C 91 9.32 7.44 -23.66
C VAL C 91 9.61 6.26 -22.73
N PRO C 92 10.84 5.71 -22.77
CA PRO C 92 11.09 4.51 -21.97
C PRO C 92 11.31 4.80 -20.49
N LEU C 93 11.58 6.05 -20.15
CA LEU C 93 11.76 6.41 -18.76
C LEU C 93 11.35 7.85 -18.56
N PRO C 94 10.12 8.08 -18.07
CA PRO C 94 9.58 9.43 -17.86
C PRO C 94 10.19 10.12 -16.65
N GLU C 95 10.22 11.45 -16.70
CA GLU C 95 10.75 12.25 -15.60
C GLU C 95 10.10 11.86 -14.25
N GLU C 96 8.80 11.63 -14.26
CA GLU C 96 8.11 11.30 -13.01
C GLU C 96 8.52 9.96 -12.39
N THR C 97 8.92 9.00 -13.23
CA THR C 97 9.43 7.74 -12.70
C THR C 97 10.79 7.94 -12.04
N ILE C 98 11.68 8.68 -12.70
CA ILE C 98 12.99 8.99 -12.11
C ILE C 98 12.83 9.70 -10.77
N SER C 99 11.97 10.72 -10.75
CA SER C 99 11.69 11.48 -9.53
C SER C 99 11.25 10.61 -8.37
N ALA C 100 10.33 9.70 -8.64
CA ALA C 100 9.83 8.82 -7.58
C ALA C 100 10.94 7.90 -7.10
N ALA C 101 11.71 7.37 -8.04
CA ALA C 101 12.84 6.48 -7.72
C ALA C 101 13.86 7.20 -6.86
N LYS C 102 14.23 8.42 -7.26
CA LYS C 102 15.23 9.17 -6.50
C LYS C 102 14.76 9.56 -5.10
N GLU C 103 13.44 9.70 -4.92
CA GLU C 103 12.88 9.96 -3.59
C GLU C 103 12.71 8.69 -2.76
N SER C 104 13.05 7.54 -3.33
CA SER C 104 12.88 6.25 -2.64
C SER C 104 14.07 5.85 -1.77
N ASP C 105 13.87 4.85 -0.92
CA ASP C 105 14.97 4.25 -0.18
C ASP C 105 15.61 3.14 -1.01
N ALA C 106 14.82 2.54 -1.89
CA ALA C 106 15.32 1.49 -2.77
C ALA C 106 14.37 1.26 -3.94
N VAL C 107 14.90 0.69 -5.01
CA VAL C 107 14.13 0.45 -6.22
C VAL C 107 14.24 -1.01 -6.61
N LEU C 108 13.09 -1.64 -6.84
CA LEU C 108 13.04 -3.04 -7.27
C LEU C 108 12.44 -3.06 -8.66
N LEU C 109 13.22 -3.54 -9.62
CA LEU C 109 12.83 -3.57 -11.03
C LEU C 109 12.60 -5.01 -11.47
N GLY C 110 11.58 -5.22 -12.29
CA GLY C 110 11.30 -6.54 -12.83
C GLY C 110 12.10 -6.91 -14.07
N ALA C 111 11.58 -6.57 -15.24
CA ALA C 111 12.22 -6.91 -16.49
C ALA C 111 11.85 -5.92 -17.57
N ILE C 112 12.67 -5.87 -18.61
CA ILE C 112 12.55 -4.85 -19.64
C ILE C 112 12.71 -5.50 -21.01
N GLY C 113 11.84 -5.16 -21.97
CA GLY C 113 11.99 -5.66 -23.33
C GLY C 113 10.74 -6.30 -23.91
N GLY C 114 10.57 -6.17 -25.22
CA GLY C 114 9.45 -6.78 -25.93
C GLY C 114 9.61 -6.65 -27.43
N TYR C 115 8.93 -7.50 -28.19
CA TYR C 115 9.02 -7.51 -29.64
C TYR C 115 8.41 -6.26 -30.23
N LYS C 116 7.40 -5.74 -29.55
CA LYS C 116 6.57 -4.62 -30.00
C LYS C 116 7.41 -3.41 -30.38
N TRP C 117 8.48 -3.19 -29.63
CA TRP C 117 9.25 -1.95 -29.77
C TRP C 117 10.55 -2.15 -30.54
N ASP C 118 10.70 -3.31 -31.18
CA ASP C 118 11.97 -3.63 -31.83
C ASP C 118 12.17 -2.91 -33.17
N ASN C 119 11.12 -2.27 -33.68
CA ASN C 119 11.23 -1.48 -34.91
C ASN C 119 11.34 0.01 -34.63
N ASN C 120 11.47 0.37 -33.35
CA ASN C 120 11.59 1.76 -32.95
C ASN C 120 13.00 2.31 -33.10
N GLU C 121 13.11 3.62 -33.29
CA GLU C 121 14.41 4.28 -33.26
C GLU C 121 15.04 4.03 -31.89
N LYS C 122 16.37 4.05 -31.80
CA LYS C 122 17.04 3.60 -30.56
C LYS C 122 16.62 4.33 -29.29
N HIS C 123 16.26 5.60 -29.39
CA HIS C 123 15.85 6.33 -28.18
C HIS C 123 14.50 5.84 -27.66
N LEU C 124 13.74 5.15 -28.52
CA LEU C 124 12.39 4.72 -28.16
C LEU C 124 12.30 3.19 -28.00
N ARG C 125 13.36 2.60 -27.45
CA ARG C 125 13.37 1.17 -27.14
C ARG C 125 13.43 1.00 -25.65
N PRO C 126 12.81 -0.08 -25.13
CA PRO C 126 12.72 -0.33 -23.69
C PRO C 126 14.08 -0.29 -22.99
N GLU C 127 15.10 -0.86 -23.63
CA GLU C 127 16.41 -0.96 -22.98
C GLU C 127 17.05 0.40 -22.76
N LYS C 128 16.61 1.39 -23.52
CA LYS C 128 17.12 2.75 -23.32
C LYS C 128 16.75 3.22 -21.91
N GLY C 129 15.55 2.83 -21.47
CA GLY C 129 15.07 3.20 -20.15
C GLY C 129 15.91 2.59 -19.04
N LEU C 130 16.44 1.39 -19.28
CA LEU C 130 17.30 0.75 -18.29
C LEU C 130 18.66 1.46 -18.17
N LEU C 131 19.25 1.83 -19.31
CA LEU C 131 20.48 2.62 -19.29
C LEU C 131 20.28 3.98 -18.60
N GLN C 132 19.17 4.63 -18.90
CA GLN C 132 18.88 5.92 -18.28
C GLN C 132 18.67 5.85 -16.76
N ILE C 133 18.02 4.79 -16.26
CA ILE C 133 17.75 4.70 -14.82
C ILE C 133 19.05 4.41 -14.05
N ARG C 134 19.94 3.61 -14.66
CA ARG C 134 21.24 3.38 -14.05
C ARG C 134 22.03 4.68 -13.94
N ALA C 135 22.03 5.47 -15.00
CA ALA C 135 22.76 6.72 -15.01
C ALA C 135 22.11 7.73 -14.05
N ALA C 136 20.78 7.77 -14.05
CA ALA C 136 20.06 8.73 -13.20
C ALA C 136 20.28 8.48 -11.71
N LEU C 137 20.37 7.21 -11.31
CA LEU C 137 20.54 6.90 -9.89
C LEU C 137 22.01 6.77 -9.51
N LYS C 138 22.89 6.84 -10.52
CA LYS C 138 24.33 6.82 -10.29
C LYS C 138 24.77 5.56 -9.54
N VAL C 139 24.13 4.45 -9.88
CA VAL C 139 24.42 3.17 -9.26
C VAL C 139 25.61 2.48 -9.96
N PHE C 140 26.80 3.05 -9.76
CA PHE C 140 28.03 2.59 -10.44
C PHE C 140 28.46 1.16 -10.12
N ALA C 141 28.04 0.64 -8.97
CA ALA C 141 28.53 -0.65 -8.49
C ALA C 141 27.54 -1.78 -8.68
N ASN C 142 27.78 -2.63 -9.67
CA ASN C 142 26.85 -3.72 -9.99
C ASN C 142 27.38 -5.04 -9.44
N LEU C 143 26.58 -5.65 -8.56
CA LEU C 143 26.96 -6.88 -7.88
C LEU C 143 26.15 -8.02 -8.45
N ARG C 144 26.84 -8.98 -9.07
N ARG C 144 26.84 -8.98 -9.07
CA ARG C 144 26.15 -10.14 -9.62
CA ARG C 144 26.16 -10.15 -9.62
C ARG C 144 26.78 -11.45 -9.15
C ARG C 144 26.80 -11.45 -9.15
N PRO C 145 26.19 -12.06 -8.12
CA PRO C 145 26.71 -13.32 -7.59
C PRO C 145 26.29 -14.46 -8.49
N ALA C 146 27.26 -15.27 -8.91
CA ALA C 146 26.95 -16.49 -9.66
C ALA C 146 27.30 -17.70 -8.81
N THR C 147 26.27 -18.39 -8.34
CA THR C 147 26.46 -19.56 -7.50
C THR C 147 25.79 -20.78 -8.16
N VAL C 148 26.42 -21.94 -8.04
CA VAL C 148 25.76 -23.18 -8.42
C VAL C 148 25.14 -23.74 -7.16
N LEU C 149 23.82 -23.72 -7.10
CA LEU C 149 23.11 -24.32 -5.97
C LEU C 149 23.20 -25.84 -6.08
N PRO C 150 23.44 -26.52 -4.95
CA PRO C 150 23.64 -27.97 -4.85
C PRO C 150 22.44 -28.73 -5.40
N GLN C 151 21.24 -28.18 -5.19
CA GLN C 151 20.01 -28.80 -5.66
C GLN C 151 19.91 -28.76 -7.19
N LEU C 152 20.64 -27.82 -7.80
CA LEU C 152 20.48 -27.53 -9.23
C LEU C 152 21.76 -27.76 -10.06
N VAL C 153 22.68 -28.58 -9.54
CA VAL C 153 23.97 -28.79 -10.19
C VAL C 153 23.84 -29.32 -11.62
N ASP C 154 22.91 -30.25 -11.82
CA ASP C 154 22.76 -30.91 -13.11
C ASP C 154 22.26 -29.96 -14.20
N ALA C 155 21.71 -28.81 -13.82
CA ALA C 155 21.23 -27.85 -14.81
C ALA C 155 22.37 -27.21 -15.61
N SER C 156 23.58 -27.23 -15.06
CA SER C 156 24.73 -26.68 -15.78
C SER C 156 25.15 -27.62 -16.89
N THR C 157 25.62 -27.06 -18.00
CA THR C 157 26.22 -27.85 -19.07
C THR C 157 27.64 -28.32 -18.74
N LEU C 158 28.23 -27.75 -17.70
CA LEU C 158 29.54 -28.23 -17.23
C LEU C 158 29.37 -29.54 -16.49
N LYS C 159 30.40 -30.39 -16.53
CA LYS C 159 30.39 -31.62 -15.75
C LYS C 159 30.23 -31.33 -14.27
N ARG C 160 29.59 -32.26 -13.55
CA ARG C 160 29.24 -32.05 -12.16
C ARG C 160 30.43 -31.63 -11.29
N GLU C 161 31.57 -32.27 -11.49
CA GLU C 161 32.73 -31.99 -10.62
C GLU C 161 33.35 -30.62 -10.91
N VAL C 162 33.01 -30.03 -12.06
CA VAL C 162 33.51 -28.70 -12.40
C VAL C 162 32.53 -27.64 -11.91
N ALA C 163 31.24 -27.94 -11.98
CA ALA C 163 30.22 -26.94 -11.65
C ALA C 163 29.93 -26.87 -10.15
N GLU C 164 29.97 -28.03 -9.50
CA GLU C 164 29.64 -28.12 -8.08
C GLU C 164 30.55 -27.20 -7.28
N GLY C 165 29.95 -26.34 -6.44
CA GLY C 165 30.72 -25.50 -5.55
C GLY C 165 31.14 -24.16 -6.10
N VAL C 166 30.73 -23.86 -7.33
CA VAL C 166 31.03 -22.55 -7.92
C VAL C 166 30.30 -21.45 -7.14
N ASP C 167 31.04 -20.39 -6.80
CA ASP C 167 30.52 -19.32 -5.97
C ASP C 167 31.39 -18.10 -6.20
N LEU C 168 31.00 -17.28 -7.17
CA LEU C 168 31.76 -16.07 -7.44
C LEU C 168 30.85 -14.86 -7.43
N MET C 169 31.47 -13.68 -7.34
CA MET C 169 30.75 -12.43 -7.37
C MET C 169 31.39 -11.53 -8.40
N VAL C 170 30.61 -11.08 -9.40
CA VAL C 170 31.16 -10.17 -10.40
C VAL C 170 30.77 -8.78 -9.98
N VAL C 171 31.77 -7.92 -9.82
CA VAL C 171 31.55 -6.51 -9.51
C VAL C 171 31.80 -5.73 -10.78
N ARG C 172 30.75 -5.15 -11.34
CA ARG C 172 30.79 -4.55 -12.68
C ARG C 172 30.62 -3.05 -12.58
N GLU C 173 31.53 -2.30 -13.19
CA GLU C 173 31.38 -0.85 -13.24
C GLU C 173 30.19 -0.55 -14.15
N LEU C 174 29.18 0.15 -13.64
CA LEU C 174 27.90 0.15 -14.35
C LEU C 174 27.52 1.48 -14.99
N THR C 175 28.21 2.55 -14.64
CA THR C 175 27.79 3.86 -15.14
C THR C 175 28.83 4.63 -15.93
N GLY C 176 29.91 3.96 -16.32
CA GLY C 176 30.94 4.63 -17.09
C GLY C 176 31.40 3.78 -18.26
N GLY C 177 32.64 4.02 -18.69
CA GLY C 177 33.22 3.27 -19.79
C GLY C 177 32.54 3.54 -21.12
N ILE C 178 32.55 2.55 -21.99
CA ILE C 178 32.09 2.72 -23.37
C ILE C 178 30.56 2.88 -23.47
N TYR C 179 29.83 2.40 -22.46
CA TYR C 179 28.38 2.55 -22.45
C TYR C 179 27.96 4.00 -22.46
N PHE C 180 28.72 4.84 -21.76
CA PHE C 180 28.32 6.23 -21.58
C PHE C 180 29.35 7.22 -22.08
N GLY C 181 30.45 6.72 -22.65
CA GLY C 181 31.55 7.59 -23.08
C GLY C 181 31.24 8.48 -24.28
N GLU C 182 31.83 9.66 -24.28
CA GLU C 182 31.75 10.59 -25.42
C GLU C 182 33.15 10.89 -25.91
N PRO C 183 33.32 11.18 -27.21
CA PRO C 183 32.29 11.28 -28.25
C PRO C 183 31.75 9.92 -28.73
N ARG C 184 30.60 9.97 -29.39
CA ARG C 184 30.02 8.76 -29.95
C ARG C 184 29.11 9.16 -31.09
N GLY C 185 28.84 8.23 -31.99
CA GLY C 185 27.90 8.53 -33.05
C GLY C 185 28.15 7.73 -34.31
N ILE C 186 27.39 8.06 -35.33
CA ILE C 186 27.62 7.57 -36.68
C ILE C 186 27.61 8.80 -37.56
N LYS C 187 28.71 9.00 -38.27
CA LYS C 187 28.84 10.17 -39.13
C LYS C 187 29.21 9.74 -40.54
N THR C 188 29.05 10.63 -41.50
CA THR C 188 29.45 10.33 -42.86
C THR C 188 30.72 11.12 -43.16
N ASN C 189 31.76 10.42 -43.59
CA ASN C 189 33.03 11.08 -43.91
C ASN C 189 33.01 11.78 -45.27
N GLU C 190 34.16 12.30 -45.69
CA GLU C 190 34.28 13.02 -46.97
C GLU C 190 33.84 12.18 -48.18
N ASN C 191 34.15 10.89 -48.14
CA ASN C 191 33.83 9.98 -49.24
C ASN C 191 32.37 9.51 -49.27
N GLY C 192 31.58 10.00 -48.31
CA GLY C 192 30.19 9.59 -48.24
C GLY C 192 30.05 8.23 -47.62
N GLU C 193 31.08 7.82 -46.88
CA GLU C 193 31.09 6.54 -46.19
C GLU C 193 30.75 6.76 -44.72
N GLU C 194 29.90 5.89 -44.17
CA GLU C 194 29.56 6.03 -42.77
C GLU C 194 30.66 5.46 -41.87
N VAL C 195 30.84 6.10 -40.72
CA VAL C 195 31.83 5.73 -39.72
C VAL C 195 31.15 5.76 -38.36
N GLY C 196 31.12 4.61 -37.68
CA GLY C 196 30.47 4.54 -36.37
C GLY C 196 31.52 4.43 -35.29
N PHE C 197 31.30 5.12 -34.17
CA PHE C 197 32.32 5.19 -33.13
C PHE C 197 31.76 5.35 -31.72
N ASN C 198 32.54 4.85 -30.77
CA ASN C 198 32.25 4.98 -29.35
C ASN C 198 33.55 5.18 -28.60
N THR C 199 33.45 5.64 -27.37
CA THR C 199 34.66 5.93 -26.58
C THR C 199 34.63 5.21 -25.26
N GLU C 200 35.59 4.32 -25.07
CA GLU C 200 35.80 3.70 -23.77
C GLU C 200 36.64 4.68 -22.99
N VAL C 201 36.09 5.24 -21.92
CA VAL C 201 36.79 6.28 -21.18
C VAL C 201 36.52 6.13 -19.68
N TYR C 202 37.58 6.24 -18.90
CA TYR C 202 37.47 6.18 -17.45
C TYR C 202 38.32 7.25 -16.82
N ALA C 203 37.74 7.98 -15.87
CA ALA C 203 38.52 8.84 -15.00
C ALA C 203 39.00 8.01 -13.80
N ALA C 204 40.06 8.46 -13.14
CA ALA C 204 40.63 7.71 -12.02
C ALA C 204 39.63 7.40 -10.90
N HIS C 205 38.85 8.41 -10.50
CA HIS C 205 37.93 8.23 -9.38
C HIS C 205 36.84 7.21 -9.70
N GLU C 206 36.50 7.04 -10.98
CA GLU C 206 35.48 6.06 -11.37
C GLU C 206 36.00 4.64 -11.19
N ILE C 207 37.29 4.45 -11.44
CA ILE C 207 37.95 3.15 -11.26
C ILE C 207 38.19 2.90 -9.78
N ASP C 208 38.65 3.92 -9.06
CA ASP C 208 38.85 3.79 -7.62
C ASP C 208 37.63 3.31 -6.85
N ARG C 209 36.47 3.91 -7.13
CA ARG C 209 35.28 3.60 -6.33
C ARG C 209 34.76 2.19 -6.59
N ILE C 210 34.88 1.70 -7.82
CA ILE C 210 34.42 0.35 -8.12
C ILE C 210 35.42 -0.68 -7.56
N ALA C 211 36.70 -0.35 -7.62
CA ALA C 211 37.73 -1.20 -7.03
C ALA C 211 37.52 -1.32 -5.53
N ARG C 212 37.24 -0.20 -4.87
CA ARG C 212 37.01 -0.22 -3.43
C ARG C 212 35.86 -1.16 -3.04
N VAL C 213 34.77 -1.10 -3.80
CA VAL C 213 33.62 -1.98 -3.56
C VAL C 213 34.08 -3.41 -3.73
N ALA C 214 34.85 -3.66 -4.78
CA ALA C 214 35.38 -4.99 -5.05
C ALA C 214 36.25 -5.51 -3.91
N PHE C 215 37.21 -4.69 -3.45
CA PHE C 215 38.10 -5.11 -2.37
C PHE C 215 37.35 -5.46 -1.09
N GLU C 216 36.36 -4.66 -0.74
CA GLU C 216 35.63 -4.94 0.49
C GLU C 216 34.64 -6.10 0.30
N THR C 217 34.23 -6.35 -0.93
CA THR C 217 33.39 -7.51 -1.20
C THR C 217 34.22 -8.77 -1.02
N ALA C 218 35.42 -8.75 -1.57
CA ALA C 218 36.35 -9.89 -1.51
C ALA C 218 36.72 -10.18 -0.06
N ARG C 219 36.92 -9.11 0.69
CA ARG C 219 37.19 -9.17 2.13
C ARG C 219 36.13 -9.96 2.88
N LYS C 220 34.89 -9.93 2.39
CA LYS C 220 33.76 -10.56 3.08
C LYS C 220 33.53 -11.99 2.61
N ARG C 221 34.35 -12.43 1.66
CA ARG C 221 34.16 -13.75 1.07
C ARG C 221 35.40 -14.59 1.37
N ARG C 222 36.24 -14.82 0.38
CA ARG C 222 37.43 -15.65 0.61
C ARG C 222 38.74 -14.86 0.58
N GLY C 223 38.63 -13.55 0.39
CA GLY C 223 39.80 -12.67 0.40
C GLY C 223 40.62 -12.71 -0.88
N LYS C 224 39.98 -13.06 -1.98
CA LYS C 224 40.65 -13.06 -3.28
C LYS C 224 39.93 -12.22 -4.31
N LEU C 225 40.65 -11.27 -4.89
CA LEU C 225 40.08 -10.42 -5.94
C LEU C 225 40.87 -10.50 -7.25
N CYS C 226 40.16 -10.80 -8.33
CA CYS C 226 40.78 -10.82 -9.66
C CYS C 226 40.27 -9.64 -10.47
N SER C 227 41.18 -8.73 -10.83
CA SER C 227 40.80 -7.59 -11.66
C SER C 227 41.01 -7.94 -13.12
N VAL C 228 39.97 -7.71 -13.93
CA VAL C 228 40.01 -8.12 -15.32
C VAL C 228 40.01 -6.92 -16.26
N ASP C 229 40.95 -6.92 -17.20
CA ASP C 229 41.10 -5.78 -18.12
C ASP C 229 41.63 -6.25 -19.47
N LYS C 230 41.97 -5.32 -20.35
CA LYS C 230 42.72 -5.64 -21.57
C LYS C 230 43.96 -4.72 -21.64
N ALA C 231 44.75 -4.72 -20.55
CA ALA C 231 45.88 -3.80 -20.42
C ALA C 231 47.04 -4.10 -21.35
N ASN C 232 47.00 -5.25 -22.04
CA ASN C 232 48.05 -5.53 -23.02
C ASN C 232 47.76 -4.87 -24.36
N VAL C 233 46.61 -4.19 -24.45
CA VAL C 233 46.23 -3.51 -25.70
C VAL C 233 45.73 -2.07 -25.50
N LEU C 234 44.93 -1.85 -24.46
CA LEU C 234 44.18 -0.60 -24.31
C LEU C 234 44.70 0.30 -23.19
N GLU C 235 44.98 1.57 -23.51
CA GLU C 235 45.40 2.57 -22.53
C GLU C 235 44.39 2.72 -21.40
N ALA C 236 43.11 2.61 -21.73
CA ALA C 236 42.08 2.74 -20.70
C ALA C 236 42.21 1.60 -19.67
N SER C 237 42.65 0.42 -20.14
CA SER C 237 42.85 -0.72 -19.23
C SER C 237 44.17 -0.64 -18.46
N ILE C 238 45.17 -0.01 -19.08
CA ILE C 238 46.41 0.27 -18.37
C ILE C 238 46.11 1.14 -17.16
N LEU C 239 45.28 2.17 -17.33
CA LEU C 239 44.92 3.01 -16.19
C LEU C 239 44.11 2.21 -15.17
N TRP C 240 43.18 1.39 -15.67
CA TRP C 240 42.37 0.53 -14.81
C TRP C 240 43.29 -0.28 -13.92
N ARG C 241 44.20 -1.02 -14.54
CA ARG C 241 45.17 -1.86 -13.85
C ARG C 241 45.99 -1.05 -12.85
N LYS C 242 46.44 0.13 -13.29
CA LYS C 242 47.26 1.02 -12.45
C LYS C 242 46.55 1.39 -11.15
N ARG C 243 45.29 1.83 -11.26
CA ARG C 243 44.54 2.31 -10.11
C ARG C 243 44.20 1.19 -9.14
N VAL C 244 43.77 0.05 -9.67
CA VAL C 244 43.44 -1.10 -8.83
C VAL C 244 44.66 -1.60 -8.08
N THR C 245 45.79 -1.67 -8.79
CA THR C 245 47.06 -2.09 -8.19
C THR C 245 47.48 -1.19 -7.03
N ALA C 246 47.29 0.11 -7.19
CA ALA C 246 47.75 1.07 -6.19
C ALA C 246 46.87 1.01 -4.94
N LEU C 247 45.64 0.55 -5.13
CA LEU C 247 44.66 0.48 -4.04
C LEU C 247 44.92 -0.73 -3.15
N ALA C 248 45.70 -1.67 -3.67
CA ALA C 248 45.96 -2.93 -2.95
C ALA C 248 46.54 -2.70 -1.57
N SER C 249 47.33 -1.63 -1.44
CA SER C 249 48.00 -1.33 -0.17
C SER C 249 47.01 -0.97 0.93
N GLU C 250 45.81 -0.56 0.56
CA GLU C 250 44.81 -0.22 1.56
C GLU C 250 44.03 -1.46 1.98
N TYR C 251 44.18 -2.53 1.20
CA TYR C 251 43.57 -3.81 1.51
C TYR C 251 44.60 -4.95 1.47
N PRO C 252 45.58 -4.92 2.38
CA PRO C 252 46.69 -5.90 2.35
C PRO C 252 46.23 -7.29 2.76
N ASP C 253 44.98 -7.37 3.22
CA ASP C 253 44.34 -8.62 3.60
C ASP C 253 43.64 -9.29 2.40
N VAL C 254 43.73 -8.66 1.24
CA VAL C 254 43.10 -9.20 0.04
C VAL C 254 44.16 -9.59 -0.98
N GLU C 255 44.01 -10.80 -1.53
CA GLU C 255 44.95 -11.29 -2.52
C GLU C 255 44.49 -10.83 -3.89
N LEU C 256 45.20 -9.85 -4.43
CA LEU C 256 44.81 -9.26 -5.72
C LEU C 256 45.58 -9.93 -6.84
N SER C 257 44.88 -10.23 -7.93
CA SER C 257 45.52 -10.74 -9.12
C SER C 257 44.85 -10.10 -10.33
N HIS C 258 45.53 -10.17 -11.47
CA HIS C 258 45.07 -9.49 -12.68
C HIS C 258 44.92 -10.50 -13.79
N MET C 259 43.93 -10.31 -14.65
CA MET C 259 43.70 -11.27 -15.73
C MET C 259 43.12 -10.55 -16.93
N TYR C 260 43.58 -10.90 -18.13
CA TYR C 260 43.02 -10.33 -19.34
C TYR C 260 41.63 -10.91 -19.55
N VAL C 261 40.75 -10.10 -20.14
CA VAL C 261 39.36 -10.49 -20.33
C VAL C 261 39.20 -11.77 -21.18
N ASP C 262 40.03 -11.93 -22.20
CA ASP C 262 39.95 -13.16 -22.99
C ASP C 262 40.38 -14.41 -22.19
N ASN C 263 41.44 -14.29 -21.39
CA ASN C 263 41.76 -15.37 -20.44
C ASN C 263 40.66 -15.63 -19.40
N ALA C 264 40.02 -14.57 -18.92
CA ALA C 264 38.90 -14.71 -17.98
C ALA C 264 37.75 -15.51 -18.57
N ALA C 265 37.42 -15.20 -19.81
CA ALA C 265 36.37 -15.96 -20.51
C ALA C 265 36.72 -17.45 -20.61
N MET C 266 38.01 -17.77 -20.76
CA MET C 266 38.41 -19.17 -20.82
C MET C 266 38.41 -19.79 -19.43
N GLN C 267 38.89 -19.03 -18.45
CA GLN C 267 38.98 -19.57 -17.09
C GLN C 267 37.63 -19.86 -16.47
N LEU C 268 36.61 -19.09 -16.84
CA LEU C 268 35.27 -19.36 -16.33
C LEU C 268 34.74 -20.69 -16.83
N VAL C 269 35.17 -21.08 -18.03
CA VAL C 269 34.79 -22.38 -18.59
C VAL C 269 35.66 -23.49 -18.01
N ARG C 270 36.95 -23.21 -17.84
CA ARG C 270 37.89 -24.28 -17.46
C ARG C 270 37.86 -24.62 -15.98
N ASP C 271 37.86 -23.60 -15.13
CA ASP C 271 37.94 -23.80 -13.69
C ASP C 271 37.25 -22.62 -12.99
N PRO C 272 35.92 -22.54 -13.10
CA PRO C 272 35.23 -21.38 -12.51
C PRO C 272 35.33 -21.35 -10.98
N LYS C 273 35.65 -22.47 -10.34
CA LYS C 273 35.80 -22.47 -8.88
C LYS C 273 37.01 -21.70 -8.38
N GLN C 274 37.94 -21.37 -9.27
CA GLN C 274 39.11 -20.57 -8.87
C GLN C 274 38.71 -19.16 -8.43
N PHE C 275 37.56 -18.68 -8.88
CA PHE C 275 37.20 -17.29 -8.60
C PHE C 275 36.44 -17.10 -7.29
N ASP C 276 36.77 -15.99 -6.62
CA ASP C 276 36.05 -15.50 -5.44
C ASP C 276 35.34 -14.25 -5.91
N THR C 277 36.10 -13.17 -6.05
CA THR C 277 35.56 -11.91 -6.53
C THR C 277 36.28 -11.47 -7.81
N ILE C 278 35.50 -10.95 -8.75
CA ILE C 278 36.02 -10.42 -10.00
C ILE C 278 35.58 -8.96 -10.15
N VAL C 279 36.51 -8.07 -10.45
CA VAL C 279 36.15 -6.68 -10.75
C VAL C 279 36.54 -6.33 -12.17
N THR C 280 35.65 -5.65 -12.89
CA THR C 280 35.92 -5.31 -14.28
C THR C 280 35.01 -4.19 -14.75
N ASN C 281 35.21 -3.72 -15.97
CA ASN C 281 34.50 -2.55 -16.47
C ASN C 281 33.09 -2.85 -16.97
N ASN C 282 32.42 -1.83 -17.50
CA ASN C 282 31.05 -1.98 -17.97
C ASN C 282 30.89 -3.10 -19.02
N ILE C 283 31.59 -2.99 -20.14
CA ILE C 283 31.37 -3.95 -21.24
C ILE C 283 31.92 -5.35 -20.96
N PHE C 284 33.11 -5.43 -20.37
CA PHE C 284 33.65 -6.73 -19.99
C PHE C 284 32.79 -7.35 -18.89
N GLY C 285 32.31 -6.50 -17.98
CA GLY C 285 31.43 -6.91 -16.90
C GLY C 285 30.16 -7.51 -17.45
N ASP C 286 29.63 -6.88 -18.50
CA ASP C 286 28.42 -7.35 -19.13
C ASP C 286 28.63 -8.77 -19.69
N ILE C 287 29.69 -8.95 -20.46
CA ILE C 287 29.96 -10.24 -21.08
C ILE C 287 30.32 -11.34 -20.07
N LEU C 288 31.23 -11.05 -19.16
CA LEU C 288 31.71 -12.07 -18.22
C LEU C 288 30.65 -12.51 -17.19
N SER C 289 29.86 -11.56 -16.71
CA SER C 289 28.83 -11.91 -15.73
CA SER C 289 28.83 -11.91 -15.73
C SER C 289 27.76 -12.79 -16.40
N ASP C 290 27.48 -12.52 -17.67
CA ASP C 290 26.49 -13.30 -18.40
C ASP C 290 27.02 -14.71 -18.69
N GLU C 291 28.28 -14.80 -19.10
CA GLU C 291 28.91 -16.11 -19.20
C GLU C 291 28.88 -16.86 -17.86
N ALA C 292 29.31 -16.19 -16.79
CA ALA C 292 29.25 -16.77 -15.45
C ALA C 292 27.86 -17.29 -15.12
N SER C 293 26.85 -16.47 -15.41
CA SER C 293 25.46 -16.84 -15.15
C SER C 293 25.07 -18.14 -15.83
N MET C 294 25.40 -18.27 -17.12
CA MET C 294 24.99 -19.44 -17.88
C MET C 294 25.75 -20.67 -17.39
N ILE C 295 27.01 -20.46 -16.99
CA ILE C 295 27.81 -21.53 -16.41
C ILE C 295 27.15 -22.14 -15.17
N THR C 296 26.48 -21.32 -14.36
CA THR C 296 25.75 -21.86 -13.20
C THR C 296 24.59 -22.72 -13.66
N GLY C 297 24.03 -22.42 -14.84
CA GLY C 297 23.01 -23.26 -15.43
C GLY C 297 21.55 -22.85 -15.19
N SER C 298 21.31 -21.99 -14.22
CA SER C 298 19.93 -21.62 -13.88
C SER C 298 19.79 -20.10 -13.81
N ILE C 299 19.52 -19.50 -14.97
CA ILE C 299 19.38 -18.05 -15.08
C ILE C 299 18.24 -17.53 -14.22
N GLY C 300 17.20 -18.34 -14.04
CA GLY C 300 16.02 -17.90 -13.32
C GLY C 300 16.23 -17.77 -11.83
N MET C 301 17.43 -18.12 -11.36
CA MET C 301 17.76 -18.07 -9.93
C MET C 301 18.60 -16.86 -9.54
N LEU C 302 19.13 -16.14 -10.52
CA LEU C 302 20.21 -15.18 -10.25
C LEU C 302 19.75 -13.72 -10.08
N PRO C 303 20.05 -13.14 -8.91
CA PRO C 303 19.68 -11.76 -8.57
C PRO C 303 20.84 -10.81 -8.88
N SER C 304 20.59 -9.52 -8.74
CA SER C 304 21.63 -8.52 -8.94
C SER C 304 21.32 -7.28 -8.14
N ALA C 305 22.37 -6.51 -7.88
CA ALA C 305 22.24 -5.30 -7.10
C ALA C 305 23.08 -4.22 -7.77
N SER C 306 22.57 -2.99 -7.80
CA SER C 306 23.32 -1.88 -8.36
C SER C 306 23.31 -0.79 -7.32
N LEU C 307 24.50 -0.41 -6.85
CA LEU C 307 24.59 0.44 -5.67
C LEU C 307 25.22 1.80 -5.99
N SER C 308 24.77 2.84 -5.29
CA SER C 308 25.39 4.15 -5.44
C SER C 308 26.04 4.55 -4.13
N ASP C 309 26.74 5.68 -4.13
CA ASP C 309 27.42 6.10 -2.89
C ASP C 309 26.44 6.54 -1.82
N SER C 310 25.38 7.24 -2.22
CA SER C 310 24.47 7.89 -1.27
C SER C 310 22.99 7.57 -1.42
N GLY C 311 22.54 7.35 -2.65
CA GLY C 311 21.11 7.21 -2.91
C GLY C 311 20.60 5.78 -2.89
N PRO C 312 19.35 5.58 -3.36
CA PRO C 312 18.73 4.25 -3.43
C PRO C 312 19.41 3.35 -4.44
N GLY C 313 19.59 2.08 -4.06
CA GLY C 313 20.14 1.10 -4.97
C GLY C 313 19.06 0.60 -5.90
N LEU C 314 19.48 -0.08 -6.97
CA LEU C 314 18.54 -0.63 -7.92
C LEU C 314 18.71 -2.15 -7.92
N PHE C 315 17.62 -2.87 -7.75
CA PHE C 315 17.69 -4.33 -7.53
C PHE C 315 16.80 -5.05 -8.52
N GLU C 316 17.33 -6.07 -9.17
CA GLU C 316 16.63 -6.66 -10.30
C GLU C 316 17.22 -8.00 -10.72
N PRO C 317 16.38 -8.90 -11.21
CA PRO C 317 16.90 -10.19 -11.64
C PRO C 317 17.66 -9.99 -12.92
N ILE C 318 18.60 -10.88 -13.21
CA ILE C 318 19.35 -10.71 -14.46
C ILE C 318 18.61 -11.26 -15.67
N HIS C 319 17.61 -12.12 -15.47
CA HIS C 319 16.86 -12.64 -16.62
C HIS C 319 16.06 -11.57 -17.35
N GLY C 320 15.67 -11.87 -18.58
CA GLY C 320 14.92 -10.93 -19.41
C GLY C 320 13.43 -10.94 -19.08
N SER C 321 12.63 -10.38 -19.98
CA SER C 321 11.20 -10.27 -19.73
C SER C 321 10.40 -11.49 -20.15
N ALA C 322 11.09 -12.47 -20.76
CA ALA C 322 10.48 -13.72 -21.25
C ALA C 322 9.05 -13.60 -21.75
N PRO C 323 8.85 -12.85 -22.85
CA PRO C 323 7.51 -12.52 -23.35
C PRO C 323 6.67 -13.74 -23.70
N ASP C 324 7.31 -14.82 -24.15
CA ASP C 324 6.59 -16.01 -24.57
C ASP C 324 5.86 -16.75 -23.44
N ILE C 325 6.19 -16.43 -22.20
CA ILE C 325 5.47 -17.04 -21.07
C ILE C 325 4.74 -16.03 -20.16
N ALA C 326 4.76 -14.76 -20.55
CA ALA C 326 4.09 -13.72 -19.77
C ALA C 326 2.62 -14.02 -19.59
N GLY C 327 2.15 -13.93 -18.34
CA GLY C 327 0.74 -14.14 -18.04
C GLY C 327 0.34 -15.60 -17.98
N GLN C 328 1.29 -16.51 -18.09
CA GLN C 328 1.00 -17.95 -18.04
C GLN C 328 1.30 -18.59 -16.68
N ASP C 329 1.75 -17.79 -15.72
CA ASP C 329 2.08 -18.28 -14.37
C ASP C 329 3.18 -19.34 -14.41
N LYS C 330 4.14 -19.17 -15.31
CA LYS C 330 5.23 -20.12 -15.48
C LYS C 330 6.57 -19.59 -15.01
N ALA C 331 6.71 -18.27 -14.97
CA ALA C 331 7.99 -17.63 -14.67
C ALA C 331 8.55 -18.06 -13.30
N ASN C 332 9.88 -18.01 -13.18
CA ASN C 332 10.56 -18.30 -11.91
C ASN C 332 10.68 -17.00 -11.11
N PRO C 333 10.02 -16.92 -9.95
CA PRO C 333 10.03 -15.66 -9.21
C PRO C 333 11.24 -15.58 -8.29
N LEU C 334 12.03 -16.65 -8.23
CA LEU C 334 13.10 -16.74 -7.21
C LEU C 334 14.20 -15.71 -7.43
N ALA C 335 14.52 -15.40 -8.68
CA ALA C 335 15.56 -14.39 -8.90
C ALA C 335 15.14 -13.01 -8.37
N THR C 336 13.87 -12.68 -8.55
CA THR C 336 13.38 -11.37 -8.08
C THR C 336 13.27 -11.38 -6.57
N ILE C 337 12.82 -12.49 -6.02
CA ILE C 337 12.76 -12.65 -4.58
C ILE C 337 14.16 -12.50 -3.96
N LEU C 338 15.15 -13.16 -4.56
CA LEU C 338 16.52 -13.05 -4.10
C LEU C 338 17.09 -11.66 -4.37
N SER C 339 16.52 -10.96 -5.36
CA SER C 339 16.88 -9.57 -5.60
C SER C 339 16.31 -8.67 -4.51
N ALA C 340 15.17 -9.05 -3.97
CA ALA C 340 14.60 -8.31 -2.86
C ALA C 340 15.39 -8.57 -1.58
N ALA C 341 15.97 -9.76 -1.46
CA ALA C 341 16.89 -10.02 -0.34
C ALA C 341 18.12 -9.11 -0.46
N MET C 342 18.63 -8.94 -1.69
CA MET C 342 19.77 -8.06 -1.90
C MET C 342 19.39 -6.62 -1.57
N LEU C 343 18.17 -6.24 -1.93
CA LEU C 343 17.64 -4.92 -1.59
C LEU C 343 17.69 -4.68 -0.07
N LEU C 344 17.24 -5.66 0.71
CA LEU C 344 17.27 -5.56 2.17
C LEU C 344 18.69 -5.46 2.70
N LYS C 345 19.54 -6.36 2.24
CA LYS C 345 20.92 -6.46 2.73
C LYS C 345 21.79 -5.28 2.30
N TYR C 346 21.88 -5.06 0.99
CA TYR C 346 22.77 -4.03 0.45
C TYR C 346 22.15 -2.64 0.41
N GLY C 347 20.86 -2.59 0.11
CA GLY C 347 20.17 -1.33 -0.02
C GLY C 347 19.79 -0.67 1.30
N LEU C 348 19.43 -1.48 2.29
CA LEU C 348 18.82 -0.94 3.52
C LEU C 348 19.56 -1.33 4.81
N GLY C 349 20.51 -2.26 4.70
CA GLY C 349 21.21 -2.74 5.88
C GLY C 349 20.37 -3.62 6.78
N GLU C 350 19.27 -4.13 6.24
CA GLU C 350 18.39 -5.03 6.99
C GLU C 350 18.84 -6.48 6.77
N GLU C 351 19.88 -6.87 7.48
CA GLU C 351 20.57 -8.13 7.21
C GLU C 351 19.74 -9.33 7.61
N LYS C 352 19.11 -9.23 8.78
CA LYS C 352 18.31 -10.33 9.31
C LYS C 352 17.11 -10.65 8.41
N ALA C 353 16.42 -9.61 7.94
CA ALA C 353 15.27 -9.82 7.07
C ALA C 353 15.71 -10.46 5.75
N ALA C 354 16.87 -10.06 5.24
CA ALA C 354 17.39 -10.63 4.01
C ALA C 354 17.65 -12.12 4.19
N LYS C 355 18.16 -12.49 5.37
CA LYS C 355 18.48 -13.88 5.65
C LYS C 355 17.21 -14.75 5.71
N ARG C 356 16.11 -14.17 6.19
CA ARG C 356 14.82 -14.87 6.21
C ARG C 356 14.39 -15.24 4.80
N ILE C 357 14.58 -14.32 3.87
CA ILE C 357 14.26 -14.59 2.47
C ILE C 357 15.18 -15.67 1.92
N GLU C 358 16.49 -15.49 2.05
CA GLU C 358 17.45 -16.47 1.52
C GLU C 358 17.19 -17.87 2.08
N ASP C 359 16.92 -17.97 3.38
CA ASP C 359 16.67 -19.26 4.00
C ASP C 359 15.42 -19.92 3.42
N ALA C 360 14.36 -19.14 3.29
CA ALA C 360 13.07 -19.63 2.81
C ALA C 360 13.14 -20.10 1.36
N VAL C 361 13.98 -19.44 0.56
CA VAL C 361 14.22 -19.90 -0.81
C VAL C 361 14.89 -21.27 -0.82
N LEU C 362 15.84 -21.48 0.08
CA LEU C 362 16.54 -22.77 0.15
C LEU C 362 15.61 -23.88 0.63
N VAL C 363 14.71 -23.53 1.56
CA VAL C 363 13.72 -24.48 2.07
C VAL C 363 12.80 -24.96 0.97
N ALA C 364 12.30 -24.03 0.17
CA ALA C 364 11.42 -24.37 -0.95
C ALA C 364 12.13 -25.34 -1.90
N LEU C 365 13.36 -24.99 -2.28
CA LEU C 365 14.15 -25.86 -3.15
C LEU C 365 14.37 -27.22 -2.49
N ASN C 366 14.72 -27.22 -1.20
CA ASN C 366 14.97 -28.49 -0.51
C ASN C 366 13.70 -29.32 -0.39
N ASN C 367 12.55 -28.67 -0.46
CA ASN C 367 11.28 -29.38 -0.42
C ASN C 367 10.89 -29.92 -1.79
N GLY C 368 11.76 -29.70 -2.78
CA GLY C 368 11.58 -30.27 -4.10
C GLY C 368 10.80 -29.42 -5.09
N PHE C 369 10.48 -28.19 -4.71
CA PHE C 369 9.71 -27.31 -5.58
C PHE C 369 10.55 -26.68 -6.68
N ARG C 370 10.03 -26.73 -7.91
CA ARG C 370 10.75 -26.21 -9.07
C ARG C 370 9.76 -25.60 -10.05
N THR C 371 10.09 -24.43 -10.60
CA THR C 371 9.34 -23.91 -11.74
C THR C 371 9.90 -24.59 -12.99
N GLY C 372 9.24 -24.43 -14.14
CA GLY C 372 9.60 -25.19 -15.33
C GLY C 372 11.06 -25.09 -15.75
N ASP C 373 11.64 -23.91 -15.55
CA ASP C 373 13.01 -23.64 -15.96
C ASP C 373 14.05 -24.38 -15.12
N ILE C 374 13.68 -24.79 -13.91
CA ILE C 374 14.60 -25.55 -13.07
C ILE C 374 14.03 -26.93 -12.69
N TYR C 375 12.97 -27.31 -13.38
CA TYR C 375 12.34 -28.61 -13.12
C TYR C 375 13.20 -29.78 -13.57
N SER C 376 13.30 -30.81 -12.74
CA SER C 376 13.91 -32.08 -13.12
C SER C 376 13.03 -33.23 -12.64
N ALA C 377 13.24 -34.42 -13.20
CA ALA C 377 12.42 -35.59 -12.85
C ALA C 377 12.46 -35.87 -11.35
N GLY C 378 11.29 -36.11 -10.75
CA GLY C 378 11.22 -36.41 -9.34
C GLY C 378 11.11 -35.19 -8.45
N THR C 379 10.94 -34.02 -9.06
CA THR C 379 10.71 -32.79 -8.31
C THR C 379 9.24 -32.39 -8.43
N LYS C 380 8.84 -31.39 -7.66
CA LYS C 380 7.46 -30.91 -7.70
C LYS C 380 7.39 -29.68 -8.61
N LEU C 381 6.82 -29.84 -9.80
CA LEU C 381 6.73 -28.72 -10.73
C LEU C 381 5.63 -27.79 -10.29
N VAL C 382 5.94 -26.49 -10.19
CA VAL C 382 4.91 -25.54 -9.76
C VAL C 382 4.92 -24.28 -10.63
N GLY C 383 3.80 -23.57 -10.64
CA GLY C 383 3.73 -22.29 -11.33
C GLY C 383 4.44 -21.19 -10.56
N CYS C 384 4.48 -19.99 -11.14
CA CYS C 384 5.07 -18.83 -10.51
C CYS C 384 4.42 -18.54 -9.17
N LYS C 385 3.09 -18.43 -9.18
CA LYS C 385 2.32 -18.13 -7.98
C LYS C 385 2.56 -19.15 -6.86
N GLU C 386 2.48 -20.44 -7.18
CA GLU C 386 2.63 -21.49 -6.17
C GLU C 386 4.03 -21.51 -5.56
N MET C 387 5.04 -21.19 -6.36
CA MET C 387 6.40 -21.10 -5.86
C MET C 387 6.51 -19.95 -4.86
N GLY C 388 5.91 -18.82 -5.22
CA GLY C 388 5.81 -17.69 -4.32
C GLY C 388 5.17 -18.08 -3.00
N GLU C 389 4.10 -18.86 -3.07
CA GLU C 389 3.37 -19.28 -1.88
C GLU C 389 4.23 -20.17 -0.97
N GLU C 390 5.07 -21.01 -1.58
CA GLU C 390 5.91 -21.92 -0.80
C GLU C 390 6.99 -21.16 -0.05
N VAL C 391 7.62 -20.23 -0.75
CA VAL C 391 8.61 -19.34 -0.14
C VAL C 391 7.92 -18.59 1.00
N LEU C 392 6.72 -18.07 0.73
CA LEU C 392 5.91 -17.41 1.75
C LEU C 392 5.61 -18.28 2.98
N LYS C 393 5.21 -19.53 2.75
CA LYS C 393 4.91 -20.45 3.86
C LYS C 393 6.14 -20.65 4.74
N SER C 394 7.32 -20.68 4.11
CA SER C 394 8.57 -20.86 4.83
C SER C 394 9.06 -19.58 5.48
N PHE D 36 64.29 -28.35 -60.85
CA PHE D 36 64.94 -27.21 -61.48
C PHE D 36 63.97 -26.36 -62.31
N GLY D 37 64.01 -25.04 -62.09
CA GLY D 37 63.20 -24.11 -62.87
C GLY D 37 61.80 -23.90 -62.33
N LYS D 38 61.41 -24.72 -61.36
CA LYS D 38 60.05 -24.75 -60.84
C LYS D 38 59.84 -23.79 -59.66
N LYS D 39 58.69 -23.14 -59.61
CA LYS D 39 58.41 -22.17 -58.54
C LYS D 39 58.55 -22.75 -57.14
N ARG D 40 59.24 -22.02 -56.27
CA ARG D 40 59.27 -22.34 -54.83
C ARG D 40 58.48 -21.28 -54.08
N TYR D 41 58.00 -21.65 -52.90
CA TYR D 41 57.23 -20.71 -52.08
C TYR D 41 58.07 -20.22 -50.92
N THR D 42 58.17 -18.90 -50.79
CA THR D 42 58.98 -18.33 -49.71
C THR D 42 58.11 -18.18 -48.46
N ILE D 43 58.56 -18.79 -47.37
CA ILE D 43 57.82 -18.76 -46.10
C ILE D 43 58.67 -18.07 -45.05
N THR D 44 58.16 -17.01 -44.46
CA THR D 44 58.87 -16.37 -43.36
C THR D 44 58.41 -17.01 -42.06
N LEU D 45 59.37 -17.53 -41.29
CA LEU D 45 59.07 -18.11 -40.00
C LEU D 45 59.31 -17.05 -38.93
N LEU D 46 58.35 -16.90 -38.01
CA LEU D 46 58.50 -15.99 -36.89
C LEU D 46 58.32 -16.78 -35.61
N PRO D 47 59.37 -17.50 -35.17
CA PRO D 47 59.33 -18.40 -34.02
C PRO D 47 58.86 -17.67 -32.78
N GLY D 48 59.43 -16.50 -32.53
CA GLY D 48 59.00 -15.71 -31.39
C GLY D 48 59.54 -16.21 -30.06
N ASP D 49 58.66 -16.27 -29.07
CA ASP D 49 59.05 -16.45 -27.67
C ASP D 49 58.58 -17.79 -27.12
N GLY D 50 59.20 -18.20 -26.00
CA GLY D 50 58.76 -19.37 -25.25
C GLY D 50 58.88 -20.67 -26.04
N ILE D 51 57.77 -21.38 -26.18
CA ILE D 51 57.75 -22.66 -26.91
C ILE D 51 57.62 -22.44 -28.42
N GLY D 52 57.57 -21.17 -28.84
CA GLY D 52 57.47 -20.83 -30.25
C GLY D 52 58.54 -21.46 -31.14
N PRO D 53 59.83 -21.26 -30.81
CA PRO D 53 60.84 -21.84 -31.71
C PRO D 53 60.70 -23.35 -31.82
N GLU D 54 60.39 -24.00 -30.71
CA GLU D 54 60.25 -25.46 -30.68
C GLU D 54 59.13 -25.95 -31.59
N VAL D 55 57.95 -25.34 -31.46
CA VAL D 55 56.79 -25.81 -32.21
C VAL D 55 56.85 -25.39 -33.68
N VAL D 56 57.44 -24.22 -33.96
CA VAL D 56 57.61 -23.82 -35.36
C VAL D 56 58.61 -24.73 -36.09
N SER D 57 59.63 -25.17 -35.36
CA SER D 57 60.64 -26.03 -35.96
C SER D 57 59.99 -27.32 -36.43
N ILE D 58 59.15 -27.89 -35.58
CA ILE D 58 58.44 -29.12 -35.88
C ILE D 58 57.47 -28.90 -37.03
N ALA D 59 56.67 -27.85 -36.96
CA ALA D 59 55.74 -27.55 -38.03
C ALA D 59 56.43 -27.36 -39.38
N LYS D 60 57.56 -26.65 -39.37
CA LYS D 60 58.38 -26.46 -40.57
C LYS D 60 58.74 -27.79 -41.22
N ASN D 61 59.16 -28.76 -40.42
CA ASN D 61 59.49 -30.09 -40.94
C ASN D 61 58.27 -30.80 -41.52
N VAL D 62 57.13 -30.72 -40.84
CA VAL D 62 55.92 -31.36 -41.32
C VAL D 62 55.47 -30.69 -42.62
N LEU D 63 55.48 -29.36 -42.63
CA LEU D 63 55.14 -28.57 -43.82
C LEU D 63 56.01 -28.96 -45.01
N GLN D 64 57.31 -29.03 -44.78
CA GLN D 64 58.28 -29.42 -45.79
C GLN D 64 57.95 -30.79 -46.38
N GLN D 65 57.79 -31.78 -45.52
CA GLN D 65 57.54 -33.16 -45.97
C GLN D 65 56.21 -33.33 -46.68
N ALA D 66 55.16 -32.73 -46.14
CA ALA D 66 53.83 -32.80 -46.76
C ALA D 66 53.82 -32.14 -48.13
N GLY D 67 54.41 -30.95 -48.23
CA GLY D 67 54.50 -30.26 -49.50
C GLY D 67 55.32 -31.03 -50.50
N SER D 68 56.40 -31.63 -50.03
CA SER D 68 57.27 -32.46 -50.86
C SER D 68 56.49 -33.52 -51.63
N LEU D 69 55.50 -34.11 -50.98
CA LEU D 69 54.73 -35.19 -51.59
C LEU D 69 53.78 -34.68 -52.68
N GLU D 70 53.59 -33.37 -52.72
CA GLU D 70 52.71 -32.77 -53.71
C GLU D 70 53.51 -31.89 -54.67
N GLY D 71 54.83 -31.93 -54.55
CA GLY D 71 55.70 -31.19 -55.44
C GLY D 71 55.90 -29.74 -55.04
N VAL D 72 55.51 -29.43 -53.80
CA VAL D 72 55.66 -28.08 -53.30
C VAL D 72 57.00 -27.94 -52.57
N GLU D 73 57.86 -27.05 -53.08
CA GLU D 73 59.16 -26.76 -52.46
C GLU D 73 59.12 -25.40 -51.79
N PHE D 74 59.87 -25.26 -50.70
CA PHE D 74 59.88 -24.01 -49.93
C PHE D 74 61.24 -23.35 -49.79
N ASN D 75 61.23 -22.03 -49.66
CA ASN D 75 62.38 -21.26 -49.20
C ASN D 75 62.01 -20.75 -47.82
N PHE D 76 62.71 -21.21 -46.79
CA PHE D 76 62.41 -20.75 -45.43
C PHE D 76 63.42 -19.71 -44.97
N ARG D 77 62.93 -18.69 -44.26
CA ARG D 77 63.81 -17.81 -43.53
C ARG D 77 63.19 -17.43 -42.20
N GLU D 78 64.04 -17.31 -41.20
CA GLU D 78 63.64 -17.04 -39.82
C GLU D 78 63.92 -15.58 -39.48
N MET D 79 62.97 -14.91 -38.85
CA MET D 79 63.13 -13.49 -38.50
C MET D 79 62.65 -13.23 -37.07
N PRO D 80 63.28 -12.27 -36.39
CA PRO D 80 62.91 -11.95 -35.00
C PRO D 80 61.58 -11.20 -34.84
N ILE D 81 60.81 -11.58 -33.82
CA ILE D 81 59.61 -10.84 -33.43
C ILE D 81 59.42 -11.00 -31.91
N GLY D 82 58.69 -10.08 -31.29
CA GLY D 82 58.35 -10.21 -29.88
C GLY D 82 59.53 -10.05 -28.94
N GLY D 83 59.56 -10.84 -27.87
CA GLY D 83 60.63 -10.76 -26.89
C GLY D 83 61.98 -11.05 -27.53
N ALA D 84 61.96 -11.98 -28.47
CA ALA D 84 63.16 -12.35 -29.21
C ALA D 84 63.75 -11.14 -29.92
N ALA D 85 62.88 -10.38 -30.60
CA ALA D 85 63.28 -9.15 -31.26
C ALA D 85 63.74 -8.08 -30.27
N LEU D 86 63.04 -7.96 -29.15
CA LEU D 86 63.41 -6.99 -28.12
C LEU D 86 64.84 -7.23 -27.61
N ASP D 87 65.15 -8.49 -27.33
CA ASP D 87 66.49 -8.83 -26.83
C ASP D 87 67.56 -8.65 -27.89
N LEU D 88 67.19 -8.87 -29.15
CA LEU D 88 68.14 -8.77 -30.25
C LEU D 88 68.38 -7.33 -30.71
N VAL D 89 67.30 -6.61 -31.01
CA VAL D 89 67.45 -5.25 -31.55
C VAL D 89 66.67 -4.16 -30.82
N GLY D 90 66.01 -4.50 -29.72
CA GLY D 90 65.40 -3.49 -28.87
C GLY D 90 64.00 -3.04 -29.27
N VAL D 91 63.43 -3.65 -30.30
CA VAL D 91 62.03 -3.37 -30.65
C VAL D 91 61.27 -4.67 -30.87
N PRO D 92 59.94 -4.65 -30.68
CA PRO D 92 59.19 -5.90 -30.83
C PRO D 92 58.94 -6.30 -32.28
N LEU D 93 59.04 -5.36 -33.22
CA LEU D 93 58.87 -5.68 -34.63
C LEU D 93 59.83 -4.88 -35.50
N PRO D 94 61.01 -5.45 -35.77
CA PRO D 94 62.04 -4.79 -36.57
C PRO D 94 61.54 -4.54 -37.99
N GLU D 95 61.93 -3.42 -38.59
CA GLU D 95 61.58 -3.12 -39.98
C GLU D 95 61.94 -4.26 -40.93
N GLU D 96 63.08 -4.91 -40.69
CA GLU D 96 63.55 -6.00 -41.54
C GLU D 96 62.63 -7.21 -41.49
N THR D 97 62.01 -7.43 -40.34
CA THR D 97 61.04 -8.53 -40.21
C THR D 97 59.78 -8.21 -41.02
N ILE D 98 59.33 -6.96 -40.94
CA ILE D 98 58.17 -6.54 -41.71
C ILE D 98 58.43 -6.70 -43.21
N SER D 99 59.58 -6.21 -43.68
CA SER D 99 59.95 -6.33 -45.09
C SER D 99 59.98 -7.79 -45.57
N ALA D 100 60.67 -8.63 -44.80
CA ALA D 100 60.77 -10.05 -45.11
C ALA D 100 59.41 -10.72 -45.19
N ALA D 101 58.53 -10.39 -44.24
CA ALA D 101 57.20 -10.98 -44.23
C ALA D 101 56.40 -10.52 -45.46
N LYS D 102 56.45 -9.22 -45.77
CA LYS D 102 55.66 -8.69 -46.89
C LYS D 102 56.11 -9.27 -48.22
N GLU D 103 57.39 -9.66 -48.28
CA GLU D 103 57.98 -10.17 -49.50
C GLU D 103 57.82 -11.68 -49.62
N SER D 104 57.09 -12.29 -48.69
CA SER D 104 56.95 -13.75 -48.71
CA SER D 104 56.92 -13.74 -48.65
C SER D 104 55.61 -14.21 -49.29
N ASP D 105 55.46 -15.53 -49.45
CA ASP D 105 54.21 -16.10 -49.93
C ASP D 105 53.26 -16.36 -48.75
N ALA D 106 53.85 -16.59 -47.58
CA ALA D 106 53.08 -16.86 -46.38
C ALA D 106 53.99 -16.68 -45.18
N VAL D 107 53.39 -16.39 -44.03
CA VAL D 107 54.13 -16.20 -42.79
C VAL D 107 53.62 -17.17 -41.72
N LEU D 108 54.54 -17.89 -41.08
CA LEU D 108 54.16 -18.78 -39.98
C LEU D 108 54.76 -18.30 -38.67
N LEU D 109 53.90 -18.00 -37.70
CA LEU D 109 54.33 -17.44 -36.43
C LEU D 109 54.15 -18.47 -35.31
N GLY D 110 55.06 -18.45 -34.35
CA GLY D 110 54.94 -19.34 -33.20
C GLY D 110 54.10 -18.73 -32.11
N ALA D 111 54.76 -18.02 -31.21
CA ALA D 111 54.08 -17.46 -30.06
C ALA D 111 54.85 -16.22 -29.61
N ILE D 112 54.19 -15.34 -28.87
CA ILE D 112 54.77 -14.08 -28.47
C ILE D 112 54.45 -13.79 -27.01
N GLY D 113 55.44 -13.36 -26.24
CA GLY D 113 55.21 -12.93 -24.88
C GLY D 113 56.10 -13.60 -23.85
N GLY D 114 56.13 -13.00 -22.66
CA GLY D 114 56.96 -13.49 -21.57
C GLY D 114 57.02 -12.45 -20.45
N TYR D 115 57.28 -12.92 -19.23
CA TYR D 115 57.29 -12.05 -18.05
C TYR D 115 58.54 -11.19 -18.01
N LYS D 116 59.58 -11.64 -18.70
CA LYS D 116 60.88 -10.97 -18.68
C LYS D 116 60.76 -9.54 -19.22
N TRP D 117 59.79 -9.35 -20.11
CA TRP D 117 59.59 -8.06 -20.76
C TRP D 117 58.38 -7.32 -20.20
N ASP D 118 57.79 -7.87 -19.13
CA ASP D 118 56.59 -7.28 -18.52
C ASP D 118 56.79 -5.87 -17.97
N ASN D 119 58.04 -5.43 -17.85
CA ASN D 119 58.30 -4.10 -17.30
C ASN D 119 58.60 -3.01 -18.32
N ASN D 120 58.80 -3.40 -19.58
CA ASN D 120 59.02 -2.42 -20.64
C ASN D 120 57.82 -1.50 -20.83
N GLU D 121 58.06 -0.32 -21.38
CA GLU D 121 56.99 0.62 -21.69
C GLU D 121 56.04 0.01 -22.73
N LYS D 122 54.84 0.59 -22.82
CA LYS D 122 53.78 0.18 -23.75
C LYS D 122 54.29 -0.26 -25.13
N HIS D 123 55.02 0.63 -25.80
CA HIS D 123 55.42 0.40 -27.19
C HIS D 123 56.57 -0.58 -27.33
N LEU D 124 57.13 -1.02 -26.21
CA LEU D 124 58.21 -2.00 -26.25
C LEU D 124 57.79 -3.30 -25.54
N ARG D 125 56.49 -3.55 -25.49
CA ARG D 125 55.94 -4.85 -25.06
C ARG D 125 55.92 -5.81 -26.23
N PRO D 126 56.22 -7.11 -25.98
CA PRO D 126 56.25 -8.08 -27.07
C PRO D 126 54.95 -8.07 -27.87
N GLU D 127 53.81 -7.96 -27.20
CA GLU D 127 52.50 -8.00 -27.86
C GLU D 127 52.31 -6.88 -28.87
N LYS D 128 53.07 -5.79 -28.70
CA LYS D 128 53.01 -4.67 -29.62
C LYS D 128 53.44 -5.13 -31.02
N GLY D 129 54.42 -6.03 -31.06
CA GLY D 129 54.93 -6.54 -32.32
C GLY D 129 53.87 -7.34 -33.06
N LEU D 130 53.03 -8.02 -32.30
CA LEU D 130 51.98 -8.84 -32.90
C LEU D 130 50.90 -7.96 -33.52
N LEU D 131 50.45 -6.95 -32.77
CA LEU D 131 49.52 -5.97 -33.33
C LEU D 131 50.09 -5.26 -34.55
N GLN D 132 51.35 -4.85 -34.46
CA GLN D 132 52.00 -4.18 -35.58
C GLN D 132 52.15 -5.05 -36.82
N ILE D 133 52.41 -6.35 -36.65
CA ILE D 133 52.58 -7.19 -37.85
C ILE D 133 51.22 -7.45 -38.50
N ARG D 134 50.16 -7.52 -37.72
CA ARG D 134 48.82 -7.69 -38.26
C ARG D 134 48.46 -6.47 -39.08
N ALA D 135 48.70 -5.29 -38.51
CA ALA D 135 48.44 -4.04 -39.20
C ALA D 135 49.25 -3.92 -40.47
N ALA D 136 50.52 -4.28 -40.39
CA ALA D 136 51.42 -4.10 -41.53
C ALA D 136 51.09 -5.06 -42.66
N LEU D 137 50.63 -6.26 -42.33
CA LEU D 137 50.29 -7.23 -43.37
C LEU D 137 48.86 -7.06 -43.86
N LYS D 138 48.12 -6.19 -43.17
CA LYS D 138 46.71 -5.89 -43.48
C LYS D 138 45.88 -7.16 -43.49
N VAL D 139 46.18 -8.04 -42.55
CA VAL D 139 45.42 -9.28 -42.43
C VAL D 139 44.16 -9.07 -41.59
N PHE D 140 43.15 -8.46 -42.20
CA PHE D 140 41.95 -8.04 -41.48
C PHE D 140 41.04 -9.19 -41.09
N ALA D 141 41.21 -10.33 -41.75
CA ALA D 141 40.30 -11.46 -41.54
C ALA D 141 40.94 -12.61 -40.80
N ASN D 142 40.58 -12.74 -39.52
CA ASN D 142 41.10 -13.77 -38.65
C ASN D 142 40.12 -14.94 -38.60
N LEU D 143 40.59 -16.12 -38.99
CA LEU D 143 39.74 -17.31 -38.99
C LEU D 143 40.19 -18.23 -37.88
N ARG D 144 39.29 -18.51 -36.96
N ARG D 144 39.32 -18.48 -36.91
CA ARG D 144 39.57 -19.40 -35.85
CA ARG D 144 39.62 -19.39 -35.81
C ARG D 144 38.58 -20.55 -35.78
C ARG D 144 38.62 -20.55 -35.76
N PRO D 145 38.98 -21.69 -36.36
CA PRO D 145 38.13 -22.89 -36.30
C PRO D 145 38.22 -23.53 -34.92
N ALA D 146 37.07 -23.88 -34.36
CA ALA D 146 36.99 -24.55 -33.08
C ALA D 146 36.13 -25.80 -33.20
N THR D 147 36.75 -26.97 -33.14
CA THR D 147 36.01 -28.22 -33.17
C THR D 147 36.45 -29.07 -32.01
N VAL D 148 35.59 -30.01 -31.65
CA VAL D 148 35.92 -31.00 -30.65
C VAL D 148 36.19 -32.30 -31.38
N LEU D 149 37.44 -32.77 -31.32
CA LEU D 149 37.79 -34.04 -31.94
C LEU D 149 37.25 -35.18 -31.07
N PRO D 150 36.74 -36.24 -31.71
CA PRO D 150 36.13 -37.35 -30.98
C PRO D 150 37.14 -37.96 -30.02
N GLN D 151 38.40 -37.96 -30.42
CA GLN D 151 39.47 -38.55 -29.61
C GLN D 151 39.70 -37.78 -28.32
N LEU D 152 39.23 -36.52 -28.29
CA LEU D 152 39.59 -35.61 -27.21
C LEU D 152 38.36 -34.98 -26.53
N VAL D 153 37.20 -35.60 -26.66
CA VAL D 153 35.96 -34.96 -26.18
C VAL D 153 35.96 -34.82 -24.65
N ASP D 154 36.62 -35.75 -23.97
CA ASP D 154 36.65 -35.71 -22.51
C ASP D 154 37.52 -34.60 -21.93
N ALA D 155 38.33 -33.95 -22.77
CA ALA D 155 39.17 -32.83 -22.32
C ALA D 155 38.34 -31.59 -22.02
N SER D 156 37.16 -31.49 -22.64
CA SER D 156 36.27 -30.37 -22.39
C SER D 156 35.66 -30.48 -21.01
N THR D 157 35.41 -29.35 -20.36
CA THR D 157 34.75 -29.34 -19.07
C THR D 157 33.23 -29.41 -19.24
N LEU D 158 32.77 -29.31 -20.50
CA LEU D 158 31.34 -29.47 -20.78
C LEU D 158 31.01 -30.94 -20.80
N LYS D 159 29.76 -31.26 -20.45
CA LYS D 159 29.30 -32.64 -20.52
C LYS D 159 29.48 -33.17 -21.93
N ARG D 160 29.72 -34.47 -22.06
CA ARG D 160 30.02 -35.06 -23.37
C ARG D 160 28.94 -34.79 -24.40
N GLU D 161 27.67 -34.85 -23.99
CA GLU D 161 26.56 -34.68 -24.93
C GLU D 161 26.44 -33.25 -25.46
N VAL D 162 27.08 -32.31 -24.77
CA VAL D 162 27.09 -30.91 -25.20
C VAL D 162 28.30 -30.59 -26.07
N ALA D 163 29.44 -31.19 -25.74
CA ALA D 163 30.71 -30.87 -26.39
C ALA D 163 30.89 -31.64 -27.70
N GLU D 164 30.45 -32.89 -27.68
CA GLU D 164 30.56 -33.78 -28.83
C GLU D 164 29.90 -33.15 -30.06
N GLY D 165 30.67 -33.03 -31.14
CA GLY D 165 30.09 -32.53 -32.38
C GLY D 165 30.20 -31.03 -32.57
N VAL D 166 30.76 -30.33 -31.59
CA VAL D 166 30.97 -28.88 -31.77
C VAL D 166 31.90 -28.63 -32.95
N ASP D 167 31.50 -27.71 -33.83
CA ASP D 167 32.26 -27.42 -35.03
C ASP D 167 31.84 -26.06 -35.53
N LEU D 168 32.60 -25.03 -35.13
CA LEU D 168 32.28 -23.67 -35.50
C LEU D 168 33.52 -22.93 -35.97
N MET D 169 33.28 -21.79 -36.60
CA MET D 169 34.35 -20.93 -37.09
C MET D 169 34.07 -19.51 -36.63
N VAL D 170 35.02 -18.93 -35.90
CA VAL D 170 34.92 -17.51 -35.59
C VAL D 170 35.70 -16.71 -36.61
N VAL D 171 35.02 -15.77 -37.26
CA VAL D 171 35.67 -14.83 -38.17
C VAL D 171 35.77 -13.50 -37.44
N ARG D 172 36.99 -13.12 -37.11
CA ARG D 172 37.22 -11.92 -36.29
C ARG D 172 37.87 -10.81 -37.11
N GLU D 173 37.32 -9.61 -36.99
CA GLU D 173 37.91 -8.44 -37.65
C GLU D 173 39.22 -8.16 -36.91
N LEU D 174 40.34 -8.13 -37.63
CA LEU D 174 41.64 -8.17 -36.95
C LEU D 174 42.45 -6.86 -36.96
N THR D 175 42.11 -5.92 -37.84
CA THR D 175 42.96 -4.72 -37.98
C THR D 175 42.27 -3.39 -37.70
N GLY D 176 41.07 -3.44 -37.12
CA GLY D 176 40.33 -2.22 -36.85
C GLY D 176 39.77 -2.18 -35.45
N GLY D 177 38.72 -1.39 -35.26
CA GLY D 177 38.06 -1.30 -33.97
C GLY D 177 38.91 -0.68 -32.88
N ILE D 178 38.58 -1.00 -31.64
CA ILE D 178 39.21 -0.35 -30.49
C ILE D 178 40.71 -0.64 -30.39
N TYR D 179 41.16 -1.75 -30.98
CA TYR D 179 42.60 -2.10 -30.98
C TYR D 179 43.44 -1.03 -31.64
N PHE D 180 42.92 -0.45 -32.71
CA PHE D 180 43.69 0.50 -33.49
C PHE D 180 43.05 1.89 -33.55
N GLY D 181 41.94 2.09 -32.83
CA GLY D 181 41.21 3.34 -32.93
C GLY D 181 41.91 4.55 -32.31
N GLU D 182 41.74 5.71 -32.93
CA GLU D 182 42.22 6.96 -32.38
C GLU D 182 41.01 7.87 -32.18
N PRO D 183 41.04 8.78 -31.18
CA PRO D 183 42.13 9.04 -30.23
C PRO D 183 42.26 7.98 -29.14
N ARG D 184 43.40 7.99 -28.47
CA ARG D 184 43.69 7.02 -27.42
C ARG D 184 44.78 7.58 -26.53
N GLY D 185 44.77 7.21 -25.25
CA GLY D 185 45.86 7.61 -24.38
C GLY D 185 45.42 7.92 -22.96
N ILE D 186 46.23 8.71 -22.27
CA ILE D 186 45.92 9.13 -20.91
C ILE D 186 46.07 10.64 -20.87
N LYS D 187 45.10 11.33 -20.28
CA LYS D 187 45.17 12.79 -20.16
C LYS D 187 44.77 13.23 -18.74
N THR D 188 44.98 14.51 -18.46
CA THR D 188 44.58 15.08 -17.19
C THR D 188 43.39 16.01 -17.43
N ASN D 189 42.32 15.84 -16.67
CA ASN D 189 41.18 16.73 -16.84
C ASN D 189 41.42 18.05 -16.13
N GLU D 190 40.41 18.90 -16.10
CA GLU D 190 40.55 20.23 -15.54
C GLU D 190 40.84 20.17 -14.04
N ASN D 191 40.51 19.05 -13.40
CA ASN D 191 40.65 18.95 -11.96
C ASN D 191 41.89 18.16 -11.48
N GLY D 192 42.89 18.03 -12.35
CA GLY D 192 44.13 17.37 -11.97
C GLY D 192 43.97 15.87 -11.77
N GLU D 193 43.04 15.27 -12.52
CA GLU D 193 42.76 13.84 -12.43
C GLU D 193 43.08 13.12 -13.74
N GLU D 194 43.65 11.92 -13.64
CA GLU D 194 43.92 11.07 -14.80
C GLU D 194 42.66 10.56 -15.49
N VAL D 195 42.69 10.55 -16.82
CA VAL D 195 41.57 10.01 -17.58
C VAL D 195 42.17 9.17 -18.68
N GLY D 196 41.70 7.93 -18.80
CA GLY D 196 42.21 7.02 -19.83
C GLY D 196 41.14 6.70 -20.86
N PHE D 197 41.53 6.59 -22.13
CA PHE D 197 40.52 6.48 -23.17
C PHE D 197 40.97 5.73 -24.42
N ASN D 198 40.00 5.06 -25.04
CA ASN D 198 40.22 4.38 -26.31
C ASN D 198 39.00 4.58 -27.17
N THR D 199 39.16 4.43 -28.47
CA THR D 199 38.06 4.70 -29.39
C THR D 199 37.76 3.46 -30.19
N GLU D 200 36.54 2.96 -30.04
CA GLU D 200 36.05 1.85 -30.86
C GLU D 200 35.49 2.50 -32.10
N VAL D 201 36.08 2.24 -33.25
CA VAL D 201 35.64 2.93 -34.46
C VAL D 201 35.72 2.03 -35.70
N TYR D 202 34.66 2.06 -36.50
CA TYR D 202 34.64 1.30 -37.74
C TYR D 202 34.08 2.12 -38.88
N ALA D 203 34.79 2.14 -40.00
CA ALA D 203 34.27 2.67 -41.25
C ALA D 203 33.50 1.55 -41.97
N ALA D 204 32.49 1.90 -42.74
CA ALA D 204 31.66 0.90 -43.44
C ALA D 204 32.49 -0.12 -44.24
N HIS D 205 33.47 0.34 -45.00
CA HIS D 205 34.22 -0.61 -45.83
C HIS D 205 34.96 -1.68 -45.00
N GLU D 206 35.28 -1.36 -43.74
CA GLU D 206 35.96 -2.33 -42.88
C GLU D 206 35.01 -3.43 -42.42
N ILE D 207 33.76 -3.05 -42.16
CA ILE D 207 32.77 -4.04 -41.79
C ILE D 207 32.37 -4.88 -43.00
N ASP D 208 32.19 -4.22 -44.15
CA ASP D 208 31.76 -4.94 -45.35
C ASP D 208 32.77 -6.04 -45.70
N ARG D 209 34.05 -5.72 -45.64
CA ARG D 209 35.08 -6.70 -46.05
C ARG D 209 35.20 -7.91 -45.13
N ILE D 210 35.07 -7.71 -43.81
CA ILE D 210 35.08 -8.85 -42.91
C ILE D 210 33.77 -9.66 -43.05
N ALA D 211 32.67 -8.96 -43.28
CA ALA D 211 31.39 -9.65 -43.35
C ALA D 211 31.35 -10.55 -44.58
N ARG D 212 31.86 -10.04 -45.70
CA ARG D 212 31.93 -10.84 -46.92
C ARG D 212 32.74 -12.10 -46.71
N VAL D 213 33.87 -11.97 -46.02
CA VAL D 213 34.69 -13.15 -45.73
C VAL D 213 33.86 -14.18 -44.97
N ALA D 214 33.08 -13.72 -43.99
CA ALA D 214 32.28 -14.63 -43.18
C ALA D 214 31.10 -15.24 -43.94
N PHE D 215 30.43 -14.45 -44.79
CA PHE D 215 29.34 -15.01 -45.60
C PHE D 215 29.89 -16.10 -46.50
N GLU D 216 31.04 -15.84 -47.10
CA GLU D 216 31.70 -16.82 -47.97
C GLU D 216 32.07 -18.08 -47.19
N THR D 217 32.58 -17.87 -45.99
CA THR D 217 32.98 -18.98 -45.12
C THR D 217 31.77 -19.84 -44.79
N ALA D 218 30.67 -19.21 -44.37
CA ALA D 218 29.46 -19.96 -44.01
C ALA D 218 28.93 -20.75 -45.20
N ARG D 219 28.94 -20.13 -46.37
CA ARG D 219 28.52 -20.78 -47.61
C ARG D 219 29.29 -22.08 -47.87
N LYS D 220 30.59 -22.08 -47.56
CA LYS D 220 31.43 -23.26 -47.74
C LYS D 220 31.37 -24.20 -46.55
N ARG D 221 30.59 -23.84 -45.52
CA ARG D 221 30.44 -24.72 -44.37
C ARG D 221 29.03 -25.28 -44.29
N ARG D 222 28.21 -24.77 -43.38
CA ARG D 222 26.83 -25.28 -43.27
C ARG D 222 25.76 -24.23 -43.56
N GLY D 223 26.19 -23.07 -44.08
CA GLY D 223 25.26 -22.10 -44.63
C GLY D 223 24.55 -21.26 -43.57
N LYS D 224 25.16 -21.16 -42.40
CA LYS D 224 24.64 -20.34 -41.30
C LYS D 224 25.70 -19.38 -40.76
N LEU D 225 25.33 -18.10 -40.68
CA LEU D 225 26.20 -17.06 -40.16
C LEU D 225 25.51 -16.31 -39.01
N CYS D 226 26.20 -16.21 -37.88
CA CYS D 226 25.69 -15.38 -36.79
C CYS D 226 26.60 -14.16 -36.63
N SER D 227 26.05 -12.96 -36.82
CA SER D 227 26.80 -11.72 -36.61
C SER D 227 26.62 -11.26 -35.17
N VAL D 228 27.73 -11.08 -34.46
CA VAL D 228 27.68 -10.75 -33.04
C VAL D 228 28.15 -9.32 -32.79
N ASP D 229 27.31 -8.55 -32.10
CA ASP D 229 27.60 -7.14 -31.83
C ASP D 229 27.00 -6.71 -30.49
N LYS D 230 27.01 -5.40 -30.19
CA LYS D 230 26.31 -4.86 -29.02
C LYS D 230 25.44 -3.70 -29.50
N ALA D 231 24.61 -3.97 -30.50
CA ALA D 231 23.86 -2.92 -31.20
C ALA D 231 22.76 -2.32 -30.37
N ASN D 232 22.50 -2.88 -29.18
CA ASN D 232 21.54 -2.31 -28.27
C ASN D 232 22.14 -1.21 -27.38
N VAL D 233 23.44 -1.00 -27.51
CA VAL D 233 24.12 0.03 -26.71
C VAL D 233 25.02 0.94 -27.55
N LEU D 234 25.79 0.35 -28.45
CA LEU D 234 26.89 1.07 -29.10
C LEU D 234 26.63 1.43 -30.57
N GLU D 235 26.82 2.70 -30.89
CA GLU D 235 26.67 3.20 -32.25
C GLU D 235 27.56 2.46 -33.24
N ALA D 236 28.74 2.06 -32.81
CA ALA D 236 29.64 1.34 -33.70
C ALA D 236 29.03 -0.01 -34.09
N SER D 237 28.31 -0.59 -33.15
CA SER D 237 27.66 -1.89 -33.38
C SER D 237 26.39 -1.73 -34.19
N ILE D 238 25.73 -0.58 -34.04
CA ILE D 238 24.58 -0.25 -34.87
C ILE D 238 25.00 -0.21 -36.34
N LEU D 239 26.13 0.41 -36.64
CA LEU D 239 26.64 0.42 -38.02
C LEU D 239 27.05 -0.98 -38.45
N TRP D 240 27.75 -1.71 -37.58
CA TRP D 240 28.07 -3.10 -37.84
C TRP D 240 26.83 -3.89 -38.32
N ARG D 241 25.80 -3.91 -37.48
CA ARG D 241 24.58 -4.65 -37.81
C ARG D 241 23.90 -4.12 -39.07
N LYS D 242 23.97 -2.82 -39.30
CA LYS D 242 23.33 -2.24 -40.48
C LYS D 242 24.04 -2.71 -41.75
N ARG D 243 25.36 -2.78 -41.69
CA ARG D 243 26.13 -3.19 -42.87
C ARG D 243 25.97 -4.69 -43.13
N VAL D 244 26.02 -5.50 -42.07
CA VAL D 244 25.85 -6.94 -42.25
C VAL D 244 24.48 -7.29 -42.81
N THR D 245 23.44 -6.64 -42.27
CA THR D 245 22.08 -6.80 -42.77
C THR D 245 21.96 -6.46 -44.26
N ALA D 246 22.56 -5.35 -44.66
CA ALA D 246 22.52 -4.91 -46.06
C ALA D 246 23.23 -5.88 -46.99
N LEU D 247 24.28 -6.55 -46.48
CA LEU D 247 25.04 -7.47 -47.30
C LEU D 247 24.34 -8.83 -47.46
N ALA D 248 23.42 -9.14 -46.55
CA ALA D 248 22.75 -10.45 -46.54
C ALA D 248 22.16 -10.80 -47.91
N SER D 249 21.54 -9.80 -48.54
CA SER D 249 20.90 -9.99 -49.85
C SER D 249 21.89 -10.39 -50.95
N GLU D 250 23.18 -10.21 -50.70
CA GLU D 250 24.18 -10.61 -51.68
C GLU D 250 24.51 -12.08 -51.52
N TYR D 251 24.09 -12.65 -50.38
CA TYR D 251 24.36 -14.04 -50.07
C TYR D 251 23.06 -14.72 -49.62
N PRO D 252 22.06 -14.74 -50.51
CA PRO D 252 20.72 -15.14 -50.05
C PRO D 252 20.64 -16.64 -49.75
N ASP D 253 21.70 -17.39 -50.05
CA ASP D 253 21.75 -18.81 -49.75
C ASP D 253 22.26 -19.06 -48.33
N VAL D 254 22.67 -17.99 -47.65
CA VAL D 254 23.17 -18.09 -46.28
C VAL D 254 22.11 -17.61 -45.29
N GLU D 255 21.92 -18.36 -44.20
CA GLU D 255 20.95 -17.99 -43.17
C GLU D 255 21.64 -17.08 -42.15
N LEU D 256 21.22 -15.82 -42.11
CA LEU D 256 21.89 -14.83 -41.25
C LEU D 256 21.07 -14.58 -39.99
N SER D 257 21.73 -14.62 -38.83
CA SER D 257 21.10 -14.19 -37.61
C SER D 257 22.01 -13.19 -36.92
N HIS D 258 21.46 -12.45 -35.96
CA HIS D 258 22.23 -11.48 -35.20
C HIS D 258 22.12 -11.85 -33.73
N MET D 259 23.17 -11.60 -32.95
CA MET D 259 23.14 -11.94 -31.53
C MET D 259 23.99 -10.94 -30.76
N TYR D 260 23.52 -10.52 -29.59
CA TYR D 260 24.33 -9.61 -28.77
C TYR D 260 25.50 -10.38 -28.16
N VAL D 261 26.60 -9.68 -27.89
CA VAL D 261 27.84 -10.34 -27.49
C VAL D 261 27.70 -11.05 -26.15
N ASP D 262 26.91 -10.48 -25.24
CA ASP D 262 26.74 -11.11 -23.95
C ASP D 262 25.91 -12.40 -24.10
N ASN D 263 24.91 -12.38 -24.97
CA ASN D 263 24.12 -13.59 -25.23
C ASN D 263 24.96 -14.66 -25.92
N ALA D 264 25.88 -14.25 -26.79
CA ALA D 264 26.76 -15.20 -27.47
C ALA D 264 27.71 -15.87 -26.47
N ALA D 265 28.22 -15.10 -25.52
CA ALA D 265 29.03 -15.68 -24.45
C ALA D 265 28.22 -16.75 -23.72
N MET D 266 26.93 -16.49 -23.53
CA MET D 266 26.07 -17.46 -22.87
C MET D 266 25.79 -18.67 -23.76
N GLN D 267 25.55 -18.43 -25.05
CA GLN D 267 25.18 -19.52 -25.96
C GLN D 267 26.32 -20.49 -26.22
N LEU D 268 27.55 -20.02 -26.17
CA LEU D 268 28.71 -20.88 -26.33
C LEU D 268 28.83 -21.89 -25.19
N VAL D 269 28.34 -21.52 -24.00
CA VAL D 269 28.34 -22.43 -22.86
C VAL D 269 27.14 -23.35 -22.96
N ARG D 270 25.98 -22.78 -23.32
CA ARG D 270 24.71 -23.51 -23.30
C ARG D 270 24.54 -24.52 -24.44
N ASP D 271 24.86 -24.10 -25.65
CA ASP D 271 24.64 -24.95 -26.82
C ASP D 271 25.55 -24.51 -27.96
N PRO D 272 26.86 -24.80 -27.84
CA PRO D 272 27.84 -24.42 -28.85
C PRO D 272 27.61 -25.12 -30.18
N LYS D 273 26.88 -26.23 -30.16
CA LYS D 273 26.56 -26.95 -31.39
C LYS D 273 25.69 -26.13 -32.34
N GLN D 274 25.06 -25.09 -31.82
CA GLN D 274 24.15 -24.28 -32.63
C GLN D 274 24.90 -23.41 -33.64
N PHE D 275 26.21 -23.23 -33.43
CA PHE D 275 26.96 -22.32 -34.29
C PHE D 275 27.67 -22.98 -35.46
N ASP D 276 27.57 -22.34 -36.64
CA ASP D 276 28.35 -22.72 -37.82
C ASP D 276 29.48 -21.70 -37.92
N THR D 277 29.15 -20.50 -38.39
CA THR D 277 30.11 -19.41 -38.51
C THR D 277 29.64 -18.21 -37.68
N ILE D 278 30.58 -17.58 -36.98
CA ILE D 278 30.29 -16.37 -36.22
C ILE D 278 31.18 -15.28 -36.80
N VAL D 279 30.61 -14.08 -37.01
CA VAL D 279 31.43 -12.92 -37.40
C VAL D 279 31.28 -11.82 -36.36
N THR D 280 32.39 -11.19 -36.00
CA THR D 280 32.33 -10.17 -34.96
C THR D 280 33.58 -9.25 -35.01
N ASN D 281 33.57 -8.20 -34.20
CA ASN D 281 34.68 -7.23 -34.26
C ASN D 281 35.95 -7.71 -33.57
N ASN D 282 36.91 -6.80 -33.39
CA ASN D 282 38.24 -7.16 -32.93
C ASN D 282 38.22 -7.62 -31.48
N ILE D 283 37.63 -6.80 -30.63
CA ILE D 283 37.60 -7.09 -29.20
C ILE D 283 36.62 -8.23 -28.87
N PHE D 284 35.39 -8.18 -29.40
CA PHE D 284 34.46 -9.27 -29.14
C PHE D 284 34.99 -10.61 -29.70
N GLY D 285 35.70 -10.54 -30.82
CA GLY D 285 36.26 -11.72 -31.47
C GLY D 285 37.35 -12.33 -30.63
N ASP D 286 38.18 -11.48 -30.06
CA ASP D 286 39.21 -11.92 -29.15
C ASP D 286 38.61 -12.72 -27.99
N ILE D 287 37.57 -12.16 -27.38
CA ILE D 287 36.96 -12.77 -26.20
C ILE D 287 36.20 -14.05 -26.57
N LEU D 288 35.32 -13.94 -27.56
CA LEU D 288 34.47 -15.07 -27.93
C LEU D 288 35.24 -16.24 -28.56
N SER D 289 36.29 -15.97 -29.34
CA SER D 289 37.06 -17.07 -29.92
C SER D 289 37.88 -17.83 -28.86
N ASP D 290 38.39 -17.11 -27.86
CA ASP D 290 39.08 -17.79 -26.76
C ASP D 290 38.09 -18.60 -25.91
N GLU D 291 36.90 -18.05 -25.69
CA GLU D 291 35.92 -18.79 -24.90
C GLU D 291 35.55 -20.08 -25.66
N ALA D 292 35.36 -19.95 -26.97
CA ALA D 292 35.04 -21.11 -27.80
C ALA D 292 36.20 -22.12 -27.80
N SER D 293 37.43 -21.60 -27.78
CA SER D 293 38.61 -22.47 -27.74
C SER D 293 38.65 -23.30 -26.46
N MET D 294 38.35 -22.69 -25.33
CA MET D 294 38.38 -23.43 -24.08
C MET D 294 37.20 -24.39 -23.97
N ILE D 295 36.07 -24.01 -24.57
CA ILE D 295 34.89 -24.88 -24.68
C ILE D 295 35.26 -26.22 -25.32
N THR D 296 36.12 -26.19 -26.34
CA THR D 296 36.52 -27.41 -27.02
C THR D 296 37.37 -28.28 -26.09
N GLY D 297 38.05 -27.63 -25.14
CA GLY D 297 38.78 -28.34 -24.11
C GLY D 297 40.27 -28.50 -24.35
N SER D 298 40.71 -28.28 -25.58
CA SER D 298 42.11 -28.52 -25.92
C SER D 298 42.76 -27.36 -26.68
N ILE D 299 43.21 -26.35 -25.93
CA ILE D 299 43.87 -25.16 -26.48
C ILE D 299 45.08 -25.46 -27.38
N GLY D 300 45.82 -26.50 -27.03
CA GLY D 300 47.04 -26.84 -27.76
C GLY D 300 46.82 -27.51 -29.10
N MET D 301 45.56 -27.62 -29.48
CA MET D 301 45.19 -28.24 -30.76
C MET D 301 44.77 -27.23 -31.82
N LEU D 302 44.55 -25.97 -31.41
CA LEU D 302 43.82 -25.02 -32.27
C LEU D 302 44.66 -24.05 -33.11
N PRO D 303 44.40 -24.05 -34.42
CA PRO D 303 45.14 -23.19 -35.35
C PRO D 303 44.39 -21.90 -35.65
N SER D 304 45.06 -20.98 -36.32
CA SER D 304 44.39 -19.77 -36.81
C SER D 304 45.02 -19.28 -38.09
N ALA D 305 44.25 -18.55 -38.87
CA ALA D 305 44.72 -17.98 -40.13
C ALA D 305 44.31 -16.52 -40.11
N SER D 306 45.18 -15.64 -40.58
CA SER D 306 44.81 -14.23 -40.71
C SER D 306 45.10 -13.87 -42.14
N LEU D 307 44.07 -13.42 -42.86
CA LEU D 307 44.12 -13.28 -44.31
C LEU D 307 43.97 -11.84 -44.76
N SER D 308 44.59 -11.50 -45.88
CA SER D 308 44.48 -10.16 -46.47
C SER D 308 43.87 -10.24 -47.87
N ASP D 309 43.53 -9.10 -48.46
CA ASP D 309 42.95 -9.07 -49.82
C ASP D 309 43.86 -9.75 -50.81
N SER D 310 45.10 -9.30 -50.83
CA SER D 310 46.18 -9.91 -51.58
C SER D 310 47.41 -9.73 -50.71
N GLY D 311 48.37 -10.61 -50.82
CA GLY D 311 49.52 -10.55 -49.93
C GLY D 311 49.52 -11.73 -48.98
N PRO D 312 50.69 -12.02 -48.40
CA PRO D 312 50.83 -13.23 -47.56
C PRO D 312 49.90 -13.21 -46.36
N GLY D 313 49.37 -14.38 -46.02
CA GLY D 313 48.61 -14.53 -44.80
C GLY D 313 49.52 -14.80 -43.62
N LEU D 314 48.98 -14.65 -42.41
CA LEU D 314 49.71 -14.90 -41.16
C LEU D 314 49.09 -16.09 -40.46
N PHE D 315 49.87 -17.13 -40.24
CA PHE D 315 49.34 -18.37 -39.68
C PHE D 315 50.02 -18.70 -38.37
N GLU D 316 49.22 -19.03 -37.36
CA GLU D 316 49.75 -19.18 -36.00
C GLU D 316 48.79 -19.92 -35.07
N PRO D 317 49.36 -20.65 -34.11
CA PRO D 317 48.51 -21.29 -33.11
C PRO D 317 47.89 -20.24 -32.18
N ILE D 318 46.75 -20.55 -31.59
CA ILE D 318 46.12 -19.57 -30.71
C ILE D 318 46.65 -19.62 -29.28
N HIS D 319 47.38 -20.68 -28.91
CA HIS D 319 47.93 -20.77 -27.55
C HIS D 319 49.05 -19.73 -27.36
N GLY D 320 49.44 -19.49 -26.12
CA GLY D 320 50.49 -18.52 -25.84
C GLY D 320 51.88 -19.12 -25.92
N SER D 321 52.87 -18.38 -25.42
CA SER D 321 54.26 -18.80 -25.49
C SER D 321 54.65 -19.83 -24.42
N ALA D 322 53.77 -20.03 -23.43
CA ALA D 322 53.97 -21.01 -22.35
C ALA D 322 55.42 -21.11 -21.86
N PRO D 323 55.99 -20.00 -21.39
CA PRO D 323 57.44 -19.96 -21.14
C PRO D 323 57.91 -20.93 -20.05
N ASP D 324 57.03 -21.29 -19.11
CA ASP D 324 57.37 -22.27 -18.08
C ASP D 324 57.85 -23.60 -18.65
N ILE D 325 57.37 -23.95 -19.85
CA ILE D 325 57.80 -25.20 -20.48
C ILE D 325 58.72 -25.00 -21.67
N ALA D 326 59.23 -23.78 -21.85
CA ALA D 326 60.19 -23.53 -22.91
C ALA D 326 61.41 -24.40 -22.68
N GLY D 327 61.82 -25.15 -23.69
CA GLY D 327 63.00 -25.99 -23.57
C GLY D 327 62.81 -27.32 -22.86
N GLN D 328 61.58 -27.62 -22.44
CA GLN D 328 61.33 -28.82 -21.65
C GLN D 328 60.80 -29.98 -22.49
N ASP D 329 60.69 -29.76 -23.80
CA ASP D 329 60.16 -30.79 -24.70
C ASP D 329 58.78 -31.29 -24.28
N LYS D 330 57.91 -30.37 -23.87
CA LYS D 330 56.58 -30.73 -23.38
C LYS D 330 55.45 -30.10 -24.19
N ALA D 331 55.76 -29.07 -24.97
CA ALA D 331 54.73 -28.36 -25.74
C ALA D 331 53.96 -29.27 -26.69
N ASN D 332 52.69 -28.94 -26.91
CA ASN D 332 51.90 -29.59 -27.95
C ASN D 332 52.17 -28.88 -29.27
N PRO D 333 52.82 -29.57 -30.23
CA PRO D 333 53.12 -28.94 -31.53
C PRO D 333 51.97 -29.05 -32.52
N LEU D 334 50.89 -29.74 -32.18
CA LEU D 334 49.82 -29.98 -33.15
C LEU D 334 49.10 -28.70 -33.61
N ALA D 335 48.95 -27.72 -32.73
CA ALA D 335 48.31 -26.46 -33.12
C ALA D 335 49.10 -25.75 -34.20
N THR D 336 50.43 -25.74 -34.06
CA THR D 336 51.26 -25.08 -35.07
C THR D 336 51.31 -25.90 -36.33
N ILE D 337 51.33 -27.23 -36.19
CA ILE D 337 51.28 -28.10 -37.34
C ILE D 337 49.98 -27.86 -38.13
N LEU D 338 48.87 -27.73 -37.41
CA LEU D 338 47.59 -27.47 -38.08
C LEU D 338 47.53 -26.04 -38.63
N SER D 339 48.33 -25.15 -38.06
CA SER D 339 48.44 -23.81 -38.62
C SER D 339 49.20 -23.85 -39.95
N ALA D 340 50.18 -24.75 -40.07
CA ALA D 340 50.86 -24.93 -41.34
C ALA D 340 49.93 -25.56 -42.36
N ALA D 341 48.99 -26.37 -41.88
CA ALA D 341 47.98 -26.93 -42.76
C ALA D 341 47.06 -25.82 -43.31
N MET D 342 46.66 -24.90 -42.45
CA MET D 342 45.87 -23.74 -42.90
C MET D 342 46.70 -22.88 -43.84
N LEU D 343 47.99 -22.74 -43.52
CA LEU D 343 48.91 -22.02 -44.40
C LEU D 343 48.90 -22.56 -45.82
N LEU D 344 48.97 -23.89 -45.95
CA LEU D 344 48.95 -24.55 -47.25
C LEU D 344 47.63 -24.33 -47.95
N LYS D 345 46.56 -24.43 -47.16
CA LYS D 345 45.20 -24.46 -47.68
C LYS D 345 44.71 -23.07 -48.05
N TYR D 346 44.80 -22.13 -47.10
CA TYR D 346 44.27 -20.78 -47.32
C TYR D 346 45.32 -19.85 -47.94
N GLY D 347 46.59 -20.09 -47.64
CA GLY D 347 47.63 -19.18 -48.10
C GLY D 347 48.20 -19.56 -49.47
N LEU D 348 48.38 -20.85 -49.72
CA LEU D 348 49.05 -21.30 -50.93
C LEU D 348 48.16 -22.07 -51.90
N GLY D 349 46.91 -22.30 -51.50
CA GLY D 349 45.97 -23.04 -52.34
C GLY D 349 46.39 -24.47 -52.57
N GLU D 350 47.12 -25.03 -51.60
CA GLU D 350 47.64 -26.39 -51.72
C GLU D 350 46.82 -27.34 -50.85
N GLU D 351 45.60 -27.61 -51.29
CA GLU D 351 44.63 -28.38 -50.51
C GLU D 351 45.08 -29.80 -50.18
N LYS D 352 45.66 -30.49 -51.17
CA LYS D 352 46.10 -31.88 -50.98
C LYS D 352 47.19 -32.00 -49.94
N ALA D 353 48.17 -31.08 -49.99
CA ALA D 353 49.25 -31.09 -49.01
C ALA D 353 48.70 -30.83 -47.62
N ALA D 354 47.73 -29.91 -47.54
CA ALA D 354 47.08 -29.61 -46.26
C ALA D 354 46.37 -30.84 -45.70
N LYS D 355 45.67 -31.56 -46.57
CA LYS D 355 44.95 -32.76 -46.15
C LYS D 355 45.91 -33.84 -45.63
N ARG D 356 47.08 -33.95 -46.26
CA ARG D 356 48.12 -34.85 -45.77
C ARG D 356 48.45 -34.58 -44.31
N ILE D 357 48.61 -33.30 -43.99
CA ILE D 357 48.93 -32.91 -42.62
C ILE D 357 47.80 -33.22 -41.65
N GLU D 358 46.58 -32.82 -42.01
CA GLU D 358 45.41 -33.11 -41.18
C GLU D 358 45.27 -34.62 -40.96
N ASP D 359 45.39 -35.40 -42.02
CA ASP D 359 45.34 -36.86 -41.90
C ASP D 359 46.41 -37.39 -40.93
N ALA D 360 47.62 -36.83 -40.99
CA ALA D 360 48.72 -37.37 -40.18
C ALA D 360 48.55 -37.03 -38.70
N VAL D 361 47.94 -35.89 -38.42
CA VAL D 361 47.60 -35.50 -37.05
C VAL D 361 46.57 -36.48 -36.50
N LEU D 362 45.59 -36.84 -37.32
CA LEU D 362 44.57 -37.79 -36.89
C LEU D 362 45.14 -39.19 -36.64
N VAL D 363 46.07 -39.63 -37.49
CA VAL D 363 46.73 -40.92 -37.30
C VAL D 363 47.46 -40.97 -35.95
N ALA D 364 48.21 -39.91 -35.67
CA ALA D 364 48.95 -39.80 -34.43
C ALA D 364 48.01 -39.87 -33.23
N LEU D 365 46.90 -39.16 -33.31
CA LEU D 365 45.88 -39.23 -32.25
C LEU D 365 45.25 -40.61 -32.19
N ASN D 366 44.93 -41.18 -33.35
CA ASN D 366 44.29 -42.50 -33.36
C ASN D 366 45.22 -43.58 -32.87
N ASN D 367 46.53 -43.30 -32.93
CA ASN D 367 47.53 -44.23 -32.43
C ASN D 367 47.79 -44.06 -30.94
N GLY D 368 47.08 -43.12 -30.32
CA GLY D 368 47.09 -42.98 -28.87
C GLY D 368 48.07 -41.97 -28.31
N PHE D 369 48.78 -41.28 -29.19
CA PHE D 369 49.80 -40.32 -28.77
C PHE D 369 49.19 -39.05 -28.22
N ARG D 370 49.68 -38.60 -27.07
CA ARG D 370 49.22 -37.36 -26.44
C ARG D 370 50.39 -36.64 -25.79
N THR D 371 50.52 -35.34 -26.04
CA THR D 371 51.38 -34.52 -25.19
C THR D 371 50.63 -34.29 -23.88
N GLY D 372 51.31 -33.74 -22.88
CA GLY D 372 50.74 -33.67 -21.53
C GLY D 372 49.42 -32.93 -21.41
N ASP D 373 49.21 -31.92 -22.25
CA ASP D 373 48.02 -31.07 -22.16
C ASP D 373 46.75 -31.77 -22.69
N ILE D 374 46.94 -32.83 -23.46
CA ILE D 374 45.80 -33.59 -23.97
C ILE D 374 45.83 -35.03 -23.50
N TYR D 375 46.58 -35.29 -22.43
CA TYR D 375 46.77 -36.65 -21.94
C TYR D 375 45.59 -37.15 -21.15
N SER D 376 45.21 -38.40 -21.37
CA SER D 376 44.24 -39.07 -20.51
C SER D 376 44.73 -40.48 -20.24
N ALA D 377 44.25 -41.10 -19.17
CA ALA D 377 44.60 -42.48 -18.86
C ALA D 377 44.37 -43.35 -20.08
N GLY D 378 45.24 -44.35 -20.27
CA GLY D 378 45.07 -45.24 -21.40
C GLY D 378 45.62 -44.70 -22.71
N THR D 379 46.29 -43.55 -22.66
CA THR D 379 46.98 -43.02 -23.84
C THR D 379 48.50 -43.00 -23.68
N LYS D 380 49.21 -42.75 -24.78
CA LYS D 380 50.67 -42.75 -24.76
C LYS D 380 51.22 -41.33 -24.56
N LEU D 381 51.68 -41.05 -23.36
CA LEU D 381 52.21 -39.72 -23.05
C LEU D 381 53.56 -39.54 -23.72
N VAL D 382 53.65 -38.55 -24.59
CA VAL D 382 54.92 -38.25 -25.29
C VAL D 382 55.31 -36.78 -25.18
N GLY D 383 56.56 -36.49 -25.51
CA GLY D 383 57.04 -35.12 -25.53
C GLY D 383 56.76 -34.45 -26.86
N CYS D 384 57.17 -33.20 -26.98
CA CYS D 384 56.94 -32.40 -28.17
C CYS D 384 57.56 -33.01 -29.42
N LYS D 385 58.84 -33.36 -29.35
CA LYS D 385 59.54 -33.87 -30.52
C LYS D 385 58.99 -35.23 -30.96
N GLU D 386 58.68 -36.08 -30.00
CA GLU D 386 58.15 -37.40 -30.32
C GLU D 386 56.79 -37.28 -31.01
N MET D 387 55.94 -36.39 -30.49
CA MET D 387 54.66 -36.13 -31.15
C MET D 387 54.92 -35.72 -32.61
N GLY D 388 55.82 -34.76 -32.80
CA GLY D 388 56.17 -34.31 -34.14
C GLY D 388 56.66 -35.43 -35.07
N GLU D 389 57.49 -36.32 -34.55
CA GLU D 389 58.01 -37.41 -35.35
C GLU D 389 56.89 -38.38 -35.73
N GLU D 390 55.89 -38.49 -34.85
CA GLU D 390 54.74 -39.34 -35.13
C GLU D 390 53.90 -38.79 -36.26
N VAL D 391 53.71 -37.47 -36.26
CA VAL D 391 52.99 -36.83 -37.37
C VAL D 391 53.79 -36.99 -38.66
N LEU D 392 55.09 -36.69 -38.58
CA LEU D 392 56.00 -36.83 -39.73
C LEU D 392 55.95 -38.22 -40.36
N LYS D 393 56.01 -39.24 -39.52
CA LYS D 393 55.95 -40.62 -39.98
C LYS D 393 54.62 -40.96 -40.66
N SER D 394 53.58 -40.21 -40.33
CA SER D 394 52.23 -40.47 -40.85
C SER D 394 51.85 -39.63 -42.07
N VAL D 395 52.80 -38.87 -42.60
CA VAL D 395 52.53 -37.97 -43.71
C VAL D 395 52.46 -38.68 -45.08
#